data_1ZY3
#
_entry.id   1ZY3
#
loop_
_entity.id
_entity.type
_entity.pdbx_description
1 polymer 'Apoptosis regulator Bcl-W'
2 polymer 'BH3-peptide from BH3 interacting domain death agonist protein'
#
loop_
_entity_poly.entity_id
_entity_poly.type
_entity_poly.pdbx_seq_one_letter_code
_entity_poly.pdbx_strand_id
1 'polypeptide(L)'
;ATPASAPDTRALVADFVGYKLRQKGYVCGAGPGEGPAADPLHQAMRAAGDEFETRFRRTFSDLAAQLHVTPGSAQQRFTQ
VSDELFQGGPNWGRLVAFFVFGAALCAESVNKEMEVLVGQVQEWMVAYLETRLADWIHSSGGWAEFTALYGDGALEEARR
LREGNWASVRLEHHHHHH
;
A
2 'polypeptide(L)' IIKNIARHLAQVGDSMDRSI B
#
# COMPACT_ATOMS: atom_id res chain seq x y z
N ALA A 1 -6.50 -10.51 -29.32
CA ALA A 1 -5.31 -10.47 -28.46
C ALA A 1 -5.71 -10.46 -26.99
N THR A 2 -5.59 -11.61 -26.35
CA THR A 2 -5.95 -11.73 -24.94
C THR A 2 -4.80 -12.33 -24.13
N PRO A 3 -3.92 -11.46 -23.59
CA PRO A 3 -2.78 -11.91 -22.79
C PRO A 3 -3.24 -12.48 -21.44
N ALA A 4 -2.72 -13.65 -21.09
CA ALA A 4 -3.08 -14.30 -19.84
C ALA A 4 -1.97 -14.16 -18.80
N SER A 5 -2.35 -14.19 -17.54
CA SER A 5 -1.38 -14.06 -16.46
C SER A 5 -0.75 -15.42 -16.15
N ALA A 6 0.55 -15.52 -16.36
CA ALA A 6 1.27 -16.76 -16.11
C ALA A 6 1.35 -17.06 -14.61
N PRO A 7 1.90 -16.13 -13.79
CA PRO A 7 2.00 -16.34 -12.35
C PRO A 7 0.79 -15.79 -11.58
N ASP A 8 0.45 -16.47 -10.49
CA ASP A 8 -0.67 -16.05 -9.65
C ASP A 8 -0.24 -14.87 -8.78
N THR A 9 -1.20 -14.00 -8.48
CA THR A 9 -0.94 -12.80 -7.68
C THR A 9 -0.26 -13.12 -6.35
N ARG A 10 -0.59 -14.24 -5.73
CA ARG A 10 0.00 -14.61 -4.44
C ARG A 10 1.51 -14.82 -4.59
N ALA A 11 1.92 -15.32 -5.75
CA ALA A 11 3.33 -15.56 -6.02
C ALA A 11 4.09 -14.23 -6.07
N LEU A 12 3.43 -13.22 -6.64
CA LEU A 12 4.03 -11.90 -6.74
C LEU A 12 4.14 -11.28 -5.36
N VAL A 13 3.10 -11.49 -4.53
CA VAL A 13 3.10 -10.98 -3.17
C VAL A 13 4.24 -11.61 -2.39
N ALA A 14 4.42 -12.92 -2.57
CA ALA A 14 5.49 -13.65 -1.90
C ALA A 14 6.84 -13.13 -2.35
N ASP A 15 6.95 -12.80 -3.63
CA ASP A 15 8.19 -12.27 -4.19
C ASP A 15 8.49 -10.90 -3.60
N PHE A 16 7.44 -10.10 -3.42
CA PHE A 16 7.58 -8.76 -2.86
C PHE A 16 7.99 -8.84 -1.40
N VAL A 17 7.27 -9.66 -0.62
CA VAL A 17 7.58 -9.83 0.79
C VAL A 17 8.97 -10.43 0.95
N GLY A 18 9.26 -11.44 0.13
CA GLY A 18 10.56 -12.06 0.15
C GLY A 18 11.66 -11.10 -0.22
N TYR A 19 11.39 -10.26 -1.21
CA TYR A 19 12.36 -9.27 -1.65
C TYR A 19 12.64 -8.28 -0.53
N LYS A 20 11.60 -7.78 0.10
CA LYS A 20 11.76 -6.83 1.20
C LYS A 20 12.55 -7.47 2.34
N LEU A 21 12.31 -8.75 2.57
CA LEU A 21 13.00 -9.49 3.62
C LEU A 21 14.48 -9.65 3.25
N ARG A 22 14.76 -9.78 1.96
CA ARG A 22 16.13 -9.93 1.48
C ARG A 22 16.84 -8.57 1.42
N GLN A 23 16.07 -7.53 1.11
CA GLN A 23 16.59 -6.17 0.99
C GLN A 23 17.23 -5.67 2.28
N LYS A 24 16.82 -6.24 3.41
CA LYS A 24 17.37 -5.83 4.69
C LYS A 24 18.49 -6.76 5.14
N GLY A 25 19.10 -7.44 4.19
CA GLY A 25 20.19 -8.34 4.50
C GLY A 25 21.18 -8.48 3.38
N TYR A 26 20.68 -8.85 2.20
CA TYR A 26 21.52 -9.01 1.03
C TYR A 26 20.71 -8.71 -0.22
N VAL A 27 21.05 -7.61 -0.89
CA VAL A 27 20.35 -7.22 -2.10
C VAL A 27 20.60 -8.23 -3.21
N CYS A 28 19.55 -8.94 -3.59
CA CYS A 28 19.65 -9.94 -4.63
C CYS A 28 18.72 -9.60 -5.78
N GLY A 29 19.28 -9.54 -6.99
CA GLY A 29 18.49 -9.22 -8.15
C GLY A 29 19.26 -8.36 -9.13
N ALA A 30 18.65 -7.27 -9.57
CA ALA A 30 19.28 -6.37 -10.51
C ALA A 30 18.71 -4.98 -10.37
N GLY A 31 19.21 -4.05 -11.17
CA GLY A 31 18.73 -2.68 -11.12
C GLY A 31 18.01 -2.30 -12.40
N PRO A 32 16.67 -2.39 -12.43
CA PRO A 32 15.87 -2.04 -13.62
C PRO A 32 15.90 -0.55 -13.91
N GLY A 33 16.51 -0.19 -15.03
CA GLY A 33 16.59 1.22 -15.40
C GLY A 33 16.02 1.45 -16.78
N GLU A 34 16.89 1.75 -17.73
CA GLU A 34 16.48 2.00 -19.12
C GLU A 34 16.16 0.69 -19.83
N GLY A 35 14.89 0.43 -20.04
CA GLY A 35 14.47 -0.78 -20.72
C GLY A 35 13.02 -1.13 -20.39
N PRO A 36 12.06 -0.47 -21.05
CA PRO A 36 10.63 -0.69 -20.82
C PRO A 36 10.24 -2.15 -20.93
N ALA A 37 9.65 -2.69 -19.86
CA ALA A 37 9.25 -4.08 -19.84
C ALA A 37 7.72 -4.19 -19.85
N ALA A 38 7.22 -5.39 -20.09
CA ALA A 38 5.78 -5.62 -20.14
C ALA A 38 5.26 -6.06 -18.78
N ASP A 39 6.04 -5.80 -17.74
CA ASP A 39 5.66 -6.17 -16.38
C ASP A 39 5.61 -4.94 -15.48
N PRO A 40 4.45 -4.27 -15.43
CA PRO A 40 4.26 -3.11 -14.59
C PRO A 40 3.77 -3.50 -13.20
N LEU A 41 3.46 -4.80 -13.06
CA LEU A 41 2.96 -5.34 -11.81
C LEU A 41 4.02 -5.29 -10.72
N HIS A 42 5.20 -5.84 -11.01
CA HIS A 42 6.29 -5.85 -10.04
C HIS A 42 6.71 -4.43 -9.70
N GLN A 43 6.71 -3.56 -10.71
CA GLN A 43 7.07 -2.17 -10.52
C GLN A 43 6.02 -1.46 -9.66
N ALA A 44 4.75 -1.78 -9.91
CA ALA A 44 3.65 -1.19 -9.17
C ALA A 44 3.70 -1.63 -7.71
N MET A 45 3.97 -2.91 -7.49
CA MET A 45 4.06 -3.46 -6.14
C MET A 45 5.20 -2.78 -5.38
N ARG A 46 6.32 -2.58 -6.05
CA ARG A 46 7.46 -1.92 -5.46
C ARG A 46 7.09 -0.50 -5.06
N ALA A 47 6.51 0.22 -6.01
CA ALA A 47 6.09 1.60 -5.80
C ALA A 47 5.03 1.72 -4.70
N ALA A 48 4.14 0.74 -4.64
CA ALA A 48 3.07 0.73 -3.63
C ALA A 48 3.63 0.89 -2.22
N GLY A 49 4.82 0.36 -1.99
CA GLY A 49 5.44 0.46 -0.68
C GLY A 49 6.77 1.16 -0.75
N ASP A 50 6.89 2.15 -1.64
CA ASP A 50 8.14 2.88 -1.82
C ASP A 50 7.90 4.32 -2.29
N GLU A 51 6.85 4.51 -3.09
CA GLU A 51 6.50 5.83 -3.63
C GLU A 51 6.19 6.83 -2.53
N PHE A 52 5.05 6.66 -1.88
CA PHE A 52 4.62 7.55 -0.81
C PHE A 52 5.65 7.64 0.31
N GLU A 53 6.31 6.52 0.59
CA GLU A 53 7.31 6.47 1.65
C GLU A 53 8.50 7.38 1.35
N THR A 54 8.95 7.38 0.10
CA THR A 54 10.09 8.20 -0.28
C THR A 54 9.76 9.69 -0.27
N ARG A 55 8.48 10.02 -0.33
CA ARG A 55 8.06 11.42 -0.31
C ARG A 55 7.45 11.78 1.04
N PHE A 56 7.44 10.80 1.93
CA PHE A 56 6.90 10.98 3.27
C PHE A 56 8.05 11.27 4.25
N ARG A 57 8.65 10.20 4.75
CA ARG A 57 9.74 10.26 5.72
C ARG A 57 10.09 8.85 6.15
N ARG A 58 9.18 8.30 6.94
CA ARG A 58 9.30 6.95 7.45
C ARG A 58 7.91 6.47 7.88
N THR A 59 7.01 6.42 6.91
CA THR A 59 5.63 6.03 7.12
C THR A 59 5.53 4.71 7.88
N PHE A 60 6.48 3.81 7.65
CA PHE A 60 6.52 2.51 8.32
C PHE A 60 6.52 2.66 9.84
N SER A 61 6.96 3.82 10.33
CA SER A 61 7.00 4.09 11.75
C SER A 61 6.18 5.31 12.12
N ASP A 62 6.24 6.35 11.29
CA ASP A 62 5.52 7.60 11.55
C ASP A 62 4.01 7.39 11.58
N LEU A 63 3.48 6.73 10.55
CA LEU A 63 2.04 6.50 10.46
C LEU A 63 1.56 5.70 11.66
N ALA A 64 2.40 4.80 12.15
CA ALA A 64 2.05 3.97 13.29
C ALA A 64 2.24 4.74 14.60
N ALA A 65 3.01 5.83 14.54
CA ALA A 65 3.27 6.65 15.72
C ALA A 65 2.24 7.74 15.87
N GLN A 66 1.95 8.46 14.79
CA GLN A 66 0.99 9.55 14.82
C GLN A 66 -0.42 9.04 15.12
N LEU A 67 -0.64 7.75 14.90
CA LEU A 67 -1.94 7.15 15.18
C LEU A 67 -1.86 6.23 16.40
N HIS A 68 -0.77 6.34 17.15
CA HIS A 68 -0.57 5.51 18.33
C HIS A 68 -1.04 6.25 19.59
N VAL A 69 -1.71 7.37 19.40
CA VAL A 69 -2.21 8.15 20.52
C VAL A 69 -3.48 7.52 21.08
N THR A 70 -4.35 7.08 20.18
CA THR A 70 -5.59 6.44 20.58
C THR A 70 -5.37 4.95 20.78
N PRO A 71 -5.87 4.40 21.90
CA PRO A 71 -5.72 2.97 22.23
C PRO A 71 -6.17 2.06 21.09
N GLY A 72 -5.21 1.41 20.45
CA GLY A 72 -5.52 0.51 19.36
C GLY A 72 -5.60 -0.94 19.79
N SER A 73 -5.21 -1.84 18.89
CA SER A 73 -5.23 -3.27 19.16
C SER A 73 -4.15 -3.97 18.35
N ALA A 74 -4.29 -5.28 18.15
CA ALA A 74 -3.30 -6.04 17.40
C ALA A 74 -3.49 -5.89 15.89
N GLN A 75 -2.98 -6.87 15.13
CA GLN A 75 -3.06 -6.87 13.67
C GLN A 75 -4.51 -6.71 13.19
N GLN A 76 -5.44 -7.23 13.98
CA GLN A 76 -6.87 -7.17 13.65
C GLN A 76 -7.37 -5.73 13.63
N ARG A 77 -6.56 -4.80 14.10
CA ARG A 77 -6.92 -3.40 14.12
C ARG A 77 -6.09 -2.60 13.12
N PHE A 78 -4.91 -3.11 12.79
CA PHE A 78 -4.01 -2.44 11.85
C PHE A 78 -4.61 -2.40 10.45
N THR A 79 -4.85 -3.57 9.88
CA THR A 79 -5.41 -3.65 8.53
C THR A 79 -6.87 -3.18 8.53
N GLN A 80 -7.49 -3.20 9.71
CA GLN A 80 -8.88 -2.78 9.85
C GLN A 80 -9.00 -1.26 9.80
N VAL A 81 -7.93 -0.55 10.15
CA VAL A 81 -7.98 0.91 10.13
C VAL A 81 -7.93 1.41 8.69
N SER A 82 -7.38 0.60 7.80
CA SER A 82 -7.30 0.95 6.40
C SER A 82 -8.66 0.72 5.73
N ASP A 83 -9.32 -0.37 6.11
CA ASP A 83 -10.64 -0.70 5.58
C ASP A 83 -11.69 0.26 6.13
N GLU A 84 -11.43 0.76 7.33
CA GLU A 84 -12.33 1.71 8.00
C GLU A 84 -12.61 2.90 7.10
N LEU A 85 -11.56 3.47 6.53
CA LEU A 85 -11.70 4.63 5.66
C LEU A 85 -12.09 4.19 4.25
N PHE A 86 -11.80 2.93 3.92
CA PHE A 86 -12.14 2.39 2.62
C PHE A 86 -13.65 2.39 2.44
N GLN A 87 -14.35 2.21 3.55
CA GLN A 87 -15.80 2.17 3.58
C GLN A 87 -16.39 3.53 3.18
N GLY A 88 -15.62 4.59 3.36
CA GLY A 88 -16.09 5.92 3.01
C GLY A 88 -15.05 6.73 2.28
N GLY A 89 -14.39 6.12 1.30
CA GLY A 89 -13.39 6.82 0.54
C GLY A 89 -12.34 5.88 -0.03
N PRO A 90 -12.68 5.12 -1.09
CA PRO A 90 -11.75 4.17 -1.72
C PRO A 90 -10.75 4.89 -2.63
N ASN A 91 -10.07 5.88 -2.08
CA ASN A 91 -9.09 6.65 -2.82
C ASN A 91 -7.83 5.81 -3.07
N TRP A 92 -7.01 6.26 -4.01
CA TRP A 92 -5.77 5.56 -4.36
C TRP A 92 -4.91 5.30 -3.11
N GLY A 93 -4.86 6.30 -2.23
CA GLY A 93 -4.07 6.18 -1.03
C GLY A 93 -4.60 5.10 -0.09
N ARG A 94 -5.88 4.80 -0.20
CA ARG A 94 -6.50 3.77 0.65
C ARG A 94 -6.07 2.40 0.18
N LEU A 95 -6.03 2.24 -1.14
CA LEU A 95 -5.63 0.97 -1.75
C LEU A 95 -4.16 0.70 -1.41
N VAL A 96 -3.36 1.75 -1.49
CA VAL A 96 -1.94 1.66 -1.18
C VAL A 96 -1.74 1.35 0.30
N ALA A 97 -2.46 2.06 1.16
CA ALA A 97 -2.36 1.87 2.60
C ALA A 97 -2.78 0.46 3.00
N PHE A 98 -3.83 -0.04 2.39
CA PHE A 98 -4.33 -1.39 2.68
C PHE A 98 -3.27 -2.43 2.32
N PHE A 99 -2.62 -2.23 1.18
CA PHE A 99 -1.61 -3.15 0.71
C PHE A 99 -0.33 -3.06 1.54
N VAL A 100 0.16 -1.84 1.76
CA VAL A 100 1.37 -1.64 2.54
C VAL A 100 1.22 -2.09 3.99
N PHE A 101 0.03 -1.88 4.57
CA PHE A 101 -0.23 -2.29 5.94
C PHE A 101 -0.10 -3.80 6.08
N GLY A 102 -0.77 -4.51 5.18
CA GLY A 102 -0.73 -5.96 5.21
C GLY A 102 0.66 -6.49 4.90
N ALA A 103 1.27 -5.95 3.84
CA ALA A 103 2.61 -6.37 3.42
C ALA A 103 3.64 -6.18 4.53
N ALA A 104 3.61 -5.01 5.17
CA ALA A 104 4.56 -4.70 6.24
C ALA A 104 4.38 -5.65 7.42
N LEU A 105 3.14 -5.83 7.84
CA LEU A 105 2.84 -6.71 8.97
C LEU A 105 3.16 -8.16 8.64
N CYS A 106 2.84 -8.58 7.41
CA CYS A 106 3.11 -9.94 6.98
C CYS A 106 4.62 -10.19 6.94
N ALA A 107 5.36 -9.26 6.34
CA ALA A 107 6.82 -9.38 6.25
C ALA A 107 7.43 -9.49 7.63
N GLU A 108 6.88 -8.73 8.57
CA GLU A 108 7.35 -8.74 9.94
C GLU A 108 7.01 -10.07 10.61
N SER A 109 5.78 -10.52 10.43
CA SER A 109 5.31 -11.77 11.00
C SER A 109 6.09 -12.96 10.44
N VAL A 110 6.49 -12.88 9.17
CA VAL A 110 7.26 -13.94 8.55
C VAL A 110 8.60 -14.09 9.24
N ASN A 111 9.21 -12.97 9.59
CA ASN A 111 10.49 -12.97 10.27
C ASN A 111 10.33 -13.41 11.72
N LYS A 112 9.15 -13.16 12.26
CA LYS A 112 8.82 -13.52 13.64
C LYS A 112 8.31 -14.96 13.70
N GLU A 113 8.43 -15.69 12.58
CA GLU A 113 7.98 -17.06 12.47
C GLU A 113 6.51 -17.18 12.88
N MET A 114 5.69 -16.30 12.31
CA MET A 114 4.27 -16.28 12.59
C MET A 114 3.48 -16.43 11.29
N GLU A 115 3.78 -17.48 10.55
CA GLU A 115 3.10 -17.77 9.29
C GLU A 115 1.62 -17.99 9.56
N VAL A 116 1.31 -18.45 10.76
CA VAL A 116 -0.07 -18.69 11.17
C VAL A 116 -0.90 -17.41 11.02
N LEU A 117 -0.33 -16.30 11.49
CA LEU A 117 -1.00 -15.01 11.40
C LEU A 117 -1.02 -14.51 9.97
N VAL A 118 0.10 -14.69 9.27
CA VAL A 118 0.23 -14.26 7.87
C VAL A 118 -0.88 -14.89 7.03
N GLY A 119 -1.09 -16.19 7.21
CA GLY A 119 -2.12 -16.89 6.47
C GLY A 119 -3.50 -16.33 6.76
N GLN A 120 -3.72 -15.91 7.99
CA GLN A 120 -5.00 -15.33 8.40
C GLN A 120 -5.19 -13.97 7.74
N VAL A 121 -4.14 -13.15 7.78
CA VAL A 121 -4.18 -11.83 7.19
C VAL A 121 -4.45 -11.90 5.69
N GLN A 122 -3.69 -12.76 5.00
CA GLN A 122 -3.86 -12.94 3.57
C GLN A 122 -5.26 -13.45 3.24
N GLU A 123 -5.74 -14.38 4.06
CA GLU A 123 -7.07 -14.96 3.87
C GLU A 123 -8.13 -13.87 3.95
N TRP A 124 -7.99 -13.01 4.95
CA TRP A 124 -8.92 -11.91 5.16
C TRP A 124 -8.84 -10.90 4.03
N MET A 125 -7.61 -10.61 3.59
CA MET A 125 -7.40 -9.66 2.50
C MET A 125 -8.09 -10.12 1.22
N VAL A 126 -7.84 -11.37 0.84
CA VAL A 126 -8.44 -11.94 -0.35
C VAL A 126 -9.96 -11.93 -0.24
N ALA A 127 -10.47 -12.33 0.92
CA ALA A 127 -11.90 -12.36 1.16
C ALA A 127 -12.51 -10.97 1.02
N TYR A 128 -11.90 -10.00 1.66
CA TYR A 128 -12.39 -8.62 1.62
C TYR A 128 -12.37 -8.08 0.17
N LEU A 129 -11.29 -8.35 -0.54
CA LEU A 129 -11.14 -7.89 -1.92
C LEU A 129 -12.18 -8.51 -2.84
N GLU A 130 -12.65 -9.70 -2.51
CA GLU A 130 -13.63 -10.38 -3.34
C GLU A 130 -15.04 -10.28 -2.76
N THR A 131 -15.19 -9.47 -1.70
CA THR A 131 -16.49 -9.30 -1.07
C THR A 131 -16.94 -7.85 -1.09
N ARG A 132 -16.27 -7.01 -0.30
CA ARG A 132 -16.64 -5.61 -0.21
C ARG A 132 -15.97 -4.78 -1.31
N LEU A 133 -14.72 -5.08 -1.62
CA LEU A 133 -14.00 -4.34 -2.64
C LEU A 133 -14.08 -5.00 -4.01
N ALA A 134 -14.97 -5.98 -4.14
CA ALA A 134 -15.14 -6.70 -5.40
C ALA A 134 -15.53 -5.76 -6.53
N ASP A 135 -16.58 -4.98 -6.31
CA ASP A 135 -17.07 -4.03 -7.30
C ASP A 135 -16.01 -2.97 -7.62
N TRP A 136 -15.31 -2.53 -6.58
CA TRP A 136 -14.26 -1.53 -6.74
C TRP A 136 -13.14 -2.05 -7.62
N ILE A 137 -12.66 -3.25 -7.33
CA ILE A 137 -11.60 -3.87 -8.11
C ILE A 137 -12.07 -4.06 -9.55
N HIS A 138 -13.33 -4.41 -9.71
CA HIS A 138 -13.92 -4.62 -11.03
C HIS A 138 -13.98 -3.31 -11.81
N SER A 139 -14.16 -2.20 -11.10
CA SER A 139 -14.23 -0.89 -11.73
C SER A 139 -12.84 -0.39 -12.11
N SER A 140 -11.88 -0.67 -11.24
CA SER A 140 -10.50 -0.25 -11.46
C SER A 140 -9.78 -1.23 -12.39
N GLY A 141 -10.45 -2.33 -12.73
CA GLY A 141 -9.87 -3.33 -13.59
C GLY A 141 -8.65 -3.97 -12.96
N GLY A 142 -8.77 -4.24 -11.66
CA GLY A 142 -7.67 -4.82 -10.92
C GLY A 142 -6.68 -3.75 -10.53
N TRP A 143 -5.58 -3.66 -11.27
CA TRP A 143 -4.56 -2.66 -11.02
C TRP A 143 -4.39 -1.79 -12.26
N ALA A 144 -5.36 -1.90 -13.16
CA ALA A 144 -5.35 -1.15 -14.41
C ALA A 144 -5.16 0.34 -14.19
N GLU A 145 -6.12 0.99 -13.54
CA GLU A 145 -6.03 2.43 -13.29
C GLU A 145 -4.91 2.76 -12.33
N PHE A 146 -4.52 1.78 -11.52
CA PHE A 146 -3.44 1.96 -10.54
C PHE A 146 -2.13 2.28 -11.25
N THR A 147 -1.93 1.67 -12.41
CA THR A 147 -0.72 1.90 -13.20
C THR A 147 -0.58 3.37 -13.59
N ALA A 148 -1.70 4.05 -13.76
CA ALA A 148 -1.70 5.45 -14.12
C ALA A 148 -1.71 6.35 -12.89
N LEU A 149 -1.98 5.74 -11.73
CA LEU A 149 -2.04 6.48 -10.48
C LEU A 149 -0.64 6.73 -9.91
N TYR A 150 0.26 5.76 -10.09
CA TYR A 150 1.62 5.92 -9.59
C TYR A 150 2.58 6.37 -10.69
N GLY A 151 2.00 6.87 -11.78
CA GLY A 151 2.81 7.34 -12.91
C GLY A 151 3.69 8.51 -12.50
N ASP A 152 3.10 9.48 -11.83
CA ASP A 152 3.83 10.65 -11.37
C ASP A 152 3.77 10.72 -9.84
N GLY A 153 4.26 11.82 -9.28
CA GLY A 153 4.26 11.97 -7.83
C GLY A 153 4.12 13.42 -7.42
N ALA A 154 4.69 14.32 -8.22
CA ALA A 154 4.63 15.74 -7.92
C ALA A 154 3.49 16.41 -8.67
N LEU A 155 2.95 15.70 -9.65
CA LEU A 155 1.85 16.20 -10.45
C LEU A 155 0.52 16.05 -9.72
N GLU A 156 0.04 17.13 -9.15
CA GLU A 156 -1.23 17.14 -8.43
C GLU A 156 -1.71 18.57 -8.24
N GLU A 157 -2.96 18.82 -8.58
CA GLU A 157 -3.54 20.15 -8.45
C GLU A 157 -4.87 20.08 -7.70
N ALA A 158 -4.92 19.23 -6.69
CA ALA A 158 -6.11 19.08 -5.88
C ALA A 158 -5.96 19.82 -4.56
N ARG A 159 -4.89 19.53 -3.85
CA ARG A 159 -4.64 20.17 -2.56
C ARG A 159 -3.14 20.35 -2.34
N ARG A 160 -2.35 20.07 -3.37
CA ARG A 160 -0.90 20.19 -3.29
C ARG A 160 -0.49 21.60 -2.82
N LEU A 161 0.56 21.66 -2.01
CA LEU A 161 1.06 22.92 -1.47
C LEU A 161 1.33 23.95 -2.56
N ARG A 162 0.79 25.13 -2.38
CA ARG A 162 0.98 26.23 -3.31
C ARG A 162 2.23 26.99 -2.88
N GLU A 163 3.32 26.81 -3.60
CA GLU A 163 4.57 27.47 -3.27
C GLU A 163 5.28 28.01 -4.51
N GLY A 164 6.29 28.84 -4.27
CA GLY A 164 7.08 29.40 -5.34
C GLY A 164 6.28 30.21 -6.33
N ASN A 165 6.10 29.65 -7.52
CA ASN A 165 5.35 30.31 -8.60
C ASN A 165 3.93 30.65 -8.19
N TRP A 166 3.24 29.69 -7.59
CA TRP A 166 1.87 29.88 -7.16
C TRP A 166 1.75 30.90 -6.03
N ALA A 167 1.98 30.45 -4.81
CA ALA A 167 1.90 31.33 -3.65
C ALA A 167 3.29 31.57 -3.08
N SER A 168 3.80 32.76 -3.33
CA SER A 168 5.12 33.14 -2.84
C SER A 168 5.01 33.82 -1.49
N VAL A 169 3.93 34.56 -1.29
CA VAL A 169 3.70 35.26 -0.05
C VAL A 169 2.57 34.61 0.74
N ARG A 170 2.66 34.63 2.06
CA ARG A 170 1.66 34.03 2.91
C ARG A 170 1.62 34.73 4.26
N ILE B 1 -15.07 1.63 13.89
CA ILE B 1 -14.22 1.61 15.11
C ILE B 1 -13.65 3.00 15.38
N ILE B 2 -12.78 3.46 14.49
CA ILE B 2 -12.15 4.77 14.63
C ILE B 2 -11.96 5.42 13.27
N LYS B 3 -13.05 5.93 12.71
CA LYS B 3 -13.00 6.58 11.41
C LYS B 3 -12.15 7.85 11.45
N ASN B 4 -12.16 8.53 12.59
CA ASN B 4 -11.37 9.75 12.75
C ASN B 4 -9.88 9.42 12.61
N ILE B 5 -9.48 8.31 13.20
CA ILE B 5 -8.09 7.86 13.13
C ILE B 5 -7.76 7.41 11.71
N ALA B 6 -8.68 6.68 11.11
CA ALA B 6 -8.52 6.20 9.74
C ALA B 6 -8.41 7.37 8.78
N ARG B 7 -9.18 8.41 9.04
CA ARG B 7 -9.17 9.60 8.21
C ARG B 7 -7.83 10.31 8.32
N HIS B 8 -7.24 10.26 9.51
CA HIS B 8 -5.95 10.90 9.75
C HIS B 8 -4.90 10.32 8.83
N LEU B 9 -4.71 9.01 8.88
CA LEU B 9 -3.72 8.34 8.04
C LEU B 9 -4.09 8.50 6.57
N ALA B 10 -5.39 8.52 6.29
CA ALA B 10 -5.88 8.67 4.94
C ALA B 10 -5.49 10.01 4.33
N GLN B 11 -5.92 11.10 4.97
CA GLN B 11 -5.63 12.45 4.48
C GLN B 11 -4.14 12.75 4.49
N VAL B 12 -3.45 12.35 5.55
CA VAL B 12 -2.01 12.58 5.67
C VAL B 12 -1.26 11.81 4.57
N GLY B 13 -1.67 10.56 4.35
CA GLY B 13 -1.02 9.74 3.34
C GLY B 13 -1.30 10.26 1.94
N ASP B 14 -2.55 10.61 1.68
CA ASP B 14 -2.96 11.11 0.37
C ASP B 14 -2.20 12.38 0.00
N SER B 15 -2.11 13.30 0.95
CA SER B 15 -1.44 14.57 0.71
C SER B 15 0.07 14.40 0.58
N MET B 16 0.66 13.64 1.50
CA MET B 16 2.11 13.42 1.50
C MET B 16 2.58 12.70 0.25
N ASP B 17 1.84 11.67 -0.16
CA ASP B 17 2.21 10.90 -1.35
C ASP B 17 2.23 11.78 -2.59
N ARG B 18 1.12 12.46 -2.85
CA ARG B 18 1.02 13.35 -4.00
C ARG B 18 1.75 14.67 -3.77
N SER B 19 2.83 14.62 -3.00
CA SER B 19 3.65 15.79 -2.67
C SER B 19 2.86 16.76 -1.79
N ILE B 20 3.01 16.62 -0.48
CA ILE B 20 2.32 17.46 0.49
C ILE B 20 2.67 18.93 0.29
N ALA A 1 -7.49 -9.65 -27.77
CA ALA A 1 -6.49 -10.55 -27.18
C ALA A 1 -6.22 -10.19 -25.73
N THR A 2 -6.45 -11.15 -24.84
CA THR A 2 -6.23 -10.93 -23.41
C THR A 2 -5.10 -11.83 -22.91
N PRO A 3 -4.10 -11.23 -22.26
CA PRO A 3 -2.96 -11.97 -21.71
C PRO A 3 -3.30 -12.64 -20.39
N ALA A 4 -3.37 -13.97 -20.41
CA ALA A 4 -3.69 -14.74 -19.22
C ALA A 4 -2.53 -14.70 -18.24
N SER A 5 -2.80 -14.14 -17.06
CA SER A 5 -1.79 -14.02 -16.01
C SER A 5 -1.38 -15.39 -15.48
N ALA A 6 -0.10 -15.67 -15.58
CA ALA A 6 0.44 -16.94 -15.11
C ALA A 6 0.73 -16.94 -13.60
N PRO A 7 1.47 -15.94 -13.06
CA PRO A 7 1.77 -15.87 -11.63
C PRO A 7 0.55 -15.60 -10.78
N ASP A 8 0.48 -16.25 -9.63
CA ASP A 8 -0.63 -16.08 -8.71
C ASP A 8 -0.38 -14.88 -7.79
N THR A 9 -1.45 -14.29 -7.28
CA THR A 9 -1.36 -13.13 -6.41
C THR A 9 -0.46 -13.41 -5.20
N ARG A 10 -0.59 -14.59 -4.60
CA ARG A 10 0.20 -14.94 -3.43
C ARG A 10 1.68 -15.06 -3.79
N ALA A 11 1.96 -15.55 -4.99
CA ALA A 11 3.35 -15.70 -5.44
C ALA A 11 4.02 -14.35 -5.60
N LEU A 12 3.25 -13.37 -6.07
CA LEU A 12 3.75 -12.02 -6.26
C LEU A 12 4.04 -11.38 -4.90
N VAL A 13 3.11 -11.55 -3.96
CA VAL A 13 3.26 -11.00 -2.63
C VAL A 13 4.46 -11.64 -1.93
N ALA A 14 4.59 -12.96 -2.05
CA ALA A 14 5.70 -13.68 -1.43
C ALA A 14 7.04 -13.21 -2.02
N ASP A 15 7.00 -12.82 -3.29
CA ASP A 15 8.21 -12.34 -3.97
C ASP A 15 8.67 -11.02 -3.34
N PHE A 16 7.71 -10.14 -3.08
CA PHE A 16 8.00 -8.85 -2.48
C PHE A 16 8.57 -9.04 -1.08
N VAL A 17 7.90 -9.88 -0.29
CA VAL A 17 8.34 -10.17 1.07
C VAL A 17 9.75 -10.76 1.06
N GLY A 18 9.97 -11.73 0.18
CA GLY A 18 11.27 -12.36 0.07
C GLY A 18 12.34 -11.36 -0.34
N TYR A 19 12.02 -10.54 -1.33
CA TYR A 19 12.95 -9.53 -1.83
C TYR A 19 13.34 -8.58 -0.69
N LYS A 20 12.35 -8.07 0.02
CA LYS A 20 12.59 -7.15 1.13
C LYS A 20 13.42 -7.82 2.22
N LEU A 21 13.16 -9.11 2.43
CA LEU A 21 13.86 -9.89 3.44
C LEU A 21 15.33 -10.06 3.06
N ARG A 22 15.60 -10.02 1.77
CA ARG A 22 16.97 -10.19 1.26
C ARG A 22 17.67 -8.84 1.13
N GLN A 23 16.93 -7.79 0.83
CA GLN A 23 17.50 -6.45 0.67
C GLN A 23 18.11 -5.96 1.98
N LYS A 24 17.59 -6.45 3.10
CA LYS A 24 18.10 -6.06 4.42
C LYS A 24 19.24 -6.97 4.84
N GLY A 25 19.82 -7.68 3.89
CA GLY A 25 20.94 -8.56 4.17
C GLY A 25 21.90 -8.64 3.00
N TYR A 26 21.49 -9.34 1.96
CA TYR A 26 22.32 -9.50 0.77
C TYR A 26 21.51 -9.12 -0.47
N VAL A 27 21.74 -7.91 -0.96
CA VAL A 27 21.05 -7.42 -2.14
C VAL A 27 21.35 -8.29 -3.36
N CYS A 28 20.30 -8.85 -3.95
CA CYS A 28 20.44 -9.70 -5.12
C CYS A 28 19.29 -9.46 -6.07
N GLY A 29 19.58 -9.42 -7.36
CA GLY A 29 18.55 -9.20 -8.36
C GLY A 29 19.02 -8.28 -9.46
N ALA A 30 18.13 -7.38 -9.88
CA ALA A 30 18.46 -6.44 -10.94
C ALA A 30 17.70 -5.14 -10.75
N GLY A 31 18.33 -4.03 -11.11
CA GLY A 31 17.68 -2.74 -10.97
C GLY A 31 17.22 -2.18 -12.29
N PRO A 32 15.92 -2.23 -12.58
CA PRO A 32 15.36 -1.70 -13.84
C PRO A 32 15.41 -0.17 -13.86
N GLY A 33 15.96 0.37 -14.92
CA GLY A 33 16.06 1.81 -15.05
C GLY A 33 15.38 2.33 -16.30
N GLU A 34 15.80 1.80 -17.44
CA GLU A 34 15.23 2.22 -18.72
C GLU A 34 14.72 1.00 -19.48
N GLY A 35 14.39 -0.05 -18.75
CA GLY A 35 13.88 -1.26 -19.36
C GLY A 35 12.39 -1.42 -19.17
N PRO A 36 11.60 -1.17 -20.22
CA PRO A 36 10.15 -1.29 -20.16
C PRO A 36 9.71 -2.74 -20.03
N ALA A 37 8.89 -3.03 -19.03
CA ALA A 37 8.40 -4.37 -18.80
C ALA A 37 6.94 -4.48 -19.20
N ALA A 38 6.51 -5.68 -19.55
CA ALA A 38 5.13 -5.91 -19.93
C ALA A 38 4.21 -5.85 -18.72
N ASP A 39 4.73 -6.25 -17.57
CA ASP A 39 3.97 -6.24 -16.34
C ASP A 39 4.40 -5.08 -15.45
N PRO A 40 3.44 -4.29 -14.96
CA PRO A 40 3.70 -3.19 -14.06
C PRO A 40 3.46 -3.60 -12.61
N LEU A 41 3.09 -4.85 -12.42
CA LEU A 41 2.78 -5.39 -11.09
C LEU A 41 4.00 -5.41 -10.19
N HIS A 42 5.13 -5.88 -10.71
CA HIS A 42 6.37 -5.95 -9.93
C HIS A 42 6.79 -4.56 -9.44
N GLN A 43 6.58 -3.56 -10.28
CA GLN A 43 6.95 -2.19 -9.93
C GLN A 43 5.88 -1.56 -9.04
N ALA A 44 4.62 -1.86 -9.31
CA ALA A 44 3.51 -1.32 -8.53
C ALA A 44 3.60 -1.77 -7.09
N MET A 45 3.94 -3.04 -6.89
CA MET A 45 4.07 -3.59 -5.55
C MET A 45 5.15 -2.85 -4.75
N ARG A 46 6.25 -2.54 -5.44
CA ARG A 46 7.35 -1.82 -4.82
C ARG A 46 6.93 -0.38 -4.57
N ALA A 47 6.29 0.22 -5.58
CA ALA A 47 5.85 1.60 -5.51
C ALA A 47 4.87 1.85 -4.35
N ALA A 48 3.93 0.92 -4.18
CA ALA A 48 2.94 1.03 -3.12
C ALA A 48 3.57 1.13 -1.74
N GLY A 49 4.81 0.70 -1.61
CA GLY A 49 5.50 0.77 -0.34
C GLY A 49 6.82 1.49 -0.45
N ASP A 50 6.93 2.38 -1.43
CA ASP A 50 8.17 3.13 -1.65
C ASP A 50 7.89 4.54 -2.17
N GLU A 51 7.02 4.65 -3.17
CA GLU A 51 6.66 5.94 -3.76
C GLU A 51 6.11 6.90 -2.72
N PHE A 52 5.06 6.47 -2.02
CA PHE A 52 4.45 7.31 -1.01
C PHE A 52 5.39 7.53 0.18
N GLU A 53 6.27 6.58 0.42
CA GLU A 53 7.22 6.66 1.52
C GLU A 53 8.28 7.71 1.22
N THR A 54 8.81 7.69 0.00
CA THR A 54 9.83 8.64 -0.41
C THR A 54 9.24 10.03 -0.58
N ARG A 55 7.91 10.13 -0.50
CA ARG A 55 7.23 11.40 -0.63
C ARG A 55 6.65 11.83 0.71
N PHE A 56 6.94 11.05 1.74
CA PHE A 56 6.48 11.34 3.08
C PHE A 56 7.66 11.55 4.00
N ARG A 57 8.18 10.45 4.54
CA ARG A 57 9.31 10.48 5.47
C ARG A 57 9.58 9.07 5.99
N ARG A 58 8.67 8.61 6.83
CA ARG A 58 8.76 7.28 7.41
C ARG A 58 7.36 6.81 7.80
N THR A 59 6.50 6.71 6.81
CA THR A 59 5.11 6.28 7.01
C THR A 59 5.06 4.91 7.66
N PHE A 60 6.05 4.07 7.35
CA PHE A 60 6.13 2.74 7.92
C PHE A 60 6.19 2.80 9.45
N SER A 61 6.86 3.83 9.95
CA SER A 61 7.00 4.02 11.38
C SER A 61 5.91 4.97 11.90
N ASP A 62 5.56 5.96 11.10
CA ASP A 62 4.56 6.95 11.45
C ASP A 62 3.21 6.31 11.73
N LEU A 63 2.85 5.32 10.92
CA LEU A 63 1.59 4.61 11.08
C LEU A 63 1.54 3.87 12.42
N ALA A 64 2.70 3.44 12.89
CA ALA A 64 2.80 2.74 14.15
C ALA A 64 2.80 3.74 15.31
N ALA A 65 3.29 4.93 15.04
CA ALA A 65 3.35 5.99 16.05
C ALA A 65 1.96 6.45 16.45
N GLN A 66 1.12 6.74 15.44
CA GLN A 66 -0.24 7.18 15.71
C GLN A 66 -1.07 6.05 16.33
N LEU A 67 -0.64 4.83 16.08
CA LEU A 67 -1.33 3.66 16.63
C LEU A 67 -0.82 3.37 18.04
N HIS A 68 0.15 4.17 18.49
CA HIS A 68 0.73 4.03 19.81
C HIS A 68 0.20 5.11 20.73
N VAL A 69 0.12 6.34 20.21
CA VAL A 69 -0.40 7.47 20.96
C VAL A 69 -1.86 7.22 21.30
N THR A 70 -2.62 6.86 20.28
CA THR A 70 -4.03 6.56 20.44
C THR A 70 -4.17 5.08 20.79
N PRO A 71 -5.12 4.73 21.67
CA PRO A 71 -5.34 3.34 22.10
C PRO A 71 -5.55 2.38 20.92
N GLY A 72 -4.53 1.58 20.65
CA GLY A 72 -4.61 0.63 19.56
C GLY A 72 -4.78 -0.78 20.06
N SER A 73 -4.65 -1.74 19.17
CA SER A 73 -4.79 -3.15 19.51
C SER A 73 -3.87 -4.00 18.65
N ALA A 74 -4.21 -5.28 18.51
CA ALA A 74 -3.41 -6.21 17.72
C ALA A 74 -3.54 -5.95 16.21
N GLN A 75 -3.06 -6.90 15.42
CA GLN A 75 -3.09 -6.79 13.95
C GLN A 75 -4.48 -6.44 13.42
N GLN A 76 -5.51 -7.01 14.03
CA GLN A 76 -6.89 -6.77 13.63
C GLN A 76 -7.24 -5.28 13.66
N ARG A 77 -6.63 -4.54 14.57
CA ARG A 77 -6.88 -3.11 14.69
C ARG A 77 -6.26 -2.36 13.52
N PHE A 78 -5.17 -2.92 13.00
CA PHE A 78 -4.46 -2.31 11.87
C PHE A 78 -5.26 -2.51 10.58
N THR A 79 -5.73 -3.73 10.36
CA THR A 79 -6.50 -4.03 9.17
C THR A 79 -7.87 -3.34 9.22
N GLN A 80 -8.41 -3.24 10.43
CA GLN A 80 -9.70 -2.60 10.61
C GLN A 80 -9.62 -1.10 10.35
N VAL A 81 -8.50 -0.49 10.71
CA VAL A 81 -8.33 0.95 10.52
C VAL A 81 -8.21 1.30 9.03
N SER A 82 -7.76 0.34 8.21
CA SER A 82 -7.64 0.59 6.78
C SER A 82 -9.01 0.54 6.13
N ASP A 83 -9.77 -0.49 6.48
CA ASP A 83 -11.14 -0.68 5.96
C ASP A 83 -12.05 0.43 6.48
N GLU A 84 -11.72 0.93 7.66
CA GLU A 84 -12.46 1.99 8.32
C GLU A 84 -12.67 3.19 7.39
N LEU A 85 -11.60 3.63 6.74
CA LEU A 85 -11.67 4.77 5.84
C LEU A 85 -11.82 4.32 4.40
N PHE A 86 -11.73 3.02 4.17
CA PHE A 86 -11.88 2.47 2.83
C PHE A 86 -13.34 2.51 2.43
N GLN A 87 -14.20 2.19 3.38
CA GLN A 87 -15.64 2.19 3.16
C GLN A 87 -16.15 3.61 2.91
N GLY A 88 -15.47 4.59 3.50
CA GLY A 88 -15.86 5.97 3.33
C GLY A 88 -15.55 6.50 1.94
N GLY A 89 -14.55 5.91 1.31
CA GLY A 89 -14.16 6.32 -0.02
C GLY A 89 -12.95 5.56 -0.52
N PRO A 90 -13.14 4.66 -1.49
CA PRO A 90 -12.04 3.87 -2.06
C PRO A 90 -11.21 4.70 -3.04
N ASN A 91 -10.64 5.78 -2.53
CA ASN A 91 -9.83 6.68 -3.35
C ASN A 91 -8.49 6.03 -3.74
N TRP A 92 -7.72 6.75 -4.53
CA TRP A 92 -6.43 6.28 -5.03
C TRP A 92 -5.51 5.81 -3.90
N GLY A 93 -5.23 6.70 -2.96
CA GLY A 93 -4.34 6.36 -1.86
C GLY A 93 -4.93 5.37 -0.87
N ARG A 94 -6.23 5.10 -0.98
CA ARG A 94 -6.88 4.16 -0.08
C ARG A 94 -6.34 2.76 -0.33
N LEU A 95 -6.11 2.43 -1.59
CA LEU A 95 -5.59 1.12 -1.94
C LEU A 95 -4.12 1.03 -1.54
N VAL A 96 -3.41 2.14 -1.67
CA VAL A 96 -1.99 2.21 -1.31
C VAL A 96 -1.81 1.93 0.18
N ALA A 97 -2.58 2.64 0.99
CA ALA A 97 -2.53 2.49 2.44
C ALA A 97 -2.92 1.09 2.87
N PHE A 98 -3.96 0.55 2.26
CA PHE A 98 -4.44 -0.79 2.58
C PHE A 98 -3.39 -1.84 2.21
N PHE A 99 -2.78 -1.66 1.05
CA PHE A 99 -1.76 -2.59 0.56
C PHE A 99 -0.50 -2.52 1.42
N VAL A 100 -0.01 -1.31 1.68
CA VAL A 100 1.19 -1.14 2.49
C VAL A 100 0.96 -1.60 3.93
N PHE A 101 -0.26 -1.42 4.43
CA PHE A 101 -0.60 -1.84 5.78
C PHE A 101 -0.42 -3.35 5.91
N GLY A 102 -1.04 -4.07 4.97
CA GLY A 102 -0.95 -5.51 4.97
C GLY A 102 0.47 -5.98 4.77
N ALA A 103 1.18 -5.37 3.82
CA ALA A 103 2.56 -5.74 3.52
C ALA A 103 3.45 -5.53 4.75
N ALA A 104 3.34 -4.37 5.37
CA ALA A 104 4.15 -4.04 6.54
C ALA A 104 3.85 -4.97 7.71
N LEU A 105 2.57 -5.19 7.97
CA LEU A 105 2.16 -6.06 9.06
C LEU A 105 2.53 -7.51 8.79
N CYS A 106 2.38 -7.93 7.54
CA CYS A 106 2.72 -9.29 7.16
C CYS A 106 4.22 -9.53 7.30
N ALA A 107 5.02 -8.60 6.79
CA ALA A 107 6.48 -8.70 6.89
C ALA A 107 6.92 -8.77 8.33
N GLU A 108 6.29 -7.93 9.17
CA GLU A 108 6.59 -7.89 10.59
C GLU A 108 6.31 -9.24 11.22
N SER A 109 5.22 -9.87 10.79
CA SER A 109 4.82 -11.16 11.30
C SER A 109 5.72 -12.27 10.74
N VAL A 110 6.07 -12.16 9.45
CA VAL A 110 6.94 -13.15 8.79
C VAL A 110 8.28 -13.24 9.51
N ASN A 111 8.88 -12.09 9.78
CA ASN A 111 10.17 -12.04 10.47
C ASN A 111 10.03 -12.58 11.90
N LYS A 112 8.83 -12.46 12.45
CA LYS A 112 8.56 -12.94 13.80
C LYS A 112 8.08 -14.39 13.78
N GLU A 113 8.19 -15.01 12.60
CA GLU A 113 7.80 -16.42 12.40
C GLU A 113 6.31 -16.63 12.69
N MET A 114 5.50 -15.63 12.41
CA MET A 114 4.06 -15.72 12.61
C MET A 114 3.34 -15.92 11.29
N GLU A 115 3.64 -17.02 10.62
CA GLU A 115 3.04 -17.34 9.32
C GLU A 115 1.53 -17.54 9.46
N VAL A 116 1.10 -18.01 10.63
CA VAL A 116 -0.32 -18.23 10.89
C VAL A 116 -1.11 -16.95 10.73
N LEU A 117 -0.60 -15.87 11.30
CA LEU A 117 -1.24 -14.57 11.23
C LEU A 117 -1.17 -14.01 9.82
N VAL A 118 -0.03 -14.22 9.16
CA VAL A 118 0.18 -13.73 7.80
C VAL A 118 -0.85 -14.34 6.85
N GLY A 119 -1.06 -15.65 6.98
CA GLY A 119 -2.01 -16.33 6.12
C GLY A 119 -3.42 -15.80 6.30
N GLN A 120 -3.79 -15.54 7.54
CA GLN A 120 -5.11 -15.01 7.85
C GLN A 120 -5.30 -13.63 7.25
N VAL A 121 -4.31 -12.77 7.42
CA VAL A 121 -4.36 -11.41 6.89
C VAL A 121 -4.41 -11.43 5.36
N GLN A 122 -3.55 -12.24 4.76
CA GLN A 122 -3.49 -12.34 3.30
C GLN A 122 -4.82 -12.84 2.75
N GLU A 123 -5.36 -13.87 3.39
CA GLU A 123 -6.63 -14.45 2.98
C GLU A 123 -7.74 -13.41 3.05
N TRP A 124 -7.77 -12.67 4.15
CA TRP A 124 -8.78 -11.64 4.36
C TRP A 124 -8.67 -10.53 3.32
N MET A 125 -7.43 -10.12 3.04
CA MET A 125 -7.18 -9.07 2.05
C MET A 125 -7.75 -9.46 0.69
N VAL A 126 -7.42 -10.67 0.26
CA VAL A 126 -7.88 -11.17 -1.03
C VAL A 126 -9.40 -11.34 -1.03
N ALA A 127 -9.94 -11.84 0.08
CA ALA A 127 -11.38 -12.06 0.20
C ALA A 127 -12.12 -10.73 0.09
N TYR A 128 -11.63 -9.72 0.78
CA TYR A 128 -12.22 -8.39 0.76
C TYR A 128 -12.23 -7.84 -0.67
N LEU A 129 -11.10 -8.04 -1.36
CA LEU A 129 -10.96 -7.57 -2.73
C LEU A 129 -11.94 -8.27 -3.67
N GLU A 130 -12.19 -9.55 -3.40
CA GLU A 130 -13.10 -10.34 -4.24
C GLU A 130 -14.55 -10.27 -3.75
N THR A 131 -14.82 -9.47 -2.74
CA THR A 131 -16.18 -9.36 -2.24
C THR A 131 -16.68 -7.91 -2.25
N ARG A 132 -16.24 -7.12 -1.28
CA ARG A 132 -16.68 -5.73 -1.18
C ARG A 132 -16.01 -4.84 -2.24
N LEU A 133 -14.85 -5.27 -2.73
CA LEU A 133 -14.14 -4.50 -3.74
C LEU A 133 -14.17 -5.20 -5.10
N ALA A 134 -15.04 -6.19 -5.24
CA ALA A 134 -15.16 -6.95 -6.48
C ALA A 134 -15.45 -6.05 -7.68
N ASP A 135 -16.38 -5.11 -7.50
CA ASP A 135 -16.73 -4.19 -8.57
C ASP A 135 -15.68 -3.10 -8.73
N TRP A 136 -15.16 -2.63 -7.61
CA TRP A 136 -14.15 -1.57 -7.60
C TRP A 136 -12.90 -2.01 -8.35
N ILE A 137 -12.38 -3.19 -8.00
CA ILE A 137 -11.18 -3.71 -8.65
C ILE A 137 -11.44 -3.92 -10.14
N HIS A 138 -12.65 -4.37 -10.48
CA HIS A 138 -13.01 -4.61 -11.86
C HIS A 138 -13.08 -3.28 -12.64
N SER A 139 -13.54 -2.23 -11.97
CA SER A 139 -13.65 -0.92 -12.60
C SER A 139 -12.27 -0.30 -12.82
N SER A 140 -11.39 -0.47 -11.84
CA SER A 140 -10.03 0.05 -11.91
C SER A 140 -9.15 -0.84 -12.78
N GLY A 141 -9.70 -1.97 -13.21
CA GLY A 141 -8.96 -2.91 -14.02
C GLY A 141 -7.78 -3.48 -13.27
N GLY A 142 -8.00 -3.79 -12.00
CA GLY A 142 -6.95 -4.32 -11.17
C GLY A 142 -6.00 -3.23 -10.73
N TRP A 143 -4.78 -3.29 -11.25
CA TRP A 143 -3.76 -2.30 -10.91
C TRP A 143 -3.50 -1.42 -12.12
N ALA A 144 -4.40 -1.48 -13.09
CA ALA A 144 -4.29 -0.71 -14.32
C ALA A 144 -4.21 0.79 -14.07
N GLU A 145 -5.25 1.37 -13.47
CA GLU A 145 -5.26 2.79 -13.20
C GLU A 145 -4.28 3.13 -12.08
N PHE A 146 -3.92 2.13 -11.29
CA PHE A 146 -3.00 2.31 -10.18
C PHE A 146 -1.64 2.79 -10.68
N THR A 147 -1.21 2.28 -11.82
CA THR A 147 0.07 2.66 -12.41
C THR A 147 0.11 4.15 -12.75
N ALA A 148 -1.05 4.73 -13.03
CA ALA A 148 -1.14 6.14 -13.38
C ALA A 148 -1.32 7.02 -12.15
N LEU A 149 -1.64 6.40 -11.02
CA LEU A 149 -1.84 7.14 -9.77
C LEU A 149 -0.52 7.73 -9.27
N TYR A 150 0.56 7.01 -9.48
CA TYR A 150 1.88 7.47 -9.06
C TYR A 150 2.73 7.82 -10.28
N GLY A 151 2.07 8.05 -11.41
CA GLY A 151 2.76 8.39 -12.63
C GLY A 151 3.27 9.82 -12.62
N ASP A 152 2.68 10.63 -11.75
CA ASP A 152 3.06 12.02 -11.62
C ASP A 152 4.02 12.18 -10.46
N GLY A 153 5.03 13.04 -10.65
CA GLY A 153 6.02 13.27 -9.62
C GLY A 153 5.68 14.43 -8.71
N ALA A 154 5.51 15.61 -9.28
CA ALA A 154 5.22 16.80 -8.48
C ALA A 154 4.05 17.60 -9.06
N LEU A 155 3.20 18.08 -8.16
CA LEU A 155 2.03 18.87 -8.54
C LEU A 155 1.81 20.00 -7.53
N GLU A 156 2.37 19.84 -6.34
CA GLU A 156 2.23 20.82 -5.29
C GLU A 156 3.52 21.63 -5.18
N GLU A 157 3.63 22.43 -4.13
CA GLU A 157 4.81 23.24 -3.91
C GLU A 157 5.24 23.17 -2.46
N ALA A 158 4.28 23.18 -1.55
CA ALA A 158 4.57 23.13 -0.12
C ALA A 158 4.94 21.72 0.32
N ARG A 159 4.40 20.72 -0.37
CA ARG A 159 4.69 19.33 -0.03
C ARG A 159 6.02 18.88 -0.60
N ARG A 160 6.52 19.62 -1.59
CA ARG A 160 7.78 19.29 -2.23
C ARG A 160 8.95 19.39 -1.25
N LEU A 161 10.08 18.80 -1.62
CA LEU A 161 11.27 18.80 -0.77
C LEU A 161 12.03 20.11 -0.89
N ARG A 162 12.63 20.54 0.21
CA ARG A 162 13.42 21.77 0.21
C ARG A 162 14.90 21.43 0.26
N GLU A 163 15.18 20.19 0.61
CA GLU A 163 16.54 19.68 0.70
C GLU A 163 16.76 18.57 -0.32
N GLY A 164 15.82 17.64 -0.38
CA GLY A 164 15.92 16.54 -1.32
C GLY A 164 16.54 15.30 -0.71
N ASN A 165 16.40 15.13 0.60
CA ASN A 165 16.96 13.96 1.27
C ASN A 165 16.06 12.75 1.04
N TRP A 166 14.86 12.83 1.61
CA TRP A 166 13.87 11.77 1.48
C TRP A 166 12.53 12.31 1.91
N ALA A 167 12.47 12.79 3.15
CA ALA A 167 11.26 13.36 3.69
C ALA A 167 10.86 14.60 2.89
N SER A 168 9.73 14.51 2.22
CA SER A 168 9.24 15.62 1.43
C SER A 168 8.41 16.55 2.30
N VAL A 169 7.65 15.95 3.20
CA VAL A 169 6.81 16.69 4.11
C VAL A 169 7.34 16.55 5.53
N ARG A 170 6.89 17.42 6.43
CA ARG A 170 7.33 17.37 7.81
C ARG A 170 6.15 17.15 8.75
N ILE B 1 -14.02 1.49 14.59
CA ILE B 1 -14.99 2.57 14.78
C ILE B 1 -14.30 3.88 15.15
N ILE B 2 -13.17 4.14 14.50
CA ILE B 2 -12.40 5.35 14.75
C ILE B 2 -12.00 5.99 13.42
N LYS B 3 -12.89 6.81 12.90
CA LYS B 3 -12.65 7.50 11.62
C LYS B 3 -11.47 8.46 11.71
N ASN B 4 -11.29 9.07 12.88
CA ASN B 4 -10.21 10.03 13.10
C ASN B 4 -8.85 9.47 12.74
N ILE B 5 -8.48 8.33 13.32
CA ILE B 5 -7.19 7.71 13.05
C ILE B 5 -7.10 7.24 11.59
N ALA B 6 -8.15 6.55 11.15
CA ALA B 6 -8.20 6.03 9.80
C ALA B 6 -8.04 7.13 8.76
N ARG B 7 -8.74 8.24 8.96
CA ARG B 7 -8.66 9.37 8.05
C ARG B 7 -7.25 9.94 8.00
N HIS B 8 -6.57 9.93 9.14
CA HIS B 8 -5.22 10.46 9.22
C HIS B 8 -4.27 9.68 8.32
N LEU B 9 -4.21 8.37 8.51
CA LEU B 9 -3.32 7.52 7.72
C LEU B 9 -3.74 7.49 6.25
N ALA B 10 -5.04 7.54 6.00
CA ALA B 10 -5.55 7.52 4.65
C ALA B 10 -5.23 8.82 3.91
N GLN B 11 -5.40 9.93 4.61
CA GLN B 11 -5.14 11.24 4.02
C GLN B 11 -3.67 11.44 3.68
N VAL B 12 -2.78 11.14 4.63
CA VAL B 12 -1.36 11.31 4.39
C VAL B 12 -0.86 10.41 3.27
N GLY B 13 -1.29 9.15 3.28
CA GLY B 13 -0.86 8.22 2.25
C GLY B 13 -1.43 8.58 0.88
N ASP B 14 -2.69 9.01 0.87
CA ASP B 14 -3.37 9.37 -0.36
C ASP B 14 -2.74 10.60 -1.01
N SER B 15 -2.58 11.65 -0.21
CA SER B 15 -2.03 12.91 -0.70
C SER B 15 -0.54 12.81 -1.04
N MET B 16 0.25 12.26 -0.12
CA MET B 16 1.69 12.14 -0.32
C MET B 16 2.04 11.31 -1.55
N ASP B 17 1.29 10.26 -1.81
CA ASP B 17 1.55 9.43 -2.98
C ASP B 17 1.09 10.12 -4.25
N ARG B 18 0.00 10.88 -4.14
CA ARG B 18 -0.55 11.61 -5.28
C ARG B 18 0.32 12.83 -5.57
N SER B 19 1.49 12.59 -6.15
CA SER B 19 2.44 13.64 -6.49
C SER B 19 2.98 14.32 -5.23
N ILE B 20 3.88 15.25 -5.41
CA ILE B 20 4.45 15.98 -4.29
C ILE B 20 4.38 17.47 -4.56
N ALA A 1 -6.16 -7.10 -29.44
CA ALA A 1 -5.47 -8.30 -28.92
C ALA A 1 -5.47 -8.28 -27.39
N THR A 2 -6.25 -9.16 -26.79
CA THR A 2 -6.33 -9.23 -25.35
C THR A 2 -5.25 -10.15 -24.79
N PRO A 3 -4.29 -9.59 -24.04
CA PRO A 3 -3.20 -10.36 -23.45
C PRO A 3 -3.67 -11.23 -22.29
N ALA A 4 -3.27 -12.49 -22.30
CA ALA A 4 -3.65 -13.42 -21.25
C ALA A 4 -2.71 -13.31 -20.06
N SER A 5 -3.29 -13.39 -18.86
CA SER A 5 -2.51 -13.29 -17.64
C SER A 5 -2.01 -14.68 -17.24
N ALA A 6 -0.69 -14.85 -17.22
CA ALA A 6 -0.11 -16.14 -16.85
C ALA A 6 0.07 -16.26 -15.33
N PRO A 7 0.85 -15.36 -14.68
CA PRO A 7 1.06 -15.42 -13.23
C PRO A 7 -0.22 -15.15 -12.45
N ASP A 8 -0.43 -15.93 -11.40
CA ASP A 8 -1.62 -15.77 -10.56
C ASP A 8 -1.46 -14.59 -9.60
N THR A 9 -2.59 -14.05 -9.14
CA THR A 9 -2.60 -12.93 -8.22
C THR A 9 -1.84 -13.24 -6.92
N ARG A 10 -2.01 -14.45 -6.40
CA ARG A 10 -1.34 -14.84 -5.17
C ARG A 10 0.17 -15.01 -5.41
N ALA A 11 0.53 -15.33 -6.64
CA ALA A 11 1.93 -15.50 -7.01
C ALA A 11 2.68 -14.18 -6.88
N LEU A 12 1.97 -13.09 -7.16
CA LEU A 12 2.56 -11.76 -7.06
C LEU A 12 2.81 -11.42 -5.61
N VAL A 13 1.87 -11.79 -4.75
CA VAL A 13 1.97 -11.54 -3.32
C VAL A 13 3.17 -12.30 -2.75
N ALA A 14 3.28 -13.57 -3.12
CA ALA A 14 4.37 -14.42 -2.66
C ALA A 14 5.72 -13.84 -3.09
N ASP A 15 5.77 -13.31 -4.31
CA ASP A 15 7.00 -12.72 -4.83
C ASP A 15 7.37 -11.47 -4.04
N PHE A 16 6.38 -10.64 -3.75
CA PHE A 16 6.60 -9.41 -3.01
C PHE A 16 7.08 -9.71 -1.58
N VAL A 17 6.37 -10.61 -0.91
CA VAL A 17 6.72 -10.99 0.46
C VAL A 17 8.11 -11.63 0.48
N GLY A 18 8.35 -12.54 -0.46
CA GLY A 18 9.65 -13.20 -0.55
C GLY A 18 10.76 -12.21 -0.80
N TYR A 19 10.49 -11.24 -1.68
CA TYR A 19 11.46 -10.21 -2.01
C TYR A 19 11.79 -9.39 -0.77
N LYS A 20 10.77 -9.06 0.01
CA LYS A 20 10.94 -8.29 1.23
C LYS A 20 11.84 -9.01 2.22
N LEU A 21 11.60 -10.31 2.39
CA LEU A 21 12.39 -11.12 3.30
C LEU A 21 13.83 -11.24 2.81
N ARG A 22 14.00 -11.41 1.51
CA ARG A 22 15.31 -11.54 0.91
C ARG A 22 16.07 -10.21 0.90
N GLN A 23 15.35 -9.10 0.79
CA GLN A 23 15.98 -7.79 0.76
C GLN A 23 16.70 -7.46 2.07
N LYS A 24 16.22 -8.00 3.18
CA LYS A 24 16.85 -7.74 4.47
C LYS A 24 17.87 -8.81 4.80
N GLY A 25 18.03 -9.78 3.91
CA GLY A 25 18.98 -10.85 4.14
C GLY A 25 20.09 -10.85 3.10
N TYR A 26 19.70 -11.01 1.85
CA TYR A 26 20.64 -11.04 0.74
C TYR A 26 19.94 -10.60 -0.53
N VAL A 27 20.22 -9.37 -0.96
CA VAL A 27 19.60 -8.82 -2.17
C VAL A 27 19.85 -9.73 -3.37
N CYS A 28 18.78 -10.31 -3.87
CA CYS A 28 18.86 -11.21 -5.01
C CYS A 28 17.87 -10.79 -6.08
N GLY A 29 18.38 -10.62 -7.30
CA GLY A 29 17.55 -10.22 -8.41
C GLY A 29 18.33 -9.44 -9.44
N ALA A 30 17.76 -8.35 -9.92
CA ALA A 30 18.41 -7.52 -10.92
C ALA A 30 18.06 -6.06 -10.70
N GLY A 31 18.87 -5.16 -11.23
CA GLY A 31 18.63 -3.74 -11.08
C GLY A 31 17.80 -3.18 -12.22
N PRO A 32 16.55 -2.79 -11.96
CA PRO A 32 15.65 -2.24 -12.98
C PRO A 32 15.96 -0.77 -13.29
N GLY A 33 17.04 -0.55 -14.04
CA GLY A 33 17.41 0.80 -14.41
C GLY A 33 16.62 1.29 -15.60
N GLU A 34 17.09 0.96 -16.79
CA GLU A 34 16.42 1.36 -18.01
C GLU A 34 16.00 0.13 -18.80
N GLY A 35 14.73 0.10 -19.16
CA GLY A 35 14.18 -1.02 -19.89
C GLY A 35 12.70 -1.20 -19.62
N PRO A 36 11.83 -0.57 -20.44
CA PRO A 36 10.38 -0.66 -20.27
C PRO A 36 9.88 -2.10 -20.37
N ALA A 37 9.43 -2.63 -19.24
CA ALA A 37 8.93 -4.00 -19.19
C ALA A 37 7.44 -4.04 -19.47
N ALA A 38 6.98 -5.15 -20.04
CA ALA A 38 5.57 -5.32 -20.35
C ALA A 38 4.75 -5.48 -19.07
N ASP A 39 5.39 -5.99 -18.03
CA ASP A 39 4.73 -6.20 -16.75
C ASP A 39 5.08 -5.08 -15.78
N PRO A 40 4.14 -4.15 -15.55
CA PRO A 40 4.34 -3.05 -14.63
C PRO A 40 3.85 -3.39 -13.23
N LEU A 41 3.28 -4.57 -13.08
CA LEU A 41 2.74 -5.02 -11.81
C LEU A 41 3.85 -5.19 -10.79
N HIS A 42 4.97 -5.75 -11.23
CA HIS A 42 6.12 -5.95 -10.36
C HIS A 42 6.60 -4.62 -9.78
N GLN A 43 6.60 -3.57 -10.60
CA GLN A 43 7.03 -2.27 -10.16
C GLN A 43 5.94 -1.56 -9.37
N ALA A 44 4.70 -1.74 -9.80
CA ALA A 44 3.56 -1.13 -9.13
C ALA A 44 3.45 -1.64 -7.69
N MET A 45 3.62 -2.95 -7.53
CA MET A 45 3.57 -3.58 -6.22
C MET A 45 4.67 -3.03 -5.34
N ARG A 46 5.84 -2.84 -5.94
CA ARG A 46 6.99 -2.31 -5.23
C ARG A 46 6.72 -0.87 -4.81
N ALA A 47 6.24 -0.07 -5.77
CA ALA A 47 5.94 1.34 -5.53
C ALA A 47 4.86 1.50 -4.46
N ALA A 48 3.88 0.59 -4.45
CA ALA A 48 2.79 0.64 -3.49
C ALA A 48 3.30 0.66 -2.05
N GLY A 49 4.44 0.02 -1.81
CA GLY A 49 5.00 0.00 -0.48
C GLY A 49 6.35 0.69 -0.42
N ASP A 50 6.63 1.54 -1.41
CA ASP A 50 7.91 2.24 -1.47
C ASP A 50 7.70 3.73 -1.74
N GLU A 51 6.87 4.04 -2.74
CA GLU A 51 6.60 5.42 -3.11
C GLU A 51 5.94 6.16 -1.96
N PHE A 52 5.17 5.42 -1.17
CA PHE A 52 4.50 5.98 -0.01
C PHE A 52 5.50 6.57 0.96
N GLU A 53 6.69 5.96 1.00
CA GLU A 53 7.76 6.41 1.88
C GLU A 53 8.60 7.50 1.20
N THR A 54 8.62 7.47 -0.12
CA THR A 54 9.38 8.43 -0.90
C THR A 54 9.03 9.87 -0.56
N ARG A 55 7.74 10.17 -0.49
CA ARG A 55 7.30 11.53 -0.20
C ARG A 55 6.84 11.65 1.24
N PHE A 56 7.14 10.65 2.05
CA PHE A 56 6.77 10.66 3.46
C PHE A 56 7.96 11.13 4.29
N ARG A 57 8.70 10.16 4.84
CA ARG A 57 9.86 10.41 5.67
C ARG A 57 10.30 9.10 6.30
N ARG A 58 9.46 8.61 7.20
CA ARG A 58 9.71 7.36 7.90
C ARG A 58 8.37 6.76 8.33
N THR A 59 7.70 6.12 7.40
CA THR A 59 6.41 5.51 7.64
C THR A 59 6.48 4.48 8.77
N PHE A 60 7.51 3.65 8.74
CA PHE A 60 7.69 2.60 9.73
C PHE A 60 8.16 3.17 11.07
N SER A 61 8.31 4.48 11.16
CA SER A 61 8.77 5.11 12.38
C SER A 61 7.80 6.18 12.88
N ASP A 62 7.47 7.14 12.03
CA ASP A 62 6.57 8.23 12.40
C ASP A 62 5.11 7.79 12.35
N LEU A 63 4.66 7.32 11.19
CA LEU A 63 3.28 6.90 11.03
C LEU A 63 2.93 5.78 12.01
N ALA A 64 3.84 4.84 12.17
CA ALA A 64 3.64 3.72 13.08
C ALA A 64 3.63 4.17 14.54
N ALA A 65 4.13 5.37 14.80
CA ALA A 65 4.18 5.91 16.15
C ALA A 65 2.99 6.84 16.41
N GLN A 66 2.74 7.74 15.47
CA GLN A 66 1.65 8.70 15.60
C GLN A 66 0.29 8.00 15.63
N LEU A 67 0.17 6.90 14.89
CA LEU A 67 -1.08 6.15 14.86
C LEU A 67 -1.17 5.22 16.07
N HIS A 68 -0.06 5.08 16.78
CA HIS A 68 -0.03 4.22 17.95
C HIS A 68 -0.36 5.04 19.19
N VAL A 69 -0.37 6.38 19.03
CA VAL A 69 -0.70 7.27 20.13
C VAL A 69 -2.16 7.07 20.52
N THR A 70 -2.99 6.93 19.50
CA THR A 70 -4.41 6.71 19.71
C THR A 70 -4.65 5.28 20.16
N PRO A 71 -5.38 5.10 21.28
CA PRO A 71 -5.68 3.77 21.83
C PRO A 71 -6.35 2.88 20.80
N GLY A 72 -5.59 1.92 20.30
CA GLY A 72 -6.10 1.01 19.31
C GLY A 72 -5.96 -0.44 19.74
N SER A 73 -5.38 -1.25 18.88
CA SER A 73 -5.17 -2.67 19.16
C SER A 73 -4.02 -3.21 18.30
N ALA A 74 -4.10 -4.48 17.93
CA ALA A 74 -3.07 -5.09 17.10
C ALA A 74 -3.44 -5.01 15.63
N GLN A 75 -2.87 -5.92 14.83
CA GLN A 75 -3.13 -5.96 13.39
C GLN A 75 -4.63 -5.98 13.07
N GLN A 76 -5.40 -6.64 13.93
CA GLN A 76 -6.85 -6.72 13.76
C GLN A 76 -7.46 -5.33 13.65
N ARG A 77 -6.99 -4.43 14.51
CA ARG A 77 -7.48 -3.06 14.51
C ARG A 77 -7.04 -2.33 13.24
N PHE A 78 -5.79 -2.54 12.84
CA PHE A 78 -5.24 -1.89 11.66
C PHE A 78 -6.00 -2.33 10.40
N THR A 79 -6.38 -3.59 10.37
CA THR A 79 -7.12 -4.13 9.23
C THR A 79 -8.50 -3.48 9.13
N GLN A 80 -9.23 -3.45 10.24
CA GLN A 80 -10.55 -2.86 10.27
C GLN A 80 -10.49 -1.33 10.12
N VAL A 81 -9.44 -0.73 10.67
CA VAL A 81 -9.30 0.72 10.59
C VAL A 81 -9.06 1.17 9.14
N SER A 82 -8.40 0.32 8.38
CA SER A 82 -8.14 0.62 6.98
C SER A 82 -9.40 0.39 6.14
N ASP A 83 -10.08 -0.73 6.41
CA ASP A 83 -11.32 -1.07 5.72
C ASP A 83 -12.39 -0.01 5.96
N GLU A 84 -12.39 0.52 7.18
CA GLU A 84 -13.34 1.55 7.60
C GLU A 84 -13.36 2.74 6.64
N LEU A 85 -12.21 3.39 6.51
CA LEU A 85 -12.11 4.57 5.65
C LEU A 85 -11.99 4.18 4.17
N PHE A 86 -11.67 2.93 3.89
CA PHE A 86 -11.55 2.47 2.52
C PHE A 86 -12.93 2.53 1.86
N GLN A 87 -13.97 2.25 2.64
CA GLN A 87 -15.33 2.29 2.15
C GLN A 87 -15.93 3.68 2.33
N GLY A 88 -15.07 4.63 2.68
CA GLY A 88 -15.50 5.99 2.89
C GLY A 88 -14.67 6.96 2.07
N GLY A 89 -14.11 6.44 0.99
CA GLY A 89 -13.27 7.25 0.11
C GLY A 89 -12.12 6.45 -0.46
N PRO A 90 -12.36 5.71 -1.55
CA PRO A 90 -11.32 4.89 -2.17
C PRO A 90 -10.46 5.69 -3.13
N ASN A 91 -9.80 6.72 -2.61
CA ASN A 91 -8.94 7.58 -3.41
C ASN A 91 -7.61 6.88 -3.72
N TRP A 92 -6.82 7.49 -4.58
CA TRP A 92 -5.52 6.96 -4.98
C TRP A 92 -4.64 6.64 -3.78
N GLY A 93 -4.52 7.58 -2.86
CA GLY A 93 -3.70 7.37 -1.67
C GLY A 93 -4.26 6.28 -0.78
N ARG A 94 -5.58 6.15 -0.75
CA ARG A 94 -6.24 5.15 0.07
C ARG A 94 -5.83 3.75 -0.38
N LEU A 95 -5.79 3.55 -1.69
CA LEU A 95 -5.41 2.25 -2.24
C LEU A 95 -3.96 1.93 -1.89
N VAL A 96 -3.09 2.93 -1.99
CA VAL A 96 -1.68 2.75 -1.67
C VAL A 96 -1.51 2.47 -0.19
N ALA A 97 -2.18 3.26 0.65
CA ALA A 97 -2.10 3.11 2.09
C ALA A 97 -2.65 1.74 2.53
N PHE A 98 -3.73 1.31 1.91
CA PHE A 98 -4.35 0.03 2.23
C PHE A 98 -3.37 -1.11 2.00
N PHE A 99 -2.58 -1.01 0.94
CA PHE A 99 -1.60 -2.04 0.61
C PHE A 99 -0.38 -1.94 1.51
N VAL A 100 0.17 -0.74 1.65
CA VAL A 100 1.36 -0.53 2.46
C VAL A 100 1.10 -0.85 3.94
N PHE A 101 -0.13 -0.62 4.39
CA PHE A 101 -0.50 -0.91 5.78
C PHE A 101 -0.31 -2.39 6.09
N GLY A 102 -0.95 -3.23 5.27
CA GLY A 102 -0.85 -4.66 5.46
C GLY A 102 0.56 -5.16 5.28
N ALA A 103 1.23 -4.66 4.25
CA ALA A 103 2.61 -5.05 3.96
C ALA A 103 3.54 -4.68 5.11
N ALA A 104 3.36 -3.49 5.66
CA ALA A 104 4.18 -3.01 6.77
C ALA A 104 4.00 -3.88 8.00
N LEU A 105 2.76 -4.23 8.30
CA LEU A 105 2.45 -5.06 9.46
C LEU A 105 2.96 -6.48 9.26
N CYS A 106 2.82 -6.99 8.04
CA CYS A 106 3.28 -8.33 7.73
C CYS A 106 4.81 -8.39 7.80
N ALA A 107 5.47 -7.40 7.22
CA ALA A 107 6.93 -7.35 7.24
C ALA A 107 7.45 -7.32 8.68
N GLU A 108 6.78 -6.53 9.52
CA GLU A 108 7.16 -6.43 10.92
C GLU A 108 6.98 -7.77 11.61
N SER A 109 5.85 -8.42 11.35
CA SER A 109 5.55 -9.71 11.95
C SER A 109 6.52 -10.78 11.45
N VAL A 110 6.88 -10.72 10.18
CA VAL A 110 7.82 -11.68 9.60
C VAL A 110 9.18 -11.54 10.27
N ASN A 111 9.58 -10.29 10.52
CA ASN A 111 10.86 -10.01 11.17
C ASN A 111 10.80 -10.41 12.65
N LYS A 112 9.60 -10.74 13.11
CA LYS A 112 9.39 -11.18 14.49
C LYS A 112 9.18 -12.69 14.54
N GLU A 113 9.34 -13.33 13.37
CA GLU A 113 9.16 -14.77 13.26
C GLU A 113 7.72 -15.16 13.57
N MET A 114 6.80 -14.26 13.25
CA MET A 114 5.38 -14.49 13.50
C MET A 114 4.64 -14.79 12.20
N GLU A 115 5.00 -15.91 11.58
CA GLU A 115 4.38 -16.33 10.32
C GLU A 115 2.90 -16.66 10.54
N VAL A 116 2.54 -16.97 11.78
CA VAL A 116 1.17 -17.30 12.14
C VAL A 116 0.23 -16.16 11.79
N LEU A 117 0.50 -14.98 12.33
CA LEU A 117 -0.32 -13.81 12.07
C LEU A 117 -0.22 -13.39 10.61
N VAL A 118 0.98 -13.50 10.04
CA VAL A 118 1.21 -13.13 8.65
C VAL A 118 0.32 -13.95 7.72
N GLY A 119 0.31 -15.26 7.91
CA GLY A 119 -0.51 -16.13 7.09
C GLY A 119 -1.99 -15.77 7.16
N GLN A 120 -2.44 -15.41 8.36
CA GLN A 120 -3.82 -15.03 8.57
C GLN A 120 -4.13 -13.71 7.86
N VAL A 121 -3.29 -12.72 8.12
CA VAL A 121 -3.46 -11.39 7.52
C VAL A 121 -3.45 -11.47 5.99
N GLN A 122 -2.52 -12.25 5.46
CA GLN A 122 -2.42 -12.42 4.01
C GLN A 122 -3.72 -12.96 3.45
N GLU A 123 -4.28 -13.97 4.12
CA GLU A 123 -5.52 -14.58 3.69
C GLU A 123 -6.67 -13.58 3.79
N TRP A 124 -6.73 -12.86 4.91
CA TRP A 124 -7.78 -11.87 5.15
C TRP A 124 -7.81 -10.85 4.01
N MET A 125 -6.63 -10.36 3.63
CA MET A 125 -6.52 -9.38 2.57
C MET A 125 -6.91 -9.96 1.21
N VAL A 126 -6.35 -11.12 0.87
CA VAL A 126 -6.64 -11.77 -0.41
C VAL A 126 -8.13 -12.09 -0.53
N ALA A 127 -8.69 -12.68 0.52
CA ALA A 127 -10.10 -13.05 0.52
C ALA A 127 -10.98 -11.82 0.35
N TYR A 128 -10.63 -10.73 1.01
CA TYR A 128 -11.40 -9.50 0.90
C TYR A 128 -11.42 -8.98 -0.53
N LEU A 129 -10.28 -9.12 -1.20
CA LEU A 129 -10.14 -8.67 -2.58
C LEU A 129 -11.01 -9.51 -3.53
N GLU A 130 -11.37 -10.70 -3.09
CA GLU A 130 -12.18 -11.58 -3.90
C GLU A 130 -13.63 -11.64 -3.41
N THR A 131 -13.87 -11.14 -2.20
CA THR A 131 -15.21 -11.16 -1.64
C THR A 131 -15.95 -9.84 -1.89
N ARG A 132 -15.45 -8.74 -1.33
CA ARG A 132 -16.11 -7.45 -1.49
C ARG A 132 -15.42 -6.58 -2.52
N LEU A 133 -14.11 -6.72 -2.65
CA LEU A 133 -13.36 -5.91 -3.60
C LEU A 133 -13.26 -6.61 -4.95
N ALA A 134 -14.06 -7.65 -5.15
CA ALA A 134 -14.06 -8.40 -6.40
C ALA A 134 -14.47 -7.50 -7.56
N ASP A 135 -15.63 -6.87 -7.41
CA ASP A 135 -16.15 -5.96 -8.42
C ASP A 135 -15.22 -4.77 -8.61
N TRP A 136 -14.65 -4.30 -7.50
CA TRP A 136 -13.75 -3.16 -7.52
C TRP A 136 -12.54 -3.45 -8.40
N ILE A 137 -11.83 -4.53 -8.08
CA ILE A 137 -10.65 -4.92 -8.84
C ILE A 137 -11.00 -5.19 -10.30
N HIS A 138 -12.17 -5.75 -10.54
CA HIS A 138 -12.61 -6.06 -11.89
C HIS A 138 -12.78 -4.80 -12.74
N SER A 139 -13.46 -3.80 -12.19
CA SER A 139 -13.68 -2.55 -12.92
C SER A 139 -12.39 -1.74 -13.05
N SER A 140 -11.51 -1.84 -12.06
CA SER A 140 -10.25 -1.12 -12.09
C SER A 140 -9.20 -1.87 -12.91
N GLY A 141 -9.56 -3.08 -13.35
CA GLY A 141 -8.66 -3.89 -14.14
C GLY A 141 -7.44 -4.32 -13.34
N GLY A 142 -7.67 -4.69 -12.10
CA GLY A 142 -6.57 -5.10 -11.24
C GLY A 142 -5.74 -3.91 -10.81
N TRP A 143 -4.59 -3.75 -11.43
CA TRP A 143 -3.70 -2.64 -11.12
C TRP A 143 -3.51 -1.78 -12.36
N ALA A 144 -4.39 -1.97 -13.34
CA ALA A 144 -4.34 -1.23 -14.60
C ALA A 144 -4.35 0.28 -14.38
N GLU A 145 -5.32 0.76 -13.62
CA GLU A 145 -5.42 2.19 -13.35
C GLU A 145 -4.50 2.59 -12.21
N PHE A 146 -4.05 1.62 -11.44
CA PHE A 146 -3.15 1.87 -10.31
C PHE A 146 -1.86 2.52 -10.78
N THR A 147 -1.30 1.98 -11.86
CA THR A 147 -0.07 2.51 -12.44
C THR A 147 -0.25 3.96 -12.88
N ALA A 148 -1.50 4.33 -13.17
CA ALA A 148 -1.81 5.67 -13.61
C ALA A 148 -2.07 6.60 -12.43
N LEU A 149 -2.41 6.01 -11.28
CA LEU A 149 -2.70 6.80 -10.08
C LEU A 149 -1.49 7.61 -9.65
N TYR A 150 -0.34 6.95 -9.54
CA TYR A 150 0.88 7.63 -9.14
C TYR A 150 1.63 8.15 -10.37
N GLY A 151 0.97 8.07 -11.53
CA GLY A 151 1.57 8.55 -12.76
C GLY A 151 1.44 10.05 -12.91
N ASP A 152 0.64 10.64 -12.03
CA ASP A 152 0.41 12.08 -12.03
C ASP A 152 0.46 12.58 -10.59
N GLY A 153 0.71 13.87 -10.42
CA GLY A 153 0.77 14.43 -9.09
C GLY A 153 2.18 14.40 -8.55
N ALA A 154 2.91 15.49 -8.74
CA ALA A 154 4.28 15.58 -8.27
C ALA A 154 4.58 16.96 -7.70
N LEU A 155 3.53 17.68 -7.31
CA LEU A 155 3.70 19.01 -6.75
C LEU A 155 2.48 19.43 -5.93
N GLU A 156 2.71 19.73 -4.66
CA GLU A 156 1.64 20.18 -3.77
C GLU A 156 2.02 21.52 -3.17
N GLU A 157 1.22 22.54 -3.46
CA GLU A 157 1.46 23.88 -2.95
C GLU A 157 1.46 23.93 -1.42
N ALA A 158 0.59 23.14 -0.81
CA ALA A 158 0.48 23.08 0.65
C ALA A 158 1.60 22.27 1.28
N ARG A 159 2.69 22.09 0.55
CA ARG A 159 3.83 21.33 1.05
C ARG A 159 5.15 21.85 0.48
N ARG A 160 5.11 22.30 -0.78
CA ARG A 160 6.30 22.82 -1.44
C ARG A 160 6.91 23.99 -0.69
N LEU A 161 6.19 25.10 -0.61
CA LEU A 161 6.68 26.27 0.10
C LEU A 161 6.12 26.35 1.50
N ARG A 162 5.13 25.53 1.79
CA ARG A 162 4.51 25.51 3.11
C ARG A 162 4.80 24.18 3.80
N GLU A 163 5.84 24.16 4.62
CA GLU A 163 6.21 22.96 5.34
C GLU A 163 5.73 23.04 6.77
N GLY A 164 6.39 23.87 7.56
CA GLY A 164 6.02 24.02 8.95
C GLY A 164 6.95 24.98 9.68
N ASN A 165 8.25 24.70 9.64
CA ASN A 165 9.22 25.54 10.34
C ASN A 165 10.65 25.15 10.03
N TRP A 166 10.88 23.88 9.73
CA TRP A 166 12.23 23.39 9.46
C TRP A 166 12.73 23.80 8.08
N ALA A 167 12.19 23.18 7.05
CA ALA A 167 12.59 23.47 5.69
C ALA A 167 11.40 23.96 4.87
N SER A 168 11.19 25.26 4.87
CA SER A 168 10.09 25.85 4.11
C SER A 168 10.48 26.03 2.65
N VAL A 169 11.77 25.87 2.38
CA VAL A 169 12.29 26.00 1.03
C VAL A 169 12.87 24.67 0.56
N ARG A 170 12.16 23.60 0.89
CA ARG A 170 12.60 22.25 0.51
C ARG A 170 12.16 21.93 -0.92
N ILE B 1 -17.38 2.51 12.73
CA ILE B 1 -16.71 1.72 13.77
C ILE B 1 -15.62 2.54 14.44
N ILE B 2 -14.68 3.03 13.64
CA ILE B 2 -13.58 3.85 14.12
C ILE B 2 -13.13 4.82 13.04
N LYS B 3 -14.10 5.52 12.46
CA LYS B 3 -13.84 6.47 11.38
C LYS B 3 -12.85 7.56 11.78
N ASN B 4 -12.86 7.95 13.05
CA ASN B 4 -11.95 8.99 13.53
C ASN B 4 -10.48 8.59 13.35
N ILE B 5 -10.13 7.39 13.81
CA ILE B 5 -8.76 6.92 13.68
C ILE B 5 -8.45 6.60 12.21
N ALA B 6 -9.44 6.01 11.54
CA ALA B 6 -9.30 5.65 10.13
C ALA B 6 -9.03 6.88 9.27
N ARG B 7 -9.79 7.94 9.51
CA ARG B 7 -9.65 9.18 8.77
C ARG B 7 -8.26 9.79 8.99
N HIS B 8 -7.77 9.64 10.21
CA HIS B 8 -6.46 10.18 10.58
C HIS B 8 -5.35 9.58 9.70
N LEU B 9 -5.27 8.25 9.66
CA LEU B 9 -4.25 7.58 8.87
C LEU B 9 -4.51 7.76 7.37
N ALA B 10 -5.78 7.75 7.01
CA ALA B 10 -6.18 7.88 5.62
C ALA B 10 -5.77 9.24 5.05
N GLN B 11 -6.16 10.31 5.74
CA GLN B 11 -5.85 11.66 5.29
C GLN B 11 -4.35 11.89 5.16
N VAL B 12 -3.59 11.47 6.16
CA VAL B 12 -2.14 11.64 6.14
C VAL B 12 -1.51 10.87 4.98
N GLY B 13 -1.78 9.58 4.91
CA GLY B 13 -1.20 8.74 3.87
C GLY B 13 -1.67 9.08 2.46
N ASP B 14 -2.97 9.28 2.29
CA ASP B 14 -3.54 9.58 0.98
C ASP B 14 -2.91 10.82 0.36
N SER B 15 -2.79 11.86 1.16
CA SER B 15 -2.21 13.12 0.70
C SER B 15 -0.69 13.05 0.58
N MET B 16 -0.03 12.41 1.54
CA MET B 16 1.42 12.31 1.56
C MET B 16 2.00 11.73 0.27
N ASP B 17 1.47 10.60 -0.17
CA ASP B 17 1.97 9.95 -1.38
C ASP B 17 1.62 10.76 -2.63
N ARG B 18 0.46 11.42 -2.61
CA ARG B 18 0.03 12.22 -3.74
C ARG B 18 0.76 13.56 -3.79
N SER B 19 1.71 13.68 -4.72
CA SER B 19 2.49 14.91 -4.89
C SER B 19 3.40 15.20 -3.69
N ILE B 20 4.10 16.32 -3.75
CA ILE B 20 5.01 16.75 -2.71
C ILE B 20 5.31 18.24 -2.88
N ALA A 1 -7.26 -7.06 -28.23
CA ALA A 1 -6.15 -7.76 -27.56
C ALA A 1 -6.48 -7.97 -26.09
N THR A 2 -6.20 -9.18 -25.59
CA THR A 2 -6.47 -9.50 -24.21
C THR A 2 -5.28 -10.23 -23.60
N PRO A 3 -4.46 -9.51 -22.80
CA PRO A 3 -3.28 -10.09 -22.17
C PRO A 3 -3.64 -11.11 -21.09
N ALA A 4 -3.29 -12.36 -21.32
CA ALA A 4 -3.59 -13.42 -20.38
C ALA A 4 -2.67 -13.32 -19.17
N SER A 5 -3.27 -13.13 -18.00
CA SER A 5 -2.51 -13.02 -16.78
C SER A 5 -2.19 -14.41 -16.23
N ALA A 6 -0.92 -14.80 -16.31
CA ALA A 6 -0.48 -16.10 -15.83
C ALA A 6 -0.20 -16.09 -14.32
N PRO A 7 0.63 -15.15 -13.81
CA PRO A 7 0.94 -15.07 -12.38
C PRO A 7 -0.29 -14.74 -11.54
N ASP A 8 -0.52 -15.54 -10.50
CA ASP A 8 -1.64 -15.33 -9.61
C ASP A 8 -1.32 -14.21 -8.62
N THR A 9 -2.37 -13.56 -8.13
CA THR A 9 -2.23 -12.46 -7.17
C THR A 9 -1.44 -12.88 -5.92
N ARG A 10 -1.66 -14.10 -5.45
CA ARG A 10 -0.97 -14.59 -4.27
C ARG A 10 0.51 -14.82 -4.56
N ALA A 11 0.80 -15.25 -5.79
CA ALA A 11 2.17 -15.49 -6.21
C ALA A 11 2.96 -14.19 -6.21
N LEU A 12 2.26 -13.11 -6.54
CA LEU A 12 2.87 -11.78 -6.56
C LEU A 12 3.16 -11.33 -5.13
N VAL A 13 2.22 -11.60 -4.24
CA VAL A 13 2.35 -11.23 -2.84
C VAL A 13 3.55 -11.95 -2.22
N ALA A 14 3.66 -13.24 -2.48
CA ALA A 14 4.76 -14.05 -1.97
C ALA A 14 6.11 -13.51 -2.43
N ASP A 15 6.15 -13.00 -3.66
CA ASP A 15 7.38 -12.44 -4.22
C ASP A 15 7.83 -11.23 -3.42
N PHE A 16 6.91 -10.30 -3.20
CA PHE A 16 7.20 -9.08 -2.46
C PHE A 16 7.57 -9.41 -1.01
N VAL A 17 6.81 -10.30 -0.39
CA VAL A 17 7.08 -10.70 0.99
C VAL A 17 8.47 -11.33 1.10
N GLY A 18 8.76 -12.26 0.19
CA GLY A 18 10.05 -12.90 0.20
C GLY A 18 11.17 -11.93 -0.10
N TYR A 19 10.88 -10.99 -1.01
CA TYR A 19 11.85 -9.97 -1.39
C TYR A 19 12.18 -9.09 -0.20
N LYS A 20 11.13 -8.60 0.47
CA LYS A 20 11.28 -7.74 1.64
C LYS A 20 12.08 -8.43 2.73
N LEU A 21 11.84 -9.71 2.92
CA LEU A 21 12.55 -10.49 3.93
C LEU A 21 14.03 -10.61 3.57
N ARG A 22 14.33 -10.67 2.29
CA ARG A 22 15.70 -10.78 1.82
C ARG A 22 16.40 -9.42 1.81
N GLN A 23 15.62 -8.35 1.75
CA GLN A 23 16.18 -7.00 1.71
C GLN A 23 16.98 -6.69 2.97
N LYS A 24 16.64 -7.36 4.07
CA LYS A 24 17.34 -7.12 5.33
C LYS A 24 18.46 -8.14 5.55
N GLY A 25 18.68 -8.99 4.55
CA GLY A 25 19.72 -10.00 4.67
C GLY A 25 20.68 -9.98 3.51
N TYR A 26 20.15 -10.21 2.32
CA TYR A 26 20.96 -10.22 1.10
C TYR A 26 20.09 -9.93 -0.11
N VAL A 27 20.19 -8.72 -0.63
CA VAL A 27 19.40 -8.31 -1.78
C VAL A 27 19.84 -9.10 -3.02
N CYS A 28 18.89 -9.82 -3.60
CA CYS A 28 19.15 -10.63 -4.78
C CYS A 28 18.15 -10.32 -5.87
N GLY A 29 18.53 -9.48 -6.82
CA GLY A 29 17.65 -9.13 -7.90
C GLY A 29 18.36 -8.34 -8.96
N ALA A 30 17.74 -7.27 -9.41
CA ALA A 30 18.32 -6.43 -10.45
C ALA A 30 18.05 -4.96 -10.15
N GLY A 31 18.62 -4.08 -10.94
CA GLY A 31 18.43 -2.66 -10.75
C GLY A 31 17.76 -2.03 -11.95
N PRO A 32 16.42 -2.09 -12.03
CA PRO A 32 15.66 -1.53 -13.15
C PRO A 32 15.74 0.00 -13.16
N GLY A 33 16.61 0.53 -14.01
CA GLY A 33 16.77 1.96 -14.11
C GLY A 33 16.15 2.49 -15.38
N GLU A 34 16.53 1.89 -16.49
CA GLU A 34 16.01 2.29 -17.80
C GLU A 34 15.69 1.07 -18.64
N GLY A 35 14.46 0.61 -18.54
CA GLY A 35 14.04 -0.54 -19.30
C GLY A 35 12.53 -0.69 -19.31
N PRO A 36 11.89 -0.36 -20.43
CA PRO A 36 10.43 -0.46 -20.58
C PRO A 36 9.93 -1.88 -20.31
N ALA A 37 9.21 -2.04 -19.21
CA ALA A 37 8.67 -3.34 -18.84
C ALA A 37 7.18 -3.38 -19.11
N ALA A 38 6.71 -4.52 -19.61
CA ALA A 38 5.31 -4.70 -19.91
C ALA A 38 4.51 -4.85 -18.63
N ASP A 39 5.10 -5.49 -17.63
CA ASP A 39 4.44 -5.69 -16.35
C ASP A 39 4.84 -4.61 -15.36
N PRO A 40 3.90 -3.74 -14.97
CA PRO A 40 4.17 -2.68 -14.01
C PRO A 40 3.81 -3.08 -12.58
N LEU A 41 3.30 -4.29 -12.41
CA LEU A 41 2.88 -4.77 -11.09
C LEU A 41 4.06 -4.89 -10.13
N HIS A 42 5.15 -5.45 -10.59
CA HIS A 42 6.34 -5.61 -9.74
C HIS A 42 6.87 -4.27 -9.29
N GLN A 43 6.71 -3.25 -10.14
CA GLN A 43 7.15 -1.91 -9.81
C GLN A 43 6.14 -1.23 -8.90
N ALA A 44 4.87 -1.37 -9.24
CA ALA A 44 3.79 -0.78 -8.47
C ALA A 44 3.74 -1.32 -7.04
N MET A 45 3.90 -2.63 -6.90
CA MET A 45 3.89 -3.27 -5.58
C MET A 45 5.01 -2.71 -4.72
N ARG A 46 6.15 -2.44 -5.35
CA ARG A 46 7.30 -1.88 -4.67
C ARG A 46 7.04 -0.42 -4.36
N ALA A 47 6.46 0.29 -5.33
CA ALA A 47 6.14 1.70 -5.19
C ALA A 47 5.19 1.96 -4.04
N ALA A 48 4.14 1.14 -3.95
CA ALA A 48 3.14 1.27 -2.89
C ALA A 48 3.77 1.23 -1.51
N GLY A 49 4.93 0.59 -1.38
CA GLY A 49 5.59 0.52 -0.11
C GLY A 49 7.01 1.06 -0.17
N ASP A 50 7.19 2.16 -0.91
CA ASP A 50 8.51 2.76 -1.03
C ASP A 50 8.46 4.20 -1.54
N GLU A 51 7.61 4.44 -2.53
CA GLU A 51 7.49 5.77 -3.14
C GLU A 51 7.20 6.86 -2.11
N PHE A 52 6.09 6.74 -1.40
CA PHE A 52 5.70 7.72 -0.40
C PHE A 52 6.77 7.88 0.68
N GLU A 53 7.56 6.84 0.91
CA GLU A 53 8.60 6.87 1.91
C GLU A 53 9.77 7.74 1.45
N THR A 54 10.21 7.52 0.21
CA THR A 54 11.31 8.29 -0.34
C THR A 54 10.93 9.78 -0.48
N ARG A 55 9.64 10.04 -0.56
CA ARG A 55 9.14 11.40 -0.69
C ARG A 55 8.94 12.04 0.68
N PHE A 56 8.71 11.23 1.70
CA PHE A 56 8.51 11.75 3.05
C PHE A 56 9.81 11.70 3.86
N ARG A 57 10.02 10.60 4.59
CA ARG A 57 11.20 10.44 5.43
C ARG A 57 11.17 9.09 6.15
N ARG A 58 10.18 8.92 7.02
CA ARG A 58 10.02 7.69 7.77
C ARG A 58 8.54 7.42 8.04
N THR A 59 7.77 7.40 6.97
CA THR A 59 6.34 7.16 7.05
C THR A 59 6.05 5.77 7.59
N PHE A 60 6.95 4.82 7.32
CA PHE A 60 6.79 3.45 7.79
C PHE A 60 6.72 3.43 9.32
N SER A 61 7.54 4.26 9.95
CA SER A 61 7.57 4.36 11.39
C SER A 61 6.51 5.33 11.89
N ASP A 62 6.34 6.43 11.15
CA ASP A 62 5.36 7.45 11.49
C ASP A 62 3.95 6.89 11.50
N LEU A 63 3.64 6.04 10.52
CA LEU A 63 2.32 5.41 10.43
C LEU A 63 2.03 4.60 11.68
N ALA A 64 3.05 3.91 12.17
CA ALA A 64 2.91 3.11 13.37
C ALA A 64 2.82 4.00 14.60
N ALA A 65 3.67 5.02 14.64
CA ALA A 65 3.71 5.97 15.74
C ALA A 65 2.37 6.67 15.92
N GLN A 66 1.81 7.17 14.83
CA GLN A 66 0.53 7.88 14.88
C GLN A 66 -0.59 6.92 15.28
N LEU A 67 -0.48 5.67 14.84
CA LEU A 67 -1.48 4.66 15.17
C LEU A 67 -1.41 4.29 16.65
N HIS A 68 -0.24 4.50 17.24
CA HIS A 68 -0.02 4.19 18.65
C HIS A 68 -0.58 5.31 19.53
N VAL A 69 -0.90 6.44 18.91
CA VAL A 69 -1.47 7.58 19.62
C VAL A 69 -2.94 7.28 19.90
N THR A 70 -3.53 6.51 19.02
CA THR A 70 -4.92 6.11 19.13
C THR A 70 -5.03 4.75 19.84
N PRO A 71 -6.21 4.42 20.37
CA PRO A 71 -6.45 3.14 21.05
C PRO A 71 -6.50 1.97 20.07
N GLY A 72 -5.34 1.63 19.51
CA GLY A 72 -5.26 0.54 18.56
C GLY A 72 -5.19 -0.81 19.24
N SER A 73 -4.78 -1.82 18.49
CA SER A 73 -4.67 -3.19 19.01
C SER A 73 -3.60 -3.95 18.24
N ALA A 74 -3.92 -5.17 17.81
CA ALA A 74 -2.97 -5.99 17.06
C ALA A 74 -3.23 -5.91 15.56
N GLN A 75 -2.74 -6.91 14.85
CA GLN A 75 -2.89 -7.00 13.40
C GLN A 75 -4.34 -6.83 12.96
N GLN A 76 -5.26 -7.47 13.66
CA GLN A 76 -6.68 -7.42 13.33
C GLN A 76 -7.17 -5.98 13.26
N ARG A 77 -6.77 -5.17 14.22
CA ARG A 77 -7.17 -3.76 14.27
C ARG A 77 -6.46 -2.96 13.18
N PHE A 78 -5.19 -3.30 12.93
CA PHE A 78 -4.40 -2.61 11.93
C PHE A 78 -4.95 -2.83 10.53
N THR A 79 -5.26 -4.08 10.19
CA THR A 79 -5.79 -4.39 8.88
C THR A 79 -7.20 -3.82 8.71
N GLN A 80 -7.99 -3.89 9.79
CA GLN A 80 -9.36 -3.40 9.76
C GLN A 80 -9.42 -1.89 9.58
N VAL A 81 -8.42 -1.18 10.10
CA VAL A 81 -8.38 0.27 9.99
C VAL A 81 -7.97 0.69 8.58
N SER A 82 -7.50 -0.26 7.78
CA SER A 82 -7.09 0.01 6.42
C SER A 82 -8.29 -0.08 5.48
N ASP A 83 -9.08 -1.14 5.64
CA ASP A 83 -10.24 -1.36 4.79
C ASP A 83 -11.44 -0.52 5.26
N GLU A 84 -11.33 0.04 6.46
CA GLU A 84 -12.38 0.87 7.04
C GLU A 84 -12.65 2.09 6.16
N LEU A 85 -11.59 2.71 5.66
CA LEU A 85 -11.71 3.90 4.83
C LEU A 85 -11.64 3.53 3.34
N PHE A 86 -11.24 2.30 3.05
CA PHE A 86 -11.12 1.85 1.67
C PHE A 86 -12.51 1.73 1.03
N GLN A 87 -13.52 1.52 1.86
CA GLN A 87 -14.90 1.39 1.38
C GLN A 87 -15.42 2.73 0.87
N GLY A 88 -14.64 3.78 1.10
CA GLY A 88 -15.03 5.10 0.65
C GLY A 88 -14.55 5.39 -0.76
N GLY A 89 -13.72 4.51 -1.29
CA GLY A 89 -13.21 4.69 -2.63
C GLY A 89 -11.72 4.41 -2.74
N PRO A 90 -11.30 3.66 -3.77
CA PRO A 90 -9.90 3.33 -3.99
C PRO A 90 -9.13 4.48 -4.63
N ASN A 91 -8.93 5.55 -3.86
CA ASN A 91 -8.22 6.73 -4.34
C ASN A 91 -6.74 6.42 -4.56
N TRP A 92 -6.01 7.37 -5.15
CA TRP A 92 -4.59 7.23 -5.46
C TRP A 92 -3.78 6.68 -4.28
N GLY A 93 -3.60 7.50 -3.25
CA GLY A 93 -2.83 7.07 -2.10
C GLY A 93 -3.62 6.20 -1.16
N ARG A 94 -4.94 6.20 -1.32
CA ARG A 94 -5.81 5.39 -0.48
C ARG A 94 -5.49 3.91 -0.68
N LEU A 95 -5.34 3.51 -1.93
CA LEU A 95 -5.01 2.13 -2.26
C LEU A 95 -3.59 1.83 -1.80
N VAL A 96 -2.70 2.82 -1.95
CA VAL A 96 -1.31 2.70 -1.55
C VAL A 96 -1.20 2.45 -0.05
N ALA A 97 -1.82 3.32 0.73
CA ALA A 97 -1.80 3.22 2.20
C ALA A 97 -2.40 1.91 2.67
N PHE A 98 -3.53 1.52 2.08
CA PHE A 98 -4.20 0.27 2.44
C PHE A 98 -3.31 -0.93 2.16
N PHE A 99 -2.64 -0.90 1.01
CA PHE A 99 -1.77 -1.98 0.60
C PHE A 99 -0.50 -2.05 1.45
N VAL A 100 0.15 -0.91 1.64
CA VAL A 100 1.38 -0.85 2.41
C VAL A 100 1.15 -1.15 3.89
N PHE A 101 -0.02 -0.79 4.41
CA PHE A 101 -0.33 -1.02 5.82
C PHE A 101 -0.22 -2.51 6.13
N GLY A 102 -0.93 -3.33 5.37
CA GLY A 102 -0.90 -4.75 5.57
C GLY A 102 0.47 -5.33 5.29
N ALA A 103 1.09 -4.89 4.21
CA ALA A 103 2.42 -5.37 3.82
C ALA A 103 3.46 -5.07 4.89
N ALA A 104 3.39 -3.89 5.48
CA ALA A 104 4.34 -3.48 6.51
C ALA A 104 4.16 -4.32 7.77
N LEU A 105 2.92 -4.50 8.19
CA LEU A 105 2.62 -5.27 9.38
C LEU A 105 2.96 -6.75 9.17
N CYS A 106 2.63 -7.26 7.99
CA CYS A 106 2.93 -8.65 7.67
C CYS A 106 4.43 -8.90 7.64
N ALA A 107 5.16 -8.00 6.98
CA ALA A 107 6.62 -8.11 6.91
C ALA A 107 7.23 -8.09 8.31
N GLU A 108 6.62 -7.30 9.18
CA GLU A 108 7.07 -7.19 10.56
C GLU A 108 6.85 -8.52 11.27
N SER A 109 5.68 -9.10 11.05
CA SER A 109 5.34 -10.38 11.67
C SER A 109 6.23 -11.49 11.12
N VAL A 110 6.55 -11.41 9.83
CA VAL A 110 7.41 -12.39 9.18
C VAL A 110 8.81 -12.37 9.80
N ASN A 111 9.32 -11.16 10.01
CA ASN A 111 10.65 -10.97 10.60
C ASN A 111 10.67 -11.41 12.06
N LYS A 112 9.50 -11.43 12.67
CA LYS A 112 9.38 -11.82 14.08
C LYS A 112 9.01 -13.29 14.22
N GLU A 113 9.14 -14.03 13.12
CA GLU A 113 8.85 -15.46 13.07
C GLU A 113 7.39 -15.75 13.46
N MET A 114 6.47 -14.98 12.89
CA MET A 114 5.06 -15.16 13.14
C MET A 114 4.31 -15.34 11.82
N GLU A 115 4.73 -16.34 11.06
CA GLU A 115 4.14 -16.66 9.77
C GLU A 115 2.66 -17.00 9.92
N VAL A 116 2.32 -17.54 11.09
CA VAL A 116 0.95 -17.94 11.39
C VAL A 116 -0.01 -16.76 11.24
N LEU A 117 0.32 -15.64 11.89
CA LEU A 117 -0.51 -14.45 11.83
C LEU A 117 -0.48 -13.84 10.44
N VAL A 118 0.68 -13.90 9.78
CA VAL A 118 0.85 -13.36 8.44
C VAL A 118 -0.12 -14.02 7.47
N GLY A 119 -0.23 -15.34 7.55
CA GLY A 119 -1.12 -16.08 6.69
C GLY A 119 -2.57 -15.75 6.96
N GLN A 120 -2.90 -15.57 8.24
CA GLN A 120 -4.25 -15.23 8.64
C GLN A 120 -4.66 -13.88 8.07
N VAL A 121 -3.78 -12.89 8.24
CA VAL A 121 -4.04 -11.54 7.74
C VAL A 121 -4.19 -11.56 6.23
N GLN A 122 -3.31 -12.29 5.55
CA GLN A 122 -3.36 -12.39 4.10
C GLN A 122 -4.67 -13.03 3.65
N GLU A 123 -5.08 -14.09 4.33
CA GLU A 123 -6.32 -14.77 4.00
C GLU A 123 -7.50 -13.82 4.12
N TRP A 124 -7.55 -13.08 5.21
CA TRP A 124 -8.62 -12.12 5.45
C TRP A 124 -8.61 -11.02 4.39
N MET A 125 -7.42 -10.50 4.09
CA MET A 125 -7.25 -9.45 3.11
C MET A 125 -7.74 -9.88 1.72
N VAL A 126 -7.25 -11.02 1.26
CA VAL A 126 -7.62 -11.54 -0.06
C VAL A 126 -9.12 -11.85 -0.11
N ALA A 127 -9.63 -12.48 0.95
CA ALA A 127 -11.04 -12.83 1.01
C ALA A 127 -11.91 -11.59 0.93
N TYR A 128 -11.53 -10.55 1.68
CA TYR A 128 -12.27 -9.29 1.69
C TYR A 128 -12.33 -8.68 0.30
N LEU A 129 -11.22 -8.78 -0.42
CA LEU A 129 -11.12 -8.24 -1.77
C LEU A 129 -12.11 -8.95 -2.71
N GLU A 130 -12.36 -10.23 -2.45
CA GLU A 130 -13.25 -11.00 -3.29
C GLU A 130 -14.67 -11.04 -2.68
N THR A 131 -14.85 -10.40 -1.54
CA THR A 131 -16.14 -10.38 -0.88
C THR A 131 -16.85 -9.04 -1.03
N ARG A 132 -16.27 -7.98 -0.47
CA ARG A 132 -16.90 -6.67 -0.51
C ARG A 132 -16.25 -5.75 -1.54
N LEU A 133 -15.01 -6.04 -1.92
CA LEU A 133 -14.31 -5.21 -2.88
C LEU A 133 -14.31 -5.84 -4.27
N ALA A 134 -15.16 -6.83 -4.47
CA ALA A 134 -15.25 -7.53 -5.74
C ALA A 134 -15.63 -6.58 -6.87
N ASP A 135 -16.70 -5.83 -6.66
CA ASP A 135 -17.17 -4.87 -7.65
C ASP A 135 -16.17 -3.74 -7.84
N TRP A 136 -15.61 -3.28 -6.72
CA TRP A 136 -14.62 -2.19 -6.75
C TRP A 136 -13.43 -2.58 -7.63
N ILE A 137 -12.87 -3.75 -7.35
CA ILE A 137 -11.74 -4.25 -8.10
C ILE A 137 -12.12 -4.45 -9.57
N HIS A 138 -13.34 -4.93 -9.79
CA HIS A 138 -13.83 -5.17 -11.15
C HIS A 138 -13.96 -3.86 -11.92
N SER A 139 -14.36 -2.80 -11.23
CA SER A 139 -14.51 -1.49 -11.86
C SER A 139 -13.15 -0.86 -12.17
N SER A 140 -12.18 -1.13 -11.30
CA SER A 140 -10.84 -0.60 -11.48
C SER A 140 -10.01 -1.49 -12.40
N GLY A 141 -10.59 -2.62 -12.80
CA GLY A 141 -9.89 -3.55 -13.66
C GLY A 141 -8.69 -4.13 -12.96
N GLY A 142 -8.87 -4.47 -11.69
CA GLY A 142 -7.79 -5.02 -10.91
C GLY A 142 -6.81 -3.94 -10.50
N TRP A 143 -5.70 -3.85 -11.21
CA TRP A 143 -4.69 -2.84 -10.93
C TRP A 143 -4.50 -1.95 -12.15
N ALA A 144 -5.44 -2.04 -13.08
CA ALA A 144 -5.38 -1.27 -14.32
C ALA A 144 -5.47 0.23 -14.06
N GLU A 145 -6.38 0.65 -13.20
CA GLU A 145 -6.54 2.07 -12.90
C GLU A 145 -5.44 2.55 -11.94
N PHE A 146 -4.79 1.61 -11.27
CA PHE A 146 -3.73 1.95 -10.32
C PHE A 146 -2.56 2.61 -11.03
N THR A 147 -2.32 2.21 -12.28
CA THR A 147 -1.25 2.78 -13.09
C THR A 147 -1.36 4.30 -13.17
N ALA A 148 -2.60 4.78 -13.27
CA ALA A 148 -2.85 6.22 -13.35
C ALA A 148 -2.93 6.84 -11.96
N LEU A 149 -3.36 6.02 -10.99
CA LEU A 149 -3.49 6.48 -9.61
C LEU A 149 -2.17 7.05 -9.09
N TYR A 150 -1.11 6.28 -9.19
CA TYR A 150 0.20 6.73 -8.72
C TYR A 150 1.05 7.20 -9.89
N GLY A 151 0.42 7.34 -11.05
CA GLY A 151 1.12 7.79 -12.24
C GLY A 151 1.06 9.29 -12.41
N ASP A 152 0.83 9.98 -11.31
CA ASP A 152 0.74 11.44 -11.31
C ASP A 152 1.15 11.99 -9.95
N GLY A 153 1.09 13.31 -9.82
CA GLY A 153 1.46 13.96 -8.59
C GLY A 153 1.71 15.43 -8.79
N ALA A 154 2.28 15.79 -9.94
CA ALA A 154 2.57 17.17 -10.25
C ALA A 154 1.53 17.74 -11.22
N LEU A 155 1.05 16.91 -12.12
CA LEU A 155 0.04 17.34 -13.10
C LEU A 155 -1.34 17.33 -12.45
N GLU A 156 -1.51 16.47 -11.46
CA GLU A 156 -2.76 16.35 -10.73
C GLU A 156 -3.02 17.64 -9.95
N GLU A 157 -4.29 18.03 -9.85
CA GLU A 157 -4.65 19.24 -9.12
C GLU A 157 -6.04 19.10 -8.50
N ALA A 158 -6.31 17.92 -7.97
CA ALA A 158 -7.59 17.65 -7.33
C ALA A 158 -7.46 17.92 -5.84
N ARG A 159 -6.26 17.66 -5.32
CA ARG A 159 -5.95 17.90 -3.92
C ARG A 159 -4.47 18.21 -3.78
N ARG A 160 -3.80 18.41 -4.92
CA ARG A 160 -2.38 18.71 -4.96
C ARG A 160 -2.08 19.97 -4.18
N LEU A 161 -2.50 21.11 -4.72
CA LEU A 161 -2.27 22.38 -4.05
C LEU A 161 -3.43 22.70 -3.13
N ARG A 162 -3.80 21.73 -2.30
CA ARG A 162 -4.90 21.90 -1.38
C ARG A 162 -4.39 21.82 0.06
N GLU A 163 -4.41 22.96 0.73
CA GLU A 163 -3.93 23.04 2.10
C GLU A 163 -5.10 23.20 3.07
N GLY A 164 -4.86 22.85 4.32
CA GLY A 164 -5.88 22.94 5.34
C GLY A 164 -5.81 21.79 6.31
N ASN A 165 -5.70 20.59 5.76
CA ASN A 165 -5.60 19.38 6.57
C ASN A 165 -4.84 18.30 5.80
N TRP A 166 -3.75 17.84 6.39
CA TRP A 166 -2.91 16.82 5.75
C TRP A 166 -2.90 15.53 6.56
N ALA A 167 -2.98 15.63 7.87
CA ALA A 167 -2.95 14.46 8.73
C ALA A 167 -4.28 14.26 9.47
N SER A 168 -4.64 15.24 10.29
CA SER A 168 -5.86 15.18 11.08
C SER A 168 -6.06 16.50 11.82
N VAL A 169 -5.13 16.81 12.71
CA VAL A 169 -5.17 18.04 13.48
C VAL A 169 -4.44 19.15 12.72
N ARG A 170 -3.85 18.76 11.61
CA ARG A 170 -3.10 19.66 10.76
C ARG A 170 -3.18 19.14 9.33
N ILE B 1 -15.01 0.09 12.84
CA ILE B 1 -14.30 0.75 13.95
C ILE B 1 -14.31 2.26 13.78
N ILE B 2 -13.41 2.94 14.49
CA ILE B 2 -13.30 4.38 14.42
C ILE B 2 -12.76 4.83 13.06
N LYS B 3 -13.65 5.38 12.25
CA LYS B 3 -13.31 5.84 10.91
C LYS B 3 -12.27 6.96 10.94
N ASN B 4 -12.31 7.79 11.98
CA ASN B 4 -11.39 8.90 12.13
C ASN B 4 -9.93 8.44 11.98
N ILE B 5 -9.60 7.30 12.58
CA ILE B 5 -8.25 6.76 12.51
C ILE B 5 -7.95 6.29 11.09
N ALA B 6 -8.92 5.63 10.47
CA ALA B 6 -8.78 5.13 9.11
C ALA B 6 -8.55 6.28 8.13
N ARG B 7 -9.35 7.32 8.29
CA ARG B 7 -9.25 8.51 7.45
C ARG B 7 -7.90 9.19 7.68
N HIS B 8 -7.45 9.14 8.93
CA HIS B 8 -6.18 9.74 9.33
C HIS B 8 -5.02 9.16 8.51
N LEU B 9 -4.93 7.84 8.44
CA LEU B 9 -3.86 7.19 7.68
C LEU B 9 -4.10 7.29 6.18
N ALA B 10 -5.36 7.20 5.78
CA ALA B 10 -5.71 7.28 4.35
C ALA B 10 -5.31 8.63 3.77
N GLN B 11 -5.67 9.70 4.48
CA GLN B 11 -5.36 11.05 4.02
C GLN B 11 -3.84 11.28 4.00
N VAL B 12 -3.15 10.76 5.02
CA VAL B 12 -1.71 10.91 5.10
C VAL B 12 -1.03 10.20 3.93
N GLY B 13 -1.37 8.94 3.73
CA GLY B 13 -0.78 8.16 2.64
C GLY B 13 -1.11 8.72 1.28
N ASP B 14 -2.34 9.16 1.11
CA ASP B 14 -2.80 9.71 -0.17
C ASP B 14 -2.06 11.00 -0.52
N SER B 15 -2.11 11.96 0.39
CA SER B 15 -1.47 13.25 0.18
C SER B 15 0.05 13.15 0.12
N MET B 16 0.63 12.24 0.89
CA MET B 16 2.08 12.10 0.93
C MET B 16 2.62 11.45 -0.34
N ASP B 17 2.03 10.34 -0.76
CA ASP B 17 2.50 9.65 -1.95
C ASP B 17 2.29 10.50 -3.19
N ARG B 18 1.16 11.17 -3.28
CA ARG B 18 0.88 12.03 -4.42
C ARG B 18 1.69 13.33 -4.30
N SER B 19 2.09 13.64 -3.07
CA SER B 19 2.90 14.82 -2.76
C SER B 19 2.24 16.13 -3.20
N ILE B 20 3.04 17.19 -3.24
CA ILE B 20 2.58 18.51 -3.65
C ILE B 20 3.70 19.22 -4.39
N ALA A 1 -6.14 -8.46 -29.91
CA ALA A 1 -4.92 -8.89 -29.19
C ALA A 1 -5.17 -8.95 -27.69
N THR A 2 -5.07 -10.14 -27.13
CA THR A 2 -5.28 -10.33 -25.70
C THR A 2 -4.15 -11.15 -25.08
N PRO A 3 -3.32 -10.51 -24.25
CA PRO A 3 -2.21 -11.19 -23.58
C PRO A 3 -2.69 -12.15 -22.51
N ALA A 4 -2.13 -13.35 -22.49
CA ALA A 4 -2.51 -14.36 -21.51
C ALA A 4 -1.51 -14.40 -20.37
N SER A 5 -1.96 -14.04 -19.17
CA SER A 5 -1.12 -14.03 -17.99
C SER A 5 -0.76 -15.46 -17.55
N ALA A 6 0.53 -15.75 -17.53
CA ALA A 6 1.01 -17.06 -17.13
C ALA A 6 1.23 -17.14 -15.61
N PRO A 7 1.99 -16.19 -15.01
CA PRO A 7 2.24 -16.21 -13.56
C PRO A 7 0.96 -16.04 -12.76
N ASP A 8 0.82 -16.83 -11.71
CA ASP A 8 -0.36 -16.77 -10.85
C ASP A 8 -0.34 -15.51 -9.99
N THR A 9 -1.52 -15.07 -9.58
CA THR A 9 -1.67 -13.87 -8.78
C THR A 9 -1.00 -14.02 -7.42
N ARG A 10 -1.01 -15.23 -6.86
CA ARG A 10 -0.40 -15.49 -5.56
C ARG A 10 1.11 -15.48 -5.70
N ALA A 11 1.60 -15.80 -6.89
CA ALA A 11 3.02 -15.82 -7.17
C ALA A 11 3.60 -14.43 -7.02
N LEU A 12 2.84 -13.43 -7.45
CA LEU A 12 3.27 -12.04 -7.36
C LEU A 12 3.44 -11.66 -5.89
N VAL A 13 2.47 -12.07 -5.07
CA VAL A 13 2.51 -11.80 -3.64
C VAL A 13 3.72 -12.49 -3.01
N ALA A 14 3.94 -13.74 -3.39
CA ALA A 14 5.05 -14.53 -2.87
C ALA A 14 6.38 -13.90 -3.27
N ASP A 15 6.44 -13.36 -4.48
CA ASP A 15 7.65 -12.72 -4.98
C ASP A 15 7.92 -11.44 -4.21
N PHE A 16 6.87 -10.67 -3.97
CA PHE A 16 6.98 -9.42 -3.23
C PHE A 16 7.46 -9.69 -1.81
N VAL A 17 6.79 -10.60 -1.12
CA VAL A 17 7.15 -10.95 0.25
C VAL A 17 8.56 -11.54 0.28
N GLY A 18 8.83 -12.46 -0.64
CA GLY A 18 10.14 -13.08 -0.71
C GLY A 18 11.23 -12.07 -0.98
N TYR A 19 10.97 -11.14 -1.90
CA TYR A 19 11.93 -10.11 -2.23
C TYR A 19 12.19 -9.22 -1.03
N LYS A 20 11.12 -8.82 -0.35
CA LYS A 20 11.23 -7.97 0.84
C LYS A 20 12.05 -8.67 1.92
N LEU A 21 11.91 -9.99 1.99
CA LEU A 21 12.64 -10.78 2.97
C LEU A 21 14.12 -10.83 2.60
N ARG A 22 14.41 -10.65 1.33
CA ARG A 22 15.78 -10.67 0.85
C ARG A 22 16.41 -9.29 0.98
N GLN A 23 15.61 -8.25 0.77
CA GLN A 23 16.10 -6.88 0.85
C GLN A 23 16.55 -6.54 2.27
N LYS A 24 16.01 -7.23 3.27
CA LYS A 24 16.38 -6.99 4.65
C LYS A 24 17.64 -7.77 5.01
N GLY A 25 18.13 -8.58 4.08
CA GLY A 25 19.33 -9.36 4.32
C GLY A 25 20.30 -9.25 3.18
N TYR A 26 20.15 -10.13 2.20
CA TYR A 26 21.01 -10.15 1.04
C TYR A 26 20.22 -9.77 -0.21
N VAL A 27 20.30 -8.50 -0.60
CA VAL A 27 19.59 -7.99 -1.76
C VAL A 27 20.08 -8.69 -3.04
N CYS A 28 19.18 -9.43 -3.67
CA CYS A 28 19.50 -10.13 -4.90
C CYS A 28 18.50 -9.79 -5.99
N GLY A 29 18.88 -8.86 -6.86
CA GLY A 29 18.02 -8.45 -7.94
C GLY A 29 18.68 -7.43 -8.83
N ALA A 30 18.11 -7.22 -10.01
CA ALA A 30 18.66 -6.26 -10.96
C ALA A 30 17.85 -4.98 -10.93
N GLY A 31 18.54 -3.86 -10.69
CA GLY A 31 17.88 -2.58 -10.64
C GLY A 31 17.44 -2.09 -12.00
N PRO A 32 16.14 -1.84 -12.20
CA PRO A 32 15.60 -1.36 -13.46
C PRO A 32 15.58 0.16 -13.51
N GLY A 33 16.50 0.73 -14.29
CA GLY A 33 16.60 2.17 -14.39
C GLY A 33 15.94 2.71 -15.64
N GLU A 34 16.55 2.44 -16.79
CA GLU A 34 16.03 2.92 -18.06
C GLU A 34 15.72 1.75 -18.99
N GLY A 35 14.77 0.93 -18.59
CA GLY A 35 14.40 -0.21 -19.39
C GLY A 35 12.90 -0.46 -19.38
N PRO A 36 12.19 -0.01 -20.43
CA PRO A 36 10.74 -0.19 -20.53
C PRO A 36 10.33 -1.65 -20.42
N ALA A 37 9.70 -1.99 -19.31
CA ALA A 37 9.26 -3.35 -19.06
C ALA A 37 7.78 -3.49 -19.38
N ALA A 38 7.42 -4.60 -20.02
CA ALA A 38 6.04 -4.87 -20.37
C ALA A 38 5.21 -5.20 -19.14
N ASP A 39 5.89 -5.69 -18.10
CA ASP A 39 5.23 -6.03 -16.86
C ASP A 39 5.28 -4.87 -15.87
N PRO A 40 4.15 -4.20 -15.66
CA PRO A 40 4.04 -3.09 -14.73
C PRO A 40 3.53 -3.55 -13.37
N LEU A 41 3.12 -4.82 -13.27
CA LEU A 41 2.58 -5.37 -12.05
C LEU A 41 3.62 -5.41 -10.93
N HIS A 42 4.79 -5.98 -11.22
CA HIS A 42 5.83 -6.08 -10.21
C HIS A 42 6.33 -4.70 -9.80
N GLN A 43 6.42 -3.79 -10.76
CA GLN A 43 6.86 -2.43 -10.48
C GLN A 43 5.83 -1.68 -9.64
N ALA A 44 4.56 -1.85 -9.99
CA ALA A 44 3.47 -1.21 -9.26
C ALA A 44 3.40 -1.77 -7.86
N MET A 45 3.59 -3.08 -7.74
CA MET A 45 3.58 -3.76 -6.45
C MET A 45 4.72 -3.24 -5.58
N ARG A 46 5.89 -3.09 -6.19
CA ARG A 46 7.06 -2.58 -5.50
C ARG A 46 6.77 -1.15 -5.05
N ALA A 47 6.23 -0.36 -5.95
CA ALA A 47 5.90 1.03 -5.69
C ALA A 47 4.91 1.16 -4.53
N ALA A 48 3.92 0.27 -4.49
CA ALA A 48 2.91 0.28 -3.44
C ALA A 48 3.54 0.21 -2.06
N GLY A 49 4.60 -0.57 -1.92
CA GLY A 49 5.25 -0.70 -0.64
C GLY A 49 6.60 -0.02 -0.60
N ASP A 50 6.76 1.02 -1.42
CA ASP A 50 8.03 1.75 -1.48
C ASP A 50 7.81 3.25 -1.68
N GLU A 51 7.01 3.61 -2.68
CA GLU A 51 6.74 5.02 -2.98
C GLU A 51 5.99 5.66 -1.82
N PHE A 52 5.10 4.87 -1.19
CA PHE A 52 4.30 5.35 -0.07
C PHE A 52 5.18 5.65 1.14
N GLU A 53 6.45 5.23 1.06
CA GLU A 53 7.41 5.46 2.13
C GLU A 53 8.42 6.52 1.69
N THR A 54 8.98 6.34 0.51
CA THR A 54 9.97 7.28 -0.01
C THR A 54 9.37 8.67 -0.25
N ARG A 55 8.08 8.72 -0.61
CA ARG A 55 7.42 9.99 -0.86
C ARG A 55 6.71 10.47 0.40
N PHE A 56 6.97 9.80 1.50
CA PHE A 56 6.38 10.14 2.78
C PHE A 56 7.43 10.79 3.68
N ARG A 57 8.22 9.93 4.33
CA ARG A 57 9.27 10.34 5.25
C ARG A 57 9.71 9.11 6.02
N ARG A 58 8.79 8.60 6.82
CA ARG A 58 9.00 7.42 7.63
C ARG A 58 7.66 6.74 7.88
N THR A 59 7.12 6.14 6.86
CA THR A 59 5.83 5.45 6.93
C THR A 59 5.89 4.29 7.92
N PHE A 60 7.00 3.55 7.86
CA PHE A 60 7.17 2.40 8.74
C PHE A 60 7.73 2.82 10.10
N SER A 61 7.56 4.09 10.45
CA SER A 61 8.05 4.59 11.73
C SER A 61 7.23 5.80 12.23
N ASP A 62 7.48 6.96 11.64
CA ASP A 62 6.80 8.20 12.03
C ASP A 62 5.28 8.08 11.93
N LEU A 63 4.80 7.49 10.83
CA LEU A 63 3.37 7.31 10.63
C LEU A 63 2.80 6.40 11.71
N ALA A 64 3.50 5.32 12.01
CA ALA A 64 3.06 4.37 13.03
C ALA A 64 3.09 5.02 14.41
N ALA A 65 4.07 5.90 14.63
CA ALA A 65 4.20 6.59 15.91
C ALA A 65 3.08 7.60 16.12
N GLN A 66 2.75 8.36 15.09
CA GLN A 66 1.70 9.36 15.19
C GLN A 66 0.32 8.69 15.19
N LEU A 67 0.23 7.51 14.61
CA LEU A 67 -1.02 6.78 14.57
C LEU A 67 -1.20 5.98 15.86
N HIS A 68 -0.10 5.80 16.58
CA HIS A 68 -0.13 5.06 17.84
C HIS A 68 -0.71 5.93 18.95
N VAL A 69 -0.82 7.23 18.68
CA VAL A 69 -1.37 8.16 19.65
C VAL A 69 -2.86 7.89 19.81
N THR A 70 -3.49 7.48 18.72
CA THR A 70 -4.90 7.16 18.72
C THR A 70 -5.12 5.76 19.32
N PRO A 71 -6.17 5.58 20.13
CA PRO A 71 -6.49 4.29 20.76
C PRO A 71 -6.75 3.20 19.74
N GLY A 72 -5.74 2.38 19.50
CA GLY A 72 -5.87 1.31 18.54
C GLY A 72 -5.94 -0.04 19.21
N SER A 73 -5.46 -1.06 18.52
CA SER A 73 -5.45 -2.43 19.02
C SER A 73 -4.39 -3.24 18.29
N ALA A 74 -4.54 -4.55 18.28
CA ALA A 74 -3.58 -5.43 17.62
C ALA A 74 -3.81 -5.45 16.10
N GLN A 75 -3.35 -6.53 15.46
CA GLN A 75 -3.47 -6.69 14.01
C GLN A 75 -4.90 -6.60 13.52
N GLN A 76 -5.85 -7.00 14.37
CA GLN A 76 -7.26 -6.97 14.00
C GLN A 76 -7.76 -5.54 13.81
N ARG A 77 -7.07 -4.58 14.41
CA ARG A 77 -7.45 -3.18 14.29
C ARG A 77 -6.85 -2.57 13.03
N PHE A 78 -5.64 -2.99 12.70
CA PHE A 78 -4.94 -2.47 11.52
C PHE A 78 -5.60 -2.96 10.23
N THR A 79 -6.16 -4.15 10.27
CA THR A 79 -6.80 -4.74 9.11
C THR A 79 -8.17 -4.11 8.84
N GLN A 80 -8.75 -3.49 9.86
CA GLN A 80 -10.06 -2.87 9.71
C GLN A 80 -9.97 -1.34 9.79
N VAL A 81 -8.76 -0.82 9.86
CA VAL A 81 -8.57 0.62 9.93
C VAL A 81 -8.18 1.18 8.56
N SER A 82 -7.81 0.29 7.67
CA SER A 82 -7.42 0.67 6.33
C SER A 82 -8.64 0.79 5.42
N ASP A 83 -9.57 -0.16 5.57
CA ASP A 83 -10.79 -0.17 4.77
C ASP A 83 -11.83 0.79 5.36
N GLU A 84 -11.57 1.21 6.60
CA GLU A 84 -12.44 2.13 7.32
C GLU A 84 -12.68 3.40 6.50
N LEU A 85 -11.62 3.91 5.89
CA LEU A 85 -11.70 5.12 5.08
C LEU A 85 -11.63 4.78 3.59
N PHE A 86 -12.16 3.62 3.24
CA PHE A 86 -12.17 3.16 1.86
C PHE A 86 -13.60 2.93 1.38
N GLN A 87 -14.44 2.43 2.29
CA GLN A 87 -15.84 2.13 1.97
C GLN A 87 -16.63 3.38 1.57
N GLY A 88 -16.24 4.53 2.11
CA GLY A 88 -16.92 5.77 1.79
C GLY A 88 -16.45 6.38 0.49
N GLY A 89 -15.53 5.71 -0.17
CA GLY A 89 -15.00 6.19 -1.42
C GLY A 89 -13.49 6.01 -1.50
N PRO A 90 -13.01 5.21 -2.45
CA PRO A 90 -11.59 4.96 -2.64
C PRO A 90 -10.83 6.21 -3.04
N ASN A 91 -9.52 6.17 -2.93
CA ASN A 91 -8.68 7.31 -3.28
C ASN A 91 -7.33 6.80 -3.80
N TRP A 92 -6.56 7.71 -4.38
CA TRP A 92 -5.25 7.39 -4.95
C TRP A 92 -4.38 6.59 -3.97
N GLY A 93 -4.06 7.19 -2.83
CA GLY A 93 -3.23 6.52 -1.86
C GLY A 93 -4.00 5.62 -0.92
N ARG A 94 -5.32 5.64 -1.05
CA ARG A 94 -6.17 4.80 -0.19
C ARG A 94 -5.92 3.33 -0.46
N LEU A 95 -5.87 2.98 -1.74
CA LEU A 95 -5.63 1.60 -2.15
C LEU A 95 -4.21 1.18 -1.78
N VAL A 96 -3.29 2.12 -1.94
CA VAL A 96 -1.89 1.87 -1.63
C VAL A 96 -1.71 1.64 -0.12
N ALA A 97 -2.41 2.44 0.68
CA ALA A 97 -2.35 2.34 2.13
C ALA A 97 -2.84 0.98 2.60
N PHE A 98 -3.90 0.49 1.97
CA PHE A 98 -4.47 -0.80 2.32
C PHE A 98 -3.44 -1.91 2.10
N PHE A 99 -2.64 -1.77 1.06
CA PHE A 99 -1.64 -2.75 0.72
C PHE A 99 -0.39 -2.58 1.59
N VAL A 100 0.09 -1.33 1.72
CA VAL A 100 1.28 -1.05 2.50
C VAL A 100 1.09 -1.43 3.97
N PHE A 101 -0.13 -1.28 4.48
CA PHE A 101 -0.44 -1.62 5.86
C PHE A 101 -0.26 -3.12 6.07
N GLY A 102 -0.88 -3.91 5.20
CA GLY A 102 -0.77 -5.35 5.30
C GLY A 102 0.65 -5.82 5.14
N ALA A 103 1.35 -5.25 4.16
CA ALA A 103 2.74 -5.62 3.89
C ALA A 103 3.63 -5.35 5.10
N ALA A 104 3.50 -4.16 5.68
CA ALA A 104 4.30 -3.78 6.84
C ALA A 104 3.99 -4.65 8.04
N LEU A 105 2.70 -4.82 8.32
CA LEU A 105 2.27 -5.62 9.46
C LEU A 105 2.71 -7.08 9.33
N CYS A 106 2.65 -7.61 8.11
CA CYS A 106 3.07 -8.99 7.85
C CYS A 106 4.59 -9.11 7.92
N ALA A 107 5.29 -8.15 7.32
CA ALA A 107 6.75 -8.16 7.33
C ALA A 107 7.28 -8.13 8.76
N GLU A 108 6.60 -7.38 9.62
CA GLU A 108 6.96 -7.28 11.01
C GLU A 108 6.79 -8.63 11.70
N SER A 109 5.66 -9.28 11.41
CA SER A 109 5.36 -10.58 11.98
C SER A 109 6.31 -11.66 11.47
N VAL A 110 6.56 -11.66 10.15
CA VAL A 110 7.46 -12.63 9.54
C VAL A 110 8.86 -12.53 10.16
N ASN A 111 9.27 -11.30 10.46
CA ASN A 111 10.58 -11.05 11.05
C ASN A 111 10.69 -11.70 12.43
N LYS A 112 9.55 -11.81 13.10
CA LYS A 112 9.50 -12.40 14.45
C LYS A 112 9.05 -13.86 14.38
N GLU A 113 9.14 -14.44 13.19
CA GLU A 113 8.76 -15.84 12.95
C GLU A 113 7.29 -16.09 13.30
N MET A 114 6.45 -15.11 13.07
CA MET A 114 5.03 -15.23 13.35
C MET A 114 4.26 -15.54 12.06
N GLU A 115 4.50 -16.72 11.50
CA GLU A 115 3.86 -17.14 10.26
C GLU A 115 2.37 -17.37 10.48
N VAL A 116 2.01 -17.73 11.70
CA VAL A 116 0.62 -17.99 12.06
C VAL A 116 -0.25 -16.75 11.81
N LEU A 117 0.19 -15.62 12.33
CA LEU A 117 -0.54 -14.37 12.19
C LEU A 117 -0.52 -13.89 10.73
N VAL A 118 0.63 -14.05 10.08
CA VAL A 118 0.78 -13.64 8.68
C VAL A 118 -0.22 -14.37 7.79
N GLY A 119 -0.35 -15.67 8.02
CA GLY A 119 -1.28 -16.48 7.24
C GLY A 119 -2.71 -15.98 7.38
N GLN A 120 -3.09 -15.66 8.62
CA GLN A 120 -4.43 -15.18 8.91
C GLN A 120 -4.69 -13.85 8.20
N VAL A 121 -3.77 -12.91 8.38
CA VAL A 121 -3.88 -11.58 7.77
C VAL A 121 -3.97 -11.67 6.25
N GLN A 122 -3.05 -12.44 5.66
CA GLN A 122 -3.02 -12.61 4.21
C GLN A 122 -4.33 -13.20 3.71
N GLU A 123 -4.80 -14.25 4.40
CA GLU A 123 -6.05 -14.91 4.03
C GLU A 123 -7.21 -13.93 4.13
N TRP A 124 -7.23 -13.15 5.21
CA TRP A 124 -8.28 -12.17 5.44
C TRP A 124 -8.32 -11.14 4.30
N MET A 125 -7.15 -10.63 3.94
CA MET A 125 -7.03 -9.65 2.87
C MET A 125 -7.59 -10.19 1.55
N VAL A 126 -7.13 -11.38 1.18
CA VAL A 126 -7.58 -12.01 -0.06
C VAL A 126 -9.09 -12.25 -0.04
N ALA A 127 -9.60 -12.69 1.11
CA ALA A 127 -11.02 -12.95 1.26
C ALA A 127 -11.81 -11.67 1.13
N TYR A 128 -11.42 -10.66 1.88
CA TYR A 128 -12.10 -9.36 1.86
C TYR A 128 -12.09 -8.76 0.46
N LEU A 129 -10.95 -8.86 -0.22
CA LEU A 129 -10.79 -8.31 -1.56
C LEU A 129 -11.75 -8.97 -2.56
N GLU A 130 -12.16 -10.20 -2.29
CA GLU A 130 -13.06 -10.90 -3.19
C GLU A 130 -14.47 -11.02 -2.60
N THR A 131 -14.69 -10.43 -1.44
CA THR A 131 -16.00 -10.50 -0.81
C THR A 131 -16.74 -9.18 -0.88
N ARG A 132 -16.09 -8.09 -0.48
CA ARG A 132 -16.74 -6.78 -0.48
C ARG A 132 -15.98 -5.78 -1.35
N LEU A 133 -14.73 -6.07 -1.63
CA LEU A 133 -13.92 -5.15 -2.44
C LEU A 133 -13.80 -5.63 -3.89
N ALA A 134 -14.49 -6.72 -4.21
CA ALA A 134 -14.45 -7.29 -5.55
C ALA A 134 -15.10 -6.35 -6.56
N ASP A 135 -16.21 -5.76 -6.17
CA ASP A 135 -16.93 -4.81 -7.02
C ASP A 135 -16.03 -3.64 -7.39
N TRP A 136 -15.24 -3.19 -6.41
CA TRP A 136 -14.32 -2.09 -6.61
C TRP A 136 -13.20 -2.49 -7.56
N ILE A 137 -12.53 -3.59 -7.23
CA ILE A 137 -11.42 -4.10 -8.03
C ILE A 137 -11.86 -4.36 -9.48
N HIS A 138 -13.08 -4.86 -9.64
CA HIS A 138 -13.63 -5.16 -10.95
C HIS A 138 -13.66 -3.91 -11.83
N SER A 139 -14.13 -2.81 -11.27
CA SER A 139 -14.22 -1.55 -12.00
C SER A 139 -12.84 -0.89 -12.13
N SER A 140 -12.01 -1.07 -11.11
CA SER A 140 -10.67 -0.50 -11.10
C SER A 140 -9.75 -1.29 -12.03
N GLY A 141 -10.28 -2.36 -12.62
CA GLY A 141 -9.49 -3.19 -13.51
C GLY A 141 -8.29 -3.79 -12.82
N GLY A 142 -8.50 -4.21 -11.58
CA GLY A 142 -7.43 -4.78 -10.81
C GLY A 142 -6.43 -3.72 -10.38
N TRP A 143 -5.38 -3.55 -11.17
CA TRP A 143 -4.37 -2.56 -10.90
C TRP A 143 -4.27 -1.58 -12.06
N ALA A 144 -5.30 -1.55 -12.88
CA ALA A 144 -5.35 -0.67 -14.06
C ALA A 144 -5.32 0.80 -13.65
N GLU A 145 -6.20 1.18 -12.74
CA GLU A 145 -6.25 2.56 -12.29
C GLU A 145 -5.14 2.84 -11.28
N PHE A 146 -4.63 1.77 -10.67
CA PHE A 146 -3.58 1.87 -9.67
C PHE A 146 -2.32 2.49 -10.26
N THR A 147 -1.97 2.09 -11.48
CA THR A 147 -0.80 2.63 -12.16
C THR A 147 -0.90 4.13 -12.33
N ALA A 148 -2.13 4.62 -12.53
CA ALA A 148 -2.36 6.04 -12.70
C ALA A 148 -2.38 6.75 -11.35
N LEU A 149 -2.87 6.05 -10.32
CA LEU A 149 -2.94 6.60 -8.97
C LEU A 149 -1.57 7.04 -8.48
N TYR A 150 -0.58 6.15 -8.60
CA TYR A 150 0.78 6.48 -8.17
C TYR A 150 1.53 7.19 -9.29
N GLY A 151 0.90 7.25 -10.45
CA GLY A 151 1.50 7.91 -11.60
C GLY A 151 1.37 9.42 -11.50
N ASP A 152 0.35 9.86 -10.77
CA ASP A 152 0.10 11.28 -10.57
C ASP A 152 0.24 11.62 -9.08
N GLY A 153 1.46 11.85 -8.65
CA GLY A 153 1.70 12.18 -7.26
C GLY A 153 2.82 13.17 -7.10
N ALA A 154 3.08 13.94 -8.14
CA ALA A 154 4.14 14.95 -8.09
C ALA A 154 3.56 16.34 -8.25
N LEU A 155 2.77 16.75 -7.26
CA LEU A 155 2.15 18.06 -7.28
C LEU A 155 3.12 19.13 -6.82
N GLU A 156 3.32 19.24 -5.51
CA GLU A 156 4.24 20.22 -4.97
C GLU A 156 5.47 19.53 -4.41
N GLU A 157 6.46 19.35 -5.26
CA GLU A 157 7.72 18.72 -4.88
C GLU A 157 8.84 19.74 -4.88
N ALA A 158 8.47 21.02 -4.85
CA ALA A 158 9.44 22.09 -4.86
C ALA A 158 9.77 22.58 -3.46
N ARG A 159 8.74 22.98 -2.72
CA ARG A 159 8.95 23.47 -1.36
C ARG A 159 8.65 22.39 -0.34
N ARG A 160 8.53 21.15 -0.80
CA ARG A 160 8.24 20.03 0.08
C ARG A 160 9.47 19.69 0.91
N LEU A 161 9.25 19.32 2.17
CA LEU A 161 10.34 18.99 3.08
C LEU A 161 11.12 17.75 2.61
N ARG A 162 12.39 17.95 2.30
CA ARG A 162 13.26 16.87 1.86
C ARG A 162 14.11 16.42 3.05
N GLU A 163 14.52 17.38 3.85
CA GLU A 163 15.34 17.15 5.03
C GLU A 163 15.33 18.39 5.91
N GLY A 164 15.97 18.33 7.06
CA GLY A 164 15.98 19.47 7.95
C GLY A 164 17.38 19.89 8.38
N ASN A 165 17.46 21.06 8.99
CA ASN A 165 18.71 21.59 9.49
C ASN A 165 18.67 21.62 11.01
N TRP A 166 19.78 21.29 11.65
CA TRP A 166 19.82 21.26 13.10
C TRP A 166 20.53 22.49 13.65
N ALA A 167 21.82 22.62 13.35
CA ALA A 167 22.60 23.76 13.83
C ALA A 167 23.64 24.20 12.82
N SER A 168 23.40 23.91 11.55
CA SER A 168 24.33 24.30 10.51
C SER A 168 23.89 25.61 9.85
N VAL A 169 24.82 26.30 9.20
CA VAL A 169 24.51 27.57 8.55
C VAL A 169 23.89 27.33 7.18
N ARG A 170 22.74 26.69 7.18
CA ARG A 170 22.01 26.37 5.96
C ARG A 170 20.53 26.19 6.27
N ILE B 1 -15.29 1.12 12.70
CA ILE B 1 -14.92 1.23 14.13
C ILE B 1 -14.77 2.69 14.52
N ILE B 2 -13.73 3.34 14.00
CA ILE B 2 -13.45 4.74 14.29
C ILE B 2 -12.89 5.41 13.04
N LYS B 3 -13.67 6.31 12.45
CA LYS B 3 -13.26 7.01 11.25
C LYS B 3 -12.04 7.90 11.52
N ASN B 4 -11.99 8.47 12.72
CA ASN B 4 -10.89 9.36 13.11
C ASN B 4 -9.52 8.72 12.90
N ILE B 5 -9.35 7.49 13.37
CA ILE B 5 -8.08 6.79 13.24
C ILE B 5 -7.71 6.58 11.78
N ALA B 6 -8.66 6.08 11.00
CA ALA B 6 -8.43 5.83 9.58
C ALA B 6 -8.13 7.14 8.85
N ARG B 7 -8.89 8.18 9.19
CA ARG B 7 -8.71 9.49 8.59
C ARG B 7 -7.30 10.00 8.87
N HIS B 8 -6.78 9.69 10.05
CA HIS B 8 -5.45 10.11 10.44
C HIS B 8 -4.39 9.54 9.50
N LEU B 9 -4.39 8.22 9.33
CA LEU B 9 -3.42 7.56 8.46
C LEU B 9 -3.67 7.89 6.99
N ALA B 10 -4.94 7.96 6.62
CA ALA B 10 -5.33 8.25 5.24
C ALA B 10 -4.91 9.66 4.81
N GLN B 11 -5.28 10.66 5.60
CA GLN B 11 -4.97 12.05 5.27
C GLN B 11 -3.47 12.29 5.14
N VAL B 12 -2.71 11.88 6.15
CA VAL B 12 -1.27 12.08 6.14
C VAL B 12 -0.60 11.30 5.01
N GLY B 13 -0.95 10.03 4.89
CA GLY B 13 -0.35 9.18 3.87
C GLY B 13 -0.67 9.61 2.44
N ASP B 14 -1.96 9.81 2.16
CA ASP B 14 -2.41 10.20 0.82
C ASP B 14 -1.83 11.53 0.39
N SER B 15 -1.89 12.52 1.27
CA SER B 15 -1.38 13.85 0.95
C SER B 15 0.15 13.85 0.79
N MET B 16 0.83 13.03 1.58
CA MET B 16 2.28 12.97 1.51
C MET B 16 2.73 12.35 0.20
N ASP B 17 2.12 11.24 -0.18
CA ASP B 17 2.47 10.56 -1.43
C ASP B 17 2.11 11.44 -2.63
N ARG B 18 1.02 12.20 -2.50
CA ARG B 18 0.56 13.09 -3.57
C ARG B 18 1.44 14.35 -3.65
N SER B 19 2.30 14.52 -2.65
CA SER B 19 3.19 15.67 -2.55
C SER B 19 2.40 16.97 -2.42
N ILE B 20 1.61 17.05 -1.35
CA ILE B 20 0.80 18.22 -1.08
C ILE B 20 1.61 19.23 -0.27
N ALA A 1 -6.65 -7.04 -28.01
CA ALA A 1 -6.42 -8.44 -27.57
C ALA A 1 -6.38 -8.52 -26.05
N THR A 2 -6.59 -9.71 -25.51
CA THR A 2 -6.59 -9.92 -24.08
C THR A 2 -5.37 -10.70 -23.64
N PRO A 3 -4.43 -10.04 -22.97
CA PRO A 3 -3.21 -10.69 -22.47
C PRO A 3 -3.48 -11.50 -21.21
N ALA A 4 -3.33 -12.81 -21.31
CA ALA A 4 -3.56 -13.69 -20.18
C ALA A 4 -2.50 -13.48 -19.11
N SER A 5 -2.94 -13.30 -17.86
CA SER A 5 -2.02 -13.10 -16.76
C SER A 5 -1.60 -14.44 -16.16
N ALA A 6 -0.31 -14.71 -16.18
CA ALA A 6 0.21 -15.97 -15.65
C ALA A 6 0.42 -15.92 -14.13
N PRO A 7 1.17 -14.93 -13.60
CA PRO A 7 1.43 -14.83 -12.16
C PRO A 7 0.17 -14.53 -11.35
N ASP A 8 -0.10 -15.37 -10.35
CA ASP A 8 -1.25 -15.21 -9.48
C ASP A 8 -1.00 -14.09 -8.48
N THR A 9 -2.09 -13.56 -7.91
CA THR A 9 -2.02 -12.47 -6.95
C THR A 9 -1.15 -12.86 -5.74
N ARG A 10 -1.32 -14.10 -5.26
CA ARG A 10 -0.56 -14.57 -4.10
C ARG A 10 0.92 -14.74 -4.45
N ALA A 11 1.18 -15.12 -5.70
CA ALA A 11 2.55 -15.31 -6.16
C ALA A 11 3.30 -13.98 -6.16
N LEU A 12 2.63 -12.92 -6.58
CA LEU A 12 3.23 -11.60 -6.61
C LEU A 12 3.53 -11.13 -5.19
N VAL A 13 2.60 -11.40 -4.28
CA VAL A 13 2.76 -11.04 -2.88
C VAL A 13 3.92 -11.79 -2.26
N ALA A 14 4.02 -13.08 -2.59
CA ALA A 14 5.07 -13.94 -2.07
C ALA A 14 6.45 -13.41 -2.44
N ASP A 15 6.59 -12.96 -3.68
CA ASP A 15 7.87 -12.44 -4.16
C ASP A 15 8.22 -11.14 -3.45
N PHE A 16 7.21 -10.32 -3.18
CA PHE A 16 7.42 -9.04 -2.50
C PHE A 16 7.86 -9.27 -1.06
N VAL A 17 7.16 -10.14 -0.35
CA VAL A 17 7.48 -10.45 1.03
C VAL A 17 8.88 -11.06 1.12
N GLY A 18 9.17 -11.98 0.20
CA GLY A 18 10.47 -12.61 0.17
C GLY A 18 11.57 -11.60 -0.11
N TYR A 19 11.30 -10.71 -1.06
CA TYR A 19 12.26 -9.68 -1.44
C TYR A 19 12.52 -8.75 -0.26
N LYS A 20 11.46 -8.37 0.45
CA LYS A 20 11.58 -7.50 1.62
C LYS A 20 12.46 -8.15 2.68
N LEU A 21 12.36 -9.47 2.80
CA LEU A 21 13.17 -10.22 3.76
C LEU A 21 14.62 -10.29 3.30
N ARG A 22 14.80 -10.24 1.98
CA ARG A 22 16.13 -10.30 1.40
C ARG A 22 16.81 -8.93 1.46
N GLN A 23 16.00 -7.87 1.47
CA GLN A 23 16.52 -6.50 1.51
C GLN A 23 17.27 -6.24 2.82
N LYS A 24 16.88 -6.94 3.88
CA LYS A 24 17.53 -6.76 5.18
C LYS A 24 18.68 -7.75 5.35
N GLY A 25 18.98 -8.48 4.30
CA GLY A 25 20.06 -9.45 4.34
C GLY A 25 20.93 -9.36 3.11
N TYR A 26 20.63 -10.17 2.11
CA TYR A 26 21.40 -10.17 0.88
C TYR A 26 20.49 -9.82 -0.29
N VAL A 27 20.66 -8.63 -0.83
CA VAL A 27 19.85 -8.17 -1.96
C VAL A 27 20.11 -9.05 -3.19
N CYS A 28 19.09 -9.79 -3.59
CA CYS A 28 19.20 -10.66 -4.74
C CYS A 28 18.13 -10.33 -5.76
N GLY A 29 18.51 -9.58 -6.78
CA GLY A 29 17.59 -9.20 -7.83
C GLY A 29 18.31 -8.53 -8.98
N ALA A 30 17.78 -7.40 -9.43
CA ALA A 30 18.37 -6.66 -10.53
C ALA A 30 18.01 -5.19 -10.43
N GLY A 31 18.90 -4.32 -10.90
CA GLY A 31 18.64 -2.90 -10.85
C GLY A 31 17.72 -2.44 -11.95
N PRO A 32 16.49 -2.01 -11.62
CA PRO A 32 15.51 -1.55 -12.60
C PRO A 32 15.81 -0.14 -13.08
N GLY A 33 16.63 -0.02 -14.11
CA GLY A 33 16.99 1.28 -14.64
C GLY A 33 16.10 1.70 -15.79
N GLU A 34 16.73 2.10 -16.88
CA GLU A 34 16.02 2.56 -18.06
C GLU A 34 15.63 1.37 -18.94
N GLY A 35 14.71 0.56 -18.45
CA GLY A 35 14.26 -0.59 -19.21
C GLY A 35 12.76 -0.77 -19.15
N PRO A 36 12.04 -0.42 -20.23
CA PRO A 36 10.59 -0.53 -20.29
C PRO A 36 10.10 -1.96 -20.02
N ALA A 37 9.34 -2.11 -18.93
CA ALA A 37 8.82 -3.40 -18.53
C ALA A 37 7.41 -3.61 -19.05
N ALA A 38 7.04 -4.87 -19.25
CA ALA A 38 5.70 -5.20 -19.73
C ALA A 38 4.72 -5.20 -18.57
N ASP A 39 5.22 -5.54 -17.40
CA ASP A 39 4.39 -5.56 -16.20
C ASP A 39 4.75 -4.40 -15.28
N PRO A 40 3.77 -3.60 -14.90
CA PRO A 40 3.96 -2.48 -14.00
C PRO A 40 3.60 -2.86 -12.57
N LEU A 41 3.28 -4.13 -12.37
CA LEU A 41 2.89 -4.64 -11.07
C LEU A 41 4.07 -4.70 -10.12
N HIS A 42 5.18 -5.24 -10.60
CA HIS A 42 6.39 -5.33 -9.78
C HIS A 42 6.87 -3.94 -9.39
N GLN A 43 6.63 -2.98 -10.27
CA GLN A 43 7.02 -1.59 -10.00
C GLN A 43 6.01 -0.93 -9.08
N ALA A 44 4.73 -1.24 -9.28
CA ALA A 44 3.67 -0.66 -8.46
C ALA A 44 3.81 -1.12 -7.01
N MET A 45 4.13 -2.40 -6.84
CA MET A 45 4.31 -2.98 -5.52
C MET A 45 5.48 -2.29 -4.81
N ARG A 46 6.53 -2.00 -5.58
CA ARG A 46 7.70 -1.33 -5.06
C ARG A 46 7.33 0.09 -4.69
N ALA A 47 6.67 0.78 -5.62
CA ALA A 47 6.25 2.15 -5.42
C ALA A 47 5.36 2.30 -4.19
N ALA A 48 4.42 1.37 -4.04
CA ALA A 48 3.49 1.39 -2.91
C ALA A 48 4.23 1.48 -1.58
N GLY A 49 5.32 0.74 -1.46
CA GLY A 49 6.09 0.76 -0.23
C GLY A 49 7.43 1.44 -0.39
N ASP A 50 7.45 2.54 -1.14
CA ASP A 50 8.70 3.26 -1.37
C ASP A 50 8.45 4.73 -1.72
N GLU A 51 7.45 4.99 -2.57
CA GLU A 51 7.13 6.35 -2.99
C GLU A 51 6.79 7.25 -1.80
N PHE A 52 5.57 7.12 -1.29
CA PHE A 52 5.14 7.94 -0.16
C PHE A 52 5.97 7.62 1.08
N GLU A 53 6.57 6.44 1.10
CA GLU A 53 7.40 6.01 2.21
C GLU A 53 8.63 6.92 2.35
N THR A 54 9.36 7.09 1.26
CA THR A 54 10.54 7.94 1.26
C THR A 54 10.14 9.41 1.27
N ARG A 55 8.99 9.71 0.68
CA ARG A 55 8.49 11.08 0.64
C ARG A 55 8.04 11.54 2.02
N PHE A 56 7.83 10.57 2.91
CA PHE A 56 7.41 10.87 4.27
C PHE A 56 8.59 10.74 5.23
N ARG A 57 8.98 9.50 5.52
CA ARG A 57 10.07 9.21 6.43
C ARG A 57 10.24 7.70 6.61
N ARG A 58 9.25 7.10 7.29
CA ARG A 58 9.24 5.67 7.54
C ARG A 58 7.85 5.27 8.01
N THR A 59 6.85 5.53 7.16
CA THR A 59 5.46 5.24 7.47
C THR A 59 5.24 3.76 7.80
N PHE A 60 6.11 2.89 7.29
CA PHE A 60 6.00 1.45 7.55
C PHE A 60 5.95 1.17 9.05
N SER A 61 6.61 2.03 9.83
CA SER A 61 6.63 1.87 11.27
C SER A 61 5.98 3.08 11.95
N ASP A 62 6.08 4.25 11.31
CA ASP A 62 5.53 5.49 11.86
C ASP A 62 4.01 5.48 11.88
N LEU A 63 3.40 4.78 10.92
CA LEU A 63 1.94 4.72 10.83
C LEU A 63 1.32 4.23 12.14
N ALA A 64 1.99 3.28 12.77
CA ALA A 64 1.51 2.73 14.03
C ALA A 64 1.94 3.59 15.21
N ALA A 65 2.85 4.53 14.95
CA ALA A 65 3.36 5.42 15.99
C ALA A 65 2.47 6.67 16.10
N GLN A 66 2.16 7.26 14.95
CA GLN A 66 1.32 8.45 14.92
C GLN A 66 -0.11 8.11 15.36
N LEU A 67 -0.51 6.87 15.08
CA LEU A 67 -1.83 6.40 15.47
C LEU A 67 -1.77 5.64 16.77
N HIS A 68 -0.65 5.77 17.48
CA HIS A 68 -0.46 5.10 18.75
C HIS A 68 -1.07 5.92 19.88
N VAL A 69 -1.48 7.15 19.55
CA VAL A 69 -2.10 8.03 20.52
C VAL A 69 -3.42 7.42 20.97
N THR A 70 -4.09 6.77 20.02
CA THR A 70 -5.34 6.10 20.28
C THR A 70 -5.09 4.63 20.59
N PRO A 71 -5.65 4.11 21.69
CA PRO A 71 -5.47 2.70 22.07
C PRO A 71 -5.85 1.74 20.96
N GLY A 72 -4.88 0.98 20.49
CA GLY A 72 -5.11 0.03 19.42
C GLY A 72 -5.13 -1.40 19.91
N SER A 73 -4.92 -2.33 19.00
CA SER A 73 -4.91 -3.75 19.34
C SER A 73 -3.85 -4.48 18.52
N ALA A 74 -4.22 -5.58 17.89
CA ALA A 74 -3.28 -6.35 17.07
C ALA A 74 -3.46 -6.01 15.59
N GLN A 75 -3.10 -6.95 14.72
CA GLN A 75 -3.20 -6.77 13.28
C GLN A 75 -4.62 -6.43 12.86
N GLN A 76 -5.59 -6.97 13.58
CA GLN A 76 -7.00 -6.73 13.29
C GLN A 76 -7.34 -5.22 13.30
N ARG A 77 -6.58 -4.47 14.09
CA ARG A 77 -6.78 -3.03 14.20
C ARG A 77 -6.09 -2.28 13.06
N PHE A 78 -5.28 -2.99 12.30
CA PHE A 78 -4.54 -2.39 11.20
C PHE A 78 -5.10 -2.83 9.85
N THR A 79 -5.39 -4.12 9.71
CA THR A 79 -5.91 -4.66 8.46
C THR A 79 -7.34 -4.18 8.18
N GLN A 80 -8.09 -3.92 9.24
CA GLN A 80 -9.47 -3.47 9.09
C GLN A 80 -9.59 -1.96 9.28
N VAL A 81 -8.46 -1.27 9.30
CA VAL A 81 -8.47 0.18 9.48
C VAL A 81 -8.07 0.87 8.18
N SER A 82 -7.52 0.09 7.25
CA SER A 82 -7.09 0.62 5.97
C SER A 82 -8.28 0.76 5.01
N ASP A 83 -9.20 -0.20 5.08
CA ASP A 83 -10.38 -0.20 4.21
C ASP A 83 -11.42 0.79 4.71
N GLU A 84 -11.32 1.16 5.98
CA GLU A 84 -12.24 2.10 6.61
C GLU A 84 -12.33 3.41 5.82
N LEU A 85 -11.20 3.92 5.37
CA LEU A 85 -11.16 5.17 4.62
C LEU A 85 -11.18 4.91 3.12
N PHE A 86 -11.35 3.66 2.74
CA PHE A 86 -11.39 3.29 1.33
C PHE A 86 -12.83 3.09 0.87
N GLN A 87 -13.65 2.53 1.76
CA GLN A 87 -15.06 2.27 1.48
C GLN A 87 -15.77 3.52 0.97
N GLY A 88 -15.43 4.66 1.54
CA GLY A 88 -16.05 5.91 1.14
C GLY A 88 -15.07 6.85 0.48
N GLY A 89 -14.11 6.30 -0.25
CA GLY A 89 -13.13 7.13 -0.91
C GLY A 89 -12.06 6.32 -1.63
N PRO A 90 -12.32 5.85 -2.85
CA PRO A 90 -11.38 5.06 -3.64
C PRO A 90 -10.33 5.95 -4.31
N ASN A 91 -9.67 6.79 -3.52
CA ASN A 91 -8.66 7.71 -4.03
C ASN A 91 -7.39 6.97 -4.43
N TRP A 92 -6.53 7.65 -5.19
CA TRP A 92 -5.27 7.09 -5.67
C TRP A 92 -4.42 6.53 -4.53
N GLY A 93 -4.10 7.37 -3.57
CA GLY A 93 -3.28 6.95 -2.45
C GLY A 93 -4.01 6.07 -1.46
N ARG A 94 -5.34 6.03 -1.57
CA ARG A 94 -6.15 5.23 -0.67
C ARG A 94 -5.88 3.74 -0.90
N LEU A 95 -5.91 3.34 -2.17
CA LEU A 95 -5.67 1.95 -2.52
C LEU A 95 -4.23 1.57 -2.16
N VAL A 96 -3.32 2.52 -2.34
CA VAL A 96 -1.92 2.32 -2.02
C VAL A 96 -1.75 2.04 -0.53
N ALA A 97 -2.32 2.91 0.30
CA ALA A 97 -2.25 2.78 1.75
C ALA A 97 -2.85 1.47 2.23
N PHE A 98 -4.00 1.10 1.65
CA PHE A 98 -4.68 -0.12 2.02
C PHE A 98 -3.82 -1.35 1.70
N PHE A 99 -3.23 -1.35 0.52
CA PHE A 99 -2.41 -2.47 0.08
C PHE A 99 -1.07 -2.52 0.83
N VAL A 100 -0.44 -1.36 1.01
CA VAL A 100 0.84 -1.28 1.69
C VAL A 100 0.72 -1.58 3.18
N PHE A 101 -0.46 -1.29 3.76
CA PHE A 101 -0.68 -1.53 5.18
C PHE A 101 -0.45 -2.99 5.53
N GLY A 102 -1.08 -3.87 4.75
CA GLY A 102 -0.94 -5.29 4.98
C GLY A 102 0.48 -5.75 4.74
N ALA A 103 1.09 -5.26 3.67
CA ALA A 103 2.45 -5.63 3.32
C ALA A 103 3.45 -5.21 4.41
N ALA A 104 3.32 -3.98 4.89
CA ALA A 104 4.20 -3.46 5.93
C ALA A 104 4.05 -4.24 7.23
N LEU A 105 2.81 -4.54 7.60
CA LEU A 105 2.53 -5.29 8.80
C LEU A 105 3.01 -6.72 8.68
N CYS A 106 2.83 -7.32 7.50
CA CYS A 106 3.25 -8.68 7.27
C CYS A 106 4.77 -8.78 7.30
N ALA A 107 5.44 -7.76 6.73
CA ALA A 107 6.90 -7.73 6.71
C ALA A 107 7.45 -7.71 8.13
N GLU A 108 6.78 -6.96 8.99
CA GLU A 108 7.17 -6.85 10.39
C GLU A 108 6.94 -8.19 11.10
N SER A 109 5.81 -8.82 10.79
CA SER A 109 5.45 -10.09 11.37
C SER A 109 6.40 -11.20 10.92
N VAL A 110 6.68 -11.26 9.61
CA VAL A 110 7.57 -12.26 9.04
C VAL A 110 8.97 -12.12 9.64
N ASN A 111 9.42 -10.88 9.81
CA ASN A 111 10.73 -10.61 10.38
C ASN A 111 10.80 -11.08 11.83
N LYS A 112 9.65 -11.13 12.47
CA LYS A 112 9.55 -11.57 13.85
C LYS A 112 9.17 -13.05 13.94
N GLU A 113 9.20 -13.72 12.78
CA GLU A 113 8.89 -15.16 12.70
C GLU A 113 7.42 -15.46 12.98
N MET A 114 6.58 -14.44 12.94
CA MET A 114 5.15 -14.61 13.19
C MET A 114 4.42 -14.95 11.90
N GLU A 115 4.70 -16.13 11.36
CA GLU A 115 4.10 -16.60 10.13
C GLU A 115 2.62 -16.94 10.35
N VAL A 116 2.30 -17.35 11.57
CA VAL A 116 0.94 -17.71 11.93
C VAL A 116 -0.02 -16.55 11.65
N LEU A 117 0.40 -15.37 12.09
CA LEU A 117 -0.41 -14.16 11.91
C LEU A 117 -0.48 -13.77 10.43
N VAL A 118 0.66 -13.84 9.74
CA VAL A 118 0.73 -13.50 8.32
C VAL A 118 -0.25 -14.32 7.48
N GLY A 119 -0.27 -15.63 7.73
CA GLY A 119 -1.15 -16.51 6.98
C GLY A 119 -2.61 -16.15 7.14
N GLN A 120 -2.98 -15.67 8.33
CA GLN A 120 -4.35 -15.29 8.60
C GLN A 120 -4.65 -13.92 7.98
N VAL A 121 -3.76 -12.97 8.19
CA VAL A 121 -3.93 -11.61 7.66
C VAL A 121 -4.00 -11.60 6.14
N GLN A 122 -3.08 -12.32 5.49
CA GLN A 122 -3.04 -12.38 4.04
C GLN A 122 -4.34 -12.97 3.50
N GLU A 123 -4.80 -14.05 4.11
CA GLU A 123 -6.03 -14.69 3.68
C GLU A 123 -7.21 -13.75 3.87
N TRP A 124 -7.20 -13.02 4.98
CA TRP A 124 -8.26 -12.06 5.30
C TRP A 124 -8.35 -10.99 4.22
N MET A 125 -7.19 -10.48 3.81
CA MET A 125 -7.13 -9.44 2.78
C MET A 125 -7.73 -9.93 1.47
N VAL A 126 -7.28 -11.09 1.00
CA VAL A 126 -7.77 -11.65 -0.26
C VAL A 126 -9.26 -11.95 -0.19
N ALA A 127 -9.69 -12.54 0.91
CA ALA A 127 -11.10 -12.87 1.10
C ALA A 127 -11.97 -11.62 1.07
N TYR A 128 -11.51 -10.59 1.79
CA TYR A 128 -12.23 -9.32 1.84
C TYR A 128 -12.34 -8.70 0.45
N LEU A 129 -11.25 -8.75 -0.30
CA LEU A 129 -11.22 -8.21 -1.65
C LEU A 129 -12.20 -8.92 -2.57
N GLU A 130 -12.42 -10.20 -2.32
CA GLU A 130 -13.35 -10.98 -3.14
C GLU A 130 -14.75 -10.98 -2.56
N THR A 131 -14.99 -10.12 -1.57
CA THR A 131 -16.31 -10.05 -0.96
C THR A 131 -16.89 -8.64 -1.06
N ARG A 132 -16.31 -7.71 -0.31
CA ARG A 132 -16.81 -6.33 -0.30
C ARG A 132 -16.25 -5.50 -1.44
N LEU A 133 -15.01 -5.77 -1.82
CA LEU A 133 -14.39 -5.02 -2.89
C LEU A 133 -14.37 -5.82 -4.19
N ALA A 134 -15.19 -6.85 -4.26
CA ALA A 134 -15.27 -7.71 -5.45
C ALA A 134 -15.74 -6.90 -6.65
N ASP A 135 -16.81 -6.15 -6.47
CA ASP A 135 -17.36 -5.32 -7.53
C ASP A 135 -16.38 -4.22 -7.92
N TRP A 136 -15.69 -3.70 -6.90
CA TRP A 136 -14.72 -2.64 -7.10
C TRP A 136 -13.59 -3.12 -8.01
N ILE A 137 -12.96 -4.23 -7.63
CA ILE A 137 -11.87 -4.80 -8.40
C ILE A 137 -12.35 -5.16 -9.82
N HIS A 138 -13.55 -5.68 -9.92
CA HIS A 138 -14.12 -6.06 -11.21
C HIS A 138 -14.30 -4.84 -12.11
N SER A 139 -14.78 -3.74 -11.54
CA SER A 139 -14.99 -2.52 -12.30
C SER A 139 -13.67 -1.87 -12.70
N SER A 140 -12.70 -1.92 -11.79
CA SER A 140 -11.40 -1.34 -12.03
C SER A 140 -10.51 -2.25 -12.87
N GLY A 141 -10.99 -3.46 -13.14
CA GLY A 141 -10.23 -4.41 -13.93
C GLY A 141 -8.95 -4.82 -13.23
N GLY A 142 -9.06 -5.09 -11.94
CA GLY A 142 -7.90 -5.48 -11.18
C GLY A 142 -7.04 -4.29 -10.81
N TRP A 143 -5.84 -4.24 -11.37
CA TRP A 143 -4.93 -3.14 -11.11
C TRP A 143 -4.76 -2.28 -12.36
N ALA A 144 -5.70 -2.42 -13.30
CA ALA A 144 -5.67 -1.68 -14.54
C ALA A 144 -5.66 -0.18 -14.30
N GLU A 145 -6.70 0.33 -13.63
CA GLU A 145 -6.79 1.76 -13.35
C GLU A 145 -5.73 2.17 -12.34
N PHE A 146 -5.32 1.23 -11.49
CA PHE A 146 -4.30 1.50 -10.48
C PHE A 146 -2.99 1.89 -11.16
N THR A 147 -2.72 1.26 -12.30
CA THR A 147 -1.50 1.54 -13.05
C THR A 147 -1.49 3.00 -13.53
N ALA A 148 -2.68 3.59 -13.65
CA ALA A 148 -2.81 4.96 -14.09
C ALA A 148 -2.77 5.92 -12.91
N LEU A 149 -3.12 5.42 -11.72
CA LEU A 149 -3.13 6.24 -10.51
C LEU A 149 -1.74 6.75 -10.19
N TYR A 150 -0.76 5.85 -10.22
CA TYR A 150 0.62 6.22 -9.93
C TYR A 150 1.38 6.49 -11.24
N GLY A 151 0.63 6.60 -12.32
CA GLY A 151 1.23 6.85 -13.61
C GLY A 151 1.62 8.30 -13.79
N ASP A 152 0.95 9.17 -13.05
CA ASP A 152 1.22 10.60 -13.12
C ASP A 152 1.72 11.10 -11.77
N GLY A 153 2.13 12.36 -11.72
CA GLY A 153 2.62 12.93 -10.49
C GLY A 153 1.99 14.27 -10.20
N ALA A 154 0.77 14.24 -9.67
CA ALA A 154 0.04 15.46 -9.34
C ALA A 154 0.78 16.25 -8.26
N LEU A 155 0.94 17.55 -8.49
CA LEU A 155 1.62 18.42 -7.55
C LEU A 155 0.62 19.12 -6.65
N GLU A 156 0.40 18.56 -5.47
CA GLU A 156 -0.54 19.16 -4.52
C GLU A 156 0.20 20.21 -3.67
N GLU A 157 -0.17 21.46 -3.86
CA GLU A 157 0.47 22.56 -3.14
C GLU A 157 -0.48 23.17 -2.11
N ALA A 158 -1.40 22.38 -1.60
CA ALA A 158 -2.36 22.86 -0.61
C ALA A 158 -2.01 22.37 0.78
N ARG A 159 -2.13 21.07 1.00
CA ARG A 159 -1.85 20.48 2.31
C ARG A 159 -0.39 20.11 2.48
N ARG A 160 0.50 20.98 2.03
CA ARG A 160 1.93 20.72 2.12
C ARG A 160 2.43 20.94 3.55
N LEU A 161 3.73 20.82 3.76
CA LEU A 161 4.33 20.98 5.08
C LEU A 161 4.30 22.43 5.54
N ARG A 162 3.19 22.81 6.14
CA ARG A 162 2.99 24.15 6.66
C ARG A 162 2.56 24.08 8.11
N GLU A 163 3.14 23.14 8.84
CA GLU A 163 2.80 22.95 10.25
C GLU A 163 3.93 23.45 11.15
N GLY A 164 3.65 23.52 12.43
CA GLY A 164 4.63 23.97 13.39
C GLY A 164 4.24 23.62 14.81
N ASN A 165 3.31 22.68 14.94
CA ASN A 165 2.82 22.25 16.25
C ASN A 165 3.89 21.46 16.98
N TRP A 166 4.22 21.88 18.18
CA TRP A 166 5.22 21.20 18.99
C TRP A 166 4.93 21.36 20.48
N ALA A 167 5.08 22.58 20.98
CA ALA A 167 4.84 22.86 22.38
C ALA A 167 3.63 23.77 22.57
N SER A 168 3.83 24.89 23.26
CA SER A 168 2.76 25.84 23.50
C SER A 168 2.31 26.48 22.19
N VAL A 169 3.25 26.81 21.32
CA VAL A 169 2.94 27.43 20.04
C VAL A 169 2.86 26.38 18.94
N ARG A 170 2.10 26.67 17.90
CA ARG A 170 1.94 25.77 16.79
C ARG A 170 1.86 26.54 15.48
N ILE B 1 -14.11 0.47 12.12
CA ILE B 1 -13.64 0.61 13.52
C ILE B 1 -13.76 2.06 13.97
N ILE B 2 -12.82 2.90 13.54
CA ILE B 2 -12.80 4.32 13.89
C ILE B 2 -12.31 5.13 12.68
N LYS B 3 -13.20 5.96 12.14
CA LYS B 3 -12.89 6.77 10.98
C LYS B 3 -11.73 7.75 11.24
N ASN B 4 -11.69 8.32 12.45
CA ASN B 4 -10.64 9.27 12.81
C ASN B 4 -9.24 8.66 12.66
N ILE B 5 -9.09 7.42 13.12
CA ILE B 5 -7.80 6.72 13.03
C ILE B 5 -7.45 6.45 11.57
N ALA B 6 -8.39 5.86 10.85
CA ALA B 6 -8.19 5.50 9.45
C ALA B 6 -7.92 6.73 8.60
N ARG B 7 -8.63 7.81 8.86
CA ARG B 7 -8.47 9.03 8.10
C ARG B 7 -7.07 9.60 8.28
N HIS B 8 -6.51 9.49 9.48
CA HIS B 8 -5.18 10.01 9.76
C HIS B 8 -4.13 9.28 8.92
N LEU B 9 -4.16 7.95 8.95
CA LEU B 9 -3.19 7.16 8.21
C LEU B 9 -3.41 7.32 6.70
N ALA B 10 -4.66 7.40 6.29
CA ALA B 10 -5.00 7.55 4.88
C ALA B 10 -4.55 8.92 4.36
N GLN B 11 -4.81 9.96 5.14
CA GLN B 11 -4.44 11.31 4.75
C GLN B 11 -2.94 11.42 4.55
N VAL B 12 -2.17 10.91 5.50
CA VAL B 12 -0.71 10.96 5.43
C VAL B 12 -0.19 10.30 4.15
N GLY B 13 -0.61 9.06 3.91
CA GLY B 13 -0.15 8.35 2.73
C GLY B 13 -0.60 9.00 1.43
N ASP B 14 -1.86 9.42 1.39
CA ASP B 14 -2.43 10.03 0.19
C ASP B 14 -1.79 11.40 -0.10
N SER B 15 -1.55 12.16 0.95
CA SER B 15 -0.97 13.50 0.82
C SER B 15 0.52 13.46 0.50
N MET B 16 1.27 12.64 1.24
CA MET B 16 2.70 12.54 1.05
C MET B 16 3.07 12.03 -0.33
N ASP B 17 2.23 11.15 -0.88
CA ASP B 17 2.48 10.59 -2.20
C ASP B 17 2.16 11.60 -3.31
N ARG B 18 1.14 12.44 -3.07
CA ARG B 18 0.72 13.45 -4.04
C ARG B 18 1.69 14.64 -4.10
N SER B 19 2.98 14.33 -4.15
CA SER B 19 4.04 15.35 -4.21
C SER B 19 3.96 16.32 -3.04
N ILE B 20 4.62 15.98 -1.96
CA ILE B 20 4.64 16.82 -0.77
C ILE B 20 5.86 17.73 -0.82
N ALA A 1 -7.91 -7.82 -28.98
CA ALA A 1 -6.64 -8.15 -28.27
C ALA A 1 -6.81 -7.99 -26.77
N THR A 2 -6.81 -9.09 -26.05
CA THR A 2 -6.97 -9.09 -24.62
C THR A 2 -5.79 -9.79 -23.94
N PRO A 3 -4.97 -9.03 -23.19
CA PRO A 3 -3.82 -9.59 -22.49
C PRO A 3 -4.22 -10.58 -21.40
N ALA A 4 -3.64 -11.76 -21.44
CA ALA A 4 -3.93 -12.80 -20.46
C ALA A 4 -2.80 -12.92 -19.45
N SER A 5 -3.13 -12.75 -18.18
CA SER A 5 -2.13 -12.86 -17.13
C SER A 5 -2.14 -14.24 -16.50
N ALA A 6 -1.07 -14.99 -16.72
CA ALA A 6 -0.94 -16.33 -16.19
C ALA A 6 -0.67 -16.32 -14.68
N PRO A 7 0.33 -15.53 -14.19
CA PRO A 7 0.63 -15.46 -12.75
C PRO A 7 -0.56 -14.96 -11.94
N ASP A 8 -0.93 -15.72 -10.92
CA ASP A 8 -2.04 -15.35 -10.06
C ASP A 8 -1.65 -14.21 -9.12
N THR A 9 -2.65 -13.46 -8.67
CA THR A 9 -2.44 -12.33 -7.78
C THR A 9 -1.68 -12.74 -6.51
N ARG A 10 -2.00 -13.92 -5.99
CA ARG A 10 -1.36 -14.43 -4.78
C ARG A 10 0.11 -14.75 -5.04
N ALA A 11 0.45 -15.02 -6.29
CA ALA A 11 1.83 -15.33 -6.66
C ALA A 11 2.66 -14.05 -6.61
N LEU A 12 2.04 -12.95 -7.03
CA LEU A 12 2.70 -11.65 -7.04
C LEU A 12 2.92 -11.18 -5.60
N VAL A 13 1.94 -11.45 -4.74
CA VAL A 13 2.04 -11.08 -3.35
C VAL A 13 3.22 -11.79 -2.70
N ALA A 14 3.37 -13.07 -3.02
CA ALA A 14 4.46 -13.88 -2.50
C ALA A 14 5.81 -13.39 -3.06
N ASP A 15 5.77 -12.80 -4.24
CA ASP A 15 6.97 -12.27 -4.87
C ASP A 15 7.47 -11.05 -4.11
N PHE A 16 6.53 -10.17 -3.75
CA PHE A 16 6.86 -8.97 -3.01
C PHE A 16 7.31 -9.31 -1.59
N VAL A 17 6.57 -10.21 -0.94
CA VAL A 17 6.89 -10.64 0.42
C VAL A 17 8.26 -11.32 0.43
N GLY A 18 8.47 -12.21 -0.51
CA GLY A 18 9.74 -12.91 -0.61
C GLY A 18 10.87 -11.94 -0.90
N TYR A 19 10.60 -10.97 -1.76
CA TYR A 19 11.58 -9.96 -2.13
C TYR A 19 12.01 -9.19 -0.89
N LYS A 20 11.03 -8.75 -0.10
CA LYS A 20 11.30 -8.01 1.13
C LYS A 20 12.17 -8.83 2.07
N LEU A 21 11.92 -10.12 2.12
CA LEU A 21 12.68 -11.04 2.96
C LEU A 21 14.11 -11.14 2.46
N ARG A 22 14.29 -11.04 1.15
CA ARG A 22 15.61 -11.15 0.54
C ARG A 22 16.35 -9.82 0.63
N GLN A 23 15.63 -8.71 0.65
CA GLN A 23 16.23 -7.39 0.73
C GLN A 23 16.97 -7.20 2.05
N LYS A 24 16.53 -7.91 3.09
CA LYS A 24 17.16 -7.80 4.40
C LYS A 24 18.17 -8.92 4.63
N GLY A 25 18.52 -9.62 3.56
CA GLY A 25 19.49 -10.70 3.67
C GLY A 25 20.46 -10.68 2.51
N TYR A 26 19.99 -11.12 1.36
CA TYR A 26 20.80 -11.15 0.16
C TYR A 26 19.93 -10.78 -1.04
N VAL A 27 20.12 -9.57 -1.55
CA VAL A 27 19.34 -9.10 -2.69
C VAL A 27 19.53 -10.01 -3.90
N CYS A 28 18.49 -10.77 -4.23
CA CYS A 28 18.53 -11.68 -5.35
C CYS A 28 17.63 -11.17 -6.47
N GLY A 29 18.21 -10.98 -7.65
CA GLY A 29 17.45 -10.50 -8.77
C GLY A 29 18.30 -9.66 -9.70
N ALA A 30 17.77 -8.52 -10.10
CA ALA A 30 18.48 -7.62 -11.00
C ALA A 30 18.07 -6.17 -10.76
N GLY A 31 18.72 -5.25 -11.44
CA GLY A 31 18.40 -3.85 -11.29
C GLY A 31 17.66 -3.30 -12.48
N PRO A 32 16.32 -3.19 -12.39
CA PRO A 32 15.49 -2.68 -13.49
C PRO A 32 15.58 -1.16 -13.62
N GLY A 33 16.53 -0.70 -14.41
CA GLY A 33 16.70 0.72 -14.62
C GLY A 33 16.19 1.14 -15.99
N GLU A 34 16.95 0.82 -17.01
CA GLU A 34 16.59 1.15 -18.37
C GLU A 34 16.08 -0.08 -19.09
N GLY A 35 14.78 -0.12 -19.34
CA GLY A 35 14.18 -1.24 -20.02
C GLY A 35 12.68 -1.30 -19.80
N PRO A 36 11.90 -0.74 -20.73
CA PRO A 36 10.43 -0.73 -20.63
C PRO A 36 9.85 -2.13 -20.61
N ALA A 37 9.29 -2.52 -19.48
CA ALA A 37 8.69 -3.83 -19.33
C ALA A 37 7.19 -3.78 -19.60
N ALA A 38 6.63 -4.88 -20.04
CA ALA A 38 5.20 -4.94 -20.32
C ALA A 38 4.42 -5.07 -19.03
N ASP A 39 5.05 -5.68 -18.03
CA ASP A 39 4.44 -5.88 -16.73
C ASP A 39 4.93 -4.83 -15.73
N PRO A 40 4.06 -3.91 -15.33
CA PRO A 40 4.37 -2.88 -14.36
C PRO A 40 3.75 -3.16 -12.98
N LEU A 41 3.23 -4.39 -12.82
CA LEU A 41 2.58 -4.78 -11.57
C LEU A 41 3.59 -4.97 -10.43
N HIS A 42 4.68 -5.66 -10.71
CA HIS A 42 5.70 -5.89 -9.69
C HIS A 42 6.34 -4.57 -9.30
N GLN A 43 6.54 -3.71 -10.30
CA GLN A 43 7.12 -2.40 -10.08
C GLN A 43 6.15 -1.52 -9.29
N ALA A 44 4.87 -1.64 -9.60
CA ALA A 44 3.84 -0.87 -8.90
C ALA A 44 3.81 -1.23 -7.42
N MET A 45 3.94 -2.53 -7.14
CA MET A 45 3.95 -3.03 -5.78
C MET A 45 5.16 -2.46 -5.03
N ARG A 46 6.31 -2.49 -5.69
CA ARG A 46 7.55 -1.98 -5.12
C ARG A 46 7.44 -0.47 -4.90
N ALA A 47 6.91 0.22 -5.90
CA ALA A 47 6.75 1.67 -5.83
C ALA A 47 5.77 2.07 -4.74
N ALA A 48 4.75 1.25 -4.53
CA ALA A 48 3.75 1.52 -3.50
C ALA A 48 4.41 1.62 -2.13
N GLY A 49 5.28 0.67 -1.84
CA GLY A 49 5.98 0.68 -0.58
C GLY A 49 7.29 1.42 -0.66
N ASP A 50 7.41 2.30 -1.64
CA ASP A 50 8.62 3.09 -1.84
C ASP A 50 8.32 4.57 -1.89
N GLU A 51 7.51 4.97 -2.87
CA GLU A 51 7.14 6.37 -3.04
C GLU A 51 6.36 6.89 -1.84
N PHE A 52 5.45 6.06 -1.33
CA PHE A 52 4.63 6.43 -0.18
C PHE A 52 5.50 6.75 1.03
N GLU A 53 6.68 6.12 1.10
CA GLU A 53 7.59 6.33 2.21
C GLU A 53 8.58 7.45 1.92
N THR A 54 9.08 7.50 0.69
CA THR A 54 10.05 8.51 0.31
C THR A 54 9.42 9.91 0.23
N ARG A 55 8.15 9.98 -0.14
CA ARG A 55 7.46 11.26 -0.25
C ARG A 55 6.91 11.68 1.11
N PHE A 56 6.71 10.70 1.97
CA PHE A 56 6.21 10.95 3.32
C PHE A 56 7.37 11.42 4.20
N ARG A 57 8.14 10.45 4.70
CA ARG A 57 9.29 10.70 5.57
C ARG A 57 9.71 9.40 6.24
N ARG A 58 8.86 8.92 7.12
CA ARG A 58 9.09 7.68 7.85
C ARG A 58 7.76 7.15 8.38
N THR A 59 6.95 6.65 7.46
CA THR A 59 5.63 6.12 7.78
C THR A 59 5.71 5.02 8.83
N PHE A 60 6.78 4.24 8.78
CA PHE A 60 7.00 3.14 9.72
C PHE A 60 7.18 3.65 11.14
N SER A 61 7.45 4.94 11.29
CA SER A 61 7.65 5.52 12.61
C SER A 61 6.62 6.60 12.91
N ASP A 62 6.50 7.58 12.02
CA ASP A 62 5.57 8.70 12.20
C ASP A 62 4.12 8.24 12.29
N LEU A 63 3.59 7.75 11.18
CA LEU A 63 2.20 7.30 11.12
C LEU A 63 1.93 6.20 12.16
N ALA A 64 2.86 5.26 12.28
CA ALA A 64 2.71 4.15 13.22
C ALA A 64 2.62 4.63 14.67
N ALA A 65 3.25 5.76 14.96
CA ALA A 65 3.25 6.31 16.31
C ALA A 65 2.07 7.25 16.53
N GLN A 66 1.81 8.13 15.57
CA GLN A 66 0.71 9.09 15.69
C GLN A 66 -0.64 8.39 15.72
N LEU A 67 -0.74 7.26 15.02
CA LEU A 67 -1.99 6.50 14.98
C LEU A 67 -2.05 5.51 16.13
N HIS A 68 -0.96 5.43 16.89
CA HIS A 68 -0.90 4.52 18.03
C HIS A 68 -1.45 5.22 19.27
N VAL A 69 -1.65 6.53 19.16
CA VAL A 69 -2.19 7.31 20.26
C VAL A 69 -3.68 7.05 20.39
N THR A 70 -4.32 6.82 19.26
CA THR A 70 -5.74 6.53 19.21
C THR A 70 -6.01 5.10 19.71
N PRO A 71 -7.17 4.86 20.34
CA PRO A 71 -7.53 3.53 20.85
C PRO A 71 -7.66 2.50 19.73
N GLY A 72 -6.60 1.77 19.48
CA GLY A 72 -6.61 0.77 18.44
C GLY A 72 -6.65 -0.64 18.99
N SER A 73 -6.03 -1.56 18.29
CA SER A 73 -5.99 -2.96 18.69
C SER A 73 -4.87 -3.69 17.95
N ALA A 74 -4.97 -5.02 17.90
CA ALA A 74 -3.98 -5.85 17.23
C ALA A 74 -4.17 -5.84 15.70
N GLN A 75 -3.60 -6.85 15.04
CA GLN A 75 -3.65 -6.98 13.59
C GLN A 75 -5.09 -7.04 13.07
N GLN A 76 -6.01 -7.54 13.89
CA GLN A 76 -7.41 -7.64 13.50
C GLN A 76 -8.01 -6.27 13.24
N ARG A 77 -7.43 -5.25 13.87
CA ARG A 77 -7.89 -3.88 13.69
C ARG A 77 -7.16 -3.23 12.51
N PHE A 78 -5.90 -3.60 12.34
CA PHE A 78 -5.08 -3.06 11.25
C PHE A 78 -5.57 -3.53 9.89
N THR A 79 -6.10 -4.75 9.83
CA THR A 79 -6.59 -5.32 8.59
C THR A 79 -8.00 -4.81 8.26
N GLN A 80 -8.47 -3.85 9.03
CA GLN A 80 -9.79 -3.29 8.81
C GLN A 80 -9.74 -1.78 8.70
N VAL A 81 -8.94 -1.16 9.56
CA VAL A 81 -8.80 0.30 9.59
C VAL A 81 -8.39 0.87 8.23
N SER A 82 -7.67 0.10 7.43
CA SER A 82 -7.22 0.54 6.12
C SER A 82 -8.38 0.56 5.13
N ASP A 83 -9.16 -0.54 5.12
CA ASP A 83 -10.31 -0.67 4.23
C ASP A 83 -11.41 0.31 4.60
N GLU A 84 -11.54 0.58 5.89
CA GLU A 84 -12.56 1.48 6.41
C GLU A 84 -12.52 2.85 5.73
N LEU A 85 -11.35 3.30 5.32
CA LEU A 85 -11.23 4.59 4.67
C LEU A 85 -11.06 4.42 3.16
N PHE A 86 -10.75 3.20 2.73
CA PHE A 86 -10.57 2.91 1.32
C PHE A 86 -11.92 2.96 0.60
N GLN A 87 -12.94 2.38 1.22
CA GLN A 87 -14.27 2.37 0.64
C GLN A 87 -14.95 3.73 0.82
N GLY A 88 -14.26 4.64 1.49
CA GLY A 88 -14.79 5.96 1.70
C GLY A 88 -14.08 6.97 0.83
N GLY A 89 -13.39 6.47 -0.18
CA GLY A 89 -12.66 7.32 -1.10
C GLY A 89 -11.40 6.62 -1.61
N PRO A 90 -11.53 5.83 -2.68
CA PRO A 90 -10.41 5.09 -3.26
C PRO A 90 -9.46 5.99 -4.04
N ASN A 91 -8.72 6.82 -3.33
CA ASN A 91 -7.76 7.72 -3.97
C ASN A 91 -6.45 6.98 -4.25
N TRP A 92 -5.54 7.65 -4.95
CA TRP A 92 -4.24 7.08 -5.31
C TRP A 92 -3.52 6.53 -4.08
N GLY A 93 -3.21 7.40 -3.14
CA GLY A 93 -2.51 6.99 -1.94
C GLY A 93 -3.35 6.13 -1.01
N ARG A 94 -4.66 6.19 -1.18
CA ARG A 94 -5.57 5.42 -0.36
C ARG A 94 -5.33 3.92 -0.58
N LEU A 95 -5.24 3.52 -1.85
CA LEU A 95 -4.98 2.13 -2.19
C LEU A 95 -3.56 1.75 -1.79
N VAL A 96 -2.65 2.70 -1.94
CA VAL A 96 -1.25 2.48 -1.59
C VAL A 96 -1.13 2.21 -0.09
N ALA A 97 -1.83 3.01 0.71
CA ALA A 97 -1.82 2.86 2.15
C ALA A 97 -2.40 1.51 2.56
N PHE A 98 -3.45 1.10 1.85
CA PHE A 98 -4.11 -0.17 2.12
C PHE A 98 -3.13 -1.33 1.90
N PHE A 99 -2.32 -1.22 0.86
CA PHE A 99 -1.34 -2.24 0.53
C PHE A 99 -0.13 -2.18 1.46
N VAL A 100 0.41 -0.99 1.66
CA VAL A 100 1.58 -0.80 2.51
C VAL A 100 1.29 -1.15 3.97
N PHE A 101 0.04 -0.95 4.40
CA PHE A 101 -0.35 -1.24 5.77
C PHE A 101 -0.16 -2.73 6.07
N GLY A 102 -0.78 -3.56 5.23
CA GLY A 102 -0.66 -5.00 5.41
C GLY A 102 0.76 -5.49 5.20
N ALA A 103 1.43 -4.93 4.19
CA ALA A 103 2.80 -5.31 3.88
C ALA A 103 3.74 -5.00 5.03
N ALA A 104 3.60 -3.81 5.61
CA ALA A 104 4.44 -3.40 6.72
C ALA A 104 4.22 -4.27 7.94
N LEU A 105 2.95 -4.48 8.29
CA LEU A 105 2.61 -5.29 9.46
C LEU A 105 3.11 -6.73 9.28
N CYS A 106 2.95 -7.26 8.08
CA CYS A 106 3.41 -8.61 7.79
C CYS A 106 4.93 -8.70 7.87
N ALA A 107 5.61 -7.73 7.25
CA ALA A 107 7.06 -7.70 7.26
C ALA A 107 7.61 -7.67 8.68
N GLU A 108 7.00 -6.85 9.52
CA GLU A 108 7.41 -6.74 10.91
C GLU A 108 7.22 -8.08 11.62
N SER A 109 6.10 -8.72 11.35
CA SER A 109 5.78 -10.02 11.95
C SER A 109 6.75 -11.10 11.47
N VAL A 110 7.13 -11.05 10.19
CA VAL A 110 8.04 -12.02 9.62
C VAL A 110 9.40 -11.93 10.32
N ASN A 111 9.81 -10.72 10.63
CA ASN A 111 11.08 -10.47 11.29
C ASN A 111 11.01 -10.89 12.77
N LYS A 112 9.80 -11.13 13.24
CA LYS A 112 9.59 -11.54 14.63
C LYS A 112 9.23 -13.03 14.69
N GLU A 113 9.43 -13.71 13.56
CA GLU A 113 9.14 -15.15 13.45
C GLU A 113 7.68 -15.45 13.80
N MET A 114 6.76 -14.70 13.21
CA MET A 114 5.35 -14.91 13.45
C MET A 114 4.62 -15.23 12.16
N GLU A 115 5.01 -16.32 11.52
CA GLU A 115 4.42 -16.76 10.27
C GLU A 115 2.92 -17.03 10.44
N VAL A 116 2.55 -17.45 11.65
CA VAL A 116 1.15 -17.75 11.96
C VAL A 116 0.29 -16.51 11.74
N LEU A 117 0.77 -15.37 12.22
CA LEU A 117 0.05 -14.11 12.09
C LEU A 117 0.10 -13.62 10.64
N VAL A 118 1.26 -13.76 10.02
CA VAL A 118 1.46 -13.32 8.64
C VAL A 118 0.52 -14.06 7.68
N GLY A 119 0.48 -15.38 7.80
CA GLY A 119 -0.38 -16.19 6.95
C GLY A 119 -1.84 -15.81 7.11
N GLN A 120 -2.25 -15.54 8.34
CA GLN A 120 -3.63 -15.18 8.63
C GLN A 120 -3.97 -13.82 8.02
N VAL A 121 -3.09 -12.85 8.23
CA VAL A 121 -3.29 -11.50 7.70
C VAL A 121 -3.38 -11.54 6.18
N GLN A 122 -2.48 -12.27 5.54
CA GLN A 122 -2.46 -12.38 4.09
C GLN A 122 -3.77 -12.97 3.57
N GLU A 123 -4.22 -14.05 4.23
CA GLU A 123 -5.45 -14.71 3.84
C GLU A 123 -6.64 -13.76 4.02
N TRP A 124 -6.64 -13.04 5.13
CA TRP A 124 -7.72 -12.09 5.41
C TRP A 124 -7.79 -11.01 4.34
N MET A 125 -6.63 -10.57 3.87
CA MET A 125 -6.56 -9.54 2.84
C MET A 125 -7.11 -10.07 1.52
N VAL A 126 -6.67 -11.26 1.14
CA VAL A 126 -7.12 -11.88 -0.10
C VAL A 126 -8.62 -12.17 -0.03
N ALA A 127 -9.06 -12.67 1.12
CA ALA A 127 -10.48 -12.98 1.32
C ALA A 127 -11.35 -11.76 1.10
N TYR A 128 -10.91 -10.63 1.62
CA TYR A 128 -11.64 -9.38 1.48
C TYR A 128 -11.73 -8.98 0.00
N LEU A 129 -10.62 -9.15 -0.71
CA LEU A 129 -10.54 -8.81 -2.12
C LEU A 129 -11.45 -9.69 -2.97
N GLU A 130 -11.65 -10.94 -2.54
CA GLU A 130 -12.48 -11.88 -3.29
C GLU A 130 -13.93 -11.86 -2.82
N THR A 131 -14.23 -11.07 -1.78
CA THR A 131 -15.59 -11.02 -1.26
C THR A 131 -16.21 -9.63 -1.44
N ARG A 132 -16.02 -8.73 -0.46
CA ARG A 132 -16.61 -7.40 -0.53
C ARG A 132 -15.91 -6.52 -1.56
N LEU A 133 -14.60 -6.66 -1.68
CA LEU A 133 -13.83 -5.85 -2.63
C LEU A 133 -13.75 -6.53 -3.99
N ALA A 134 -14.60 -7.53 -4.21
CA ALA A 134 -14.61 -8.27 -5.47
C ALA A 134 -14.98 -7.37 -6.64
N ASP A 135 -16.12 -6.69 -6.56
CA ASP A 135 -16.57 -5.81 -7.63
C ASP A 135 -15.59 -4.67 -7.84
N TRP A 136 -15.00 -4.21 -6.75
CA TRP A 136 -14.04 -3.11 -6.79
C TRP A 136 -12.86 -3.47 -7.68
N ILE A 137 -12.18 -4.57 -7.34
CA ILE A 137 -11.03 -5.02 -8.10
C ILE A 137 -11.42 -5.37 -9.54
N HIS A 138 -12.62 -5.94 -9.70
CA HIS A 138 -13.12 -6.32 -11.02
C HIS A 138 -13.30 -5.10 -11.92
N SER A 139 -13.84 -4.02 -11.37
CA SER A 139 -14.07 -2.81 -12.15
C SER A 139 -12.77 -2.05 -12.36
N SER A 140 -11.83 -2.20 -11.43
CA SER A 140 -10.54 -1.51 -11.52
C SER A 140 -9.55 -2.30 -12.38
N GLY A 141 -9.90 -3.55 -12.69
CA GLY A 141 -9.03 -4.39 -13.49
C GLY A 141 -7.76 -4.73 -12.74
N GLY A 142 -7.92 -5.10 -11.47
CA GLY A 142 -6.78 -5.44 -10.65
C GLY A 142 -5.95 -4.22 -10.31
N TRP A 143 -4.84 -4.05 -11.02
CA TRP A 143 -3.96 -2.91 -10.80
C TRP A 143 -3.92 -2.03 -12.05
N ALA A 144 -4.87 -2.26 -12.95
CA ALA A 144 -4.95 -1.50 -14.20
C ALA A 144 -5.03 0.00 -13.94
N GLU A 145 -6.06 0.43 -13.24
CA GLU A 145 -6.24 1.85 -12.95
C GLU A 145 -5.12 2.34 -12.02
N PHE A 146 -4.60 1.43 -11.20
CA PHE A 146 -3.54 1.77 -10.25
C PHE A 146 -2.29 2.24 -10.99
N THR A 147 -2.08 1.71 -12.19
CA THR A 147 -0.92 2.09 -13.00
C THR A 147 -0.95 3.58 -13.33
N ALA A 148 -2.16 4.14 -13.39
CA ALA A 148 -2.31 5.56 -13.68
C ALA A 148 -2.35 6.37 -12.39
N LEU A 149 -2.76 5.73 -11.32
CA LEU A 149 -2.86 6.39 -10.02
C LEU A 149 -1.48 6.85 -9.54
N TYR A 150 -0.53 5.92 -9.49
CA TYR A 150 0.81 6.26 -9.03
C TYR A 150 1.67 6.84 -10.17
N GLY A 151 0.99 7.29 -11.23
CA GLY A 151 1.70 7.85 -12.36
C GLY A 151 2.28 9.24 -12.08
N ASP A 152 1.61 10.00 -11.22
CA ASP A 152 2.07 11.34 -10.87
C ASP A 152 3.17 11.27 -9.81
N GLY A 153 3.83 12.38 -9.57
CA GLY A 153 4.90 12.43 -8.59
C GLY A 153 5.15 13.82 -8.07
N ALA A 154 4.17 14.71 -8.26
CA ALA A 154 4.28 16.08 -7.82
C ALA A 154 3.14 16.43 -6.87
N LEU A 155 2.90 17.72 -6.67
CA LEU A 155 1.85 18.18 -5.78
C LEU A 155 0.48 18.05 -6.45
N GLU A 156 -0.12 16.88 -6.33
CA GLU A 156 -1.44 16.64 -6.92
C GLU A 156 -2.52 17.28 -6.06
N GLU A 157 -3.32 18.12 -6.68
CA GLU A 157 -4.41 18.80 -5.97
C GLU A 157 -5.74 18.45 -6.61
N ALA A 158 -5.76 17.37 -7.37
CA ALA A 158 -6.97 16.92 -8.05
C ALA A 158 -8.05 16.56 -7.05
N ARG A 159 -7.75 15.63 -6.16
CA ARG A 159 -8.72 15.21 -5.15
C ARG A 159 -8.71 16.17 -3.96
N ARG A 160 -7.79 17.12 -4.01
CA ARG A 160 -7.66 18.11 -2.95
C ARG A 160 -8.57 19.31 -3.23
N LEU A 161 -8.43 19.89 -4.42
CA LEU A 161 -9.23 21.06 -4.78
C LEU A 161 -9.28 21.23 -6.31
N ARG A 162 -9.47 20.14 -7.04
CA ARG A 162 -9.54 20.21 -8.49
C ARG A 162 -10.37 19.08 -9.06
N GLU A 163 -11.51 18.83 -8.44
CA GLU A 163 -12.41 17.77 -8.88
C GLU A 163 -13.24 18.23 -10.07
N GLY A 164 -13.42 19.54 -10.21
CA GLY A 164 -14.20 20.07 -11.31
C GLY A 164 -15.70 19.93 -11.07
N ASN A 165 -16.46 19.84 -12.15
CA ASN A 165 -17.91 19.70 -12.05
C ASN A 165 -18.31 18.25 -12.28
N TRP A 166 -19.30 17.80 -11.54
CA TRP A 166 -19.78 16.43 -11.67
C TRP A 166 -21.24 16.40 -12.10
N ALA A 167 -22.03 17.29 -11.51
CA ALA A 167 -23.45 17.36 -11.82
C ALA A 167 -23.95 18.80 -11.70
N SER A 168 -25.23 18.97 -11.45
CA SER A 168 -25.81 20.29 -11.31
C SER A 168 -25.48 20.89 -9.94
N VAL A 169 -25.39 20.03 -8.93
CA VAL A 169 -25.09 20.47 -7.57
C VAL A 169 -23.64 20.94 -7.43
N ARG A 170 -22.70 20.16 -7.94
CA ARG A 170 -21.29 20.50 -7.85
C ARG A 170 -20.51 19.74 -8.90
N ILE B 1 -17.06 0.69 11.13
CA ILE B 1 -17.05 1.12 12.55
C ILE B 1 -15.92 2.11 12.84
N ILE B 2 -14.81 1.99 12.10
CA ILE B 2 -13.67 2.87 12.29
C ILE B 2 -13.59 3.91 11.18
N LYS B 3 -13.77 5.18 11.53
CA LYS B 3 -13.69 6.23 10.52
C LYS B 3 -12.66 7.28 10.89
N ASN B 4 -12.65 7.68 12.16
CA ASN B 4 -11.71 8.69 12.64
C ASN B 4 -10.27 8.20 12.53
N ILE B 5 -10.00 7.04 13.12
CA ILE B 5 -8.66 6.46 13.09
C ILE B 5 -8.27 6.12 11.65
N ALA B 6 -9.24 5.60 10.90
CA ALA B 6 -9.01 5.23 9.51
C ALA B 6 -8.63 6.45 8.69
N ARG B 7 -9.39 7.52 8.84
CA ARG B 7 -9.14 8.75 8.11
C ARG B 7 -7.82 9.37 8.53
N HIS B 8 -7.47 9.24 9.80
CA HIS B 8 -6.24 9.79 10.33
C HIS B 8 -5.01 9.26 9.60
N LEU B 9 -4.89 7.94 9.49
CA LEU B 9 -3.74 7.34 8.81
C LEU B 9 -3.83 7.49 7.30
N ALA B 10 -5.04 7.35 6.77
CA ALA B 10 -5.25 7.43 5.33
C ALA B 10 -5.03 8.85 4.79
N GLN B 11 -5.62 9.84 5.44
CA GLN B 11 -5.50 11.22 4.97
C GLN B 11 -4.09 11.76 5.17
N VAL B 12 -3.53 11.58 6.36
CA VAL B 12 -2.19 12.09 6.64
C VAL B 12 -1.17 11.51 5.65
N GLY B 13 -1.28 10.22 5.39
CA GLY B 13 -0.37 9.57 4.47
C GLY B 13 -0.62 10.01 3.03
N ASP B 14 -1.86 9.95 2.60
CA ASP B 14 -2.25 10.33 1.24
C ASP B 14 -1.85 11.77 0.91
N SER B 15 -2.11 12.68 1.85
CA SER B 15 -1.79 14.09 1.64
C SER B 15 -0.28 14.33 1.60
N MET B 16 0.48 13.59 2.41
CA MET B 16 1.92 13.76 2.45
C MET B 16 2.57 13.15 1.21
N ASP B 17 2.08 11.99 0.80
CA ASP B 17 2.61 11.32 -0.38
C ASP B 17 2.29 12.16 -1.62
N ARG B 18 1.14 12.82 -1.58
CA ARG B 18 0.70 13.69 -2.67
C ARG B 18 1.48 15.00 -2.67
N SER B 19 2.30 15.18 -1.63
CA SER B 19 3.14 16.37 -1.46
C SER B 19 2.31 17.62 -1.15
N ILE B 20 1.00 17.46 -0.99
CA ILE B 20 0.11 18.57 -0.70
C ILE B 20 -1.26 18.08 -0.26
N ALA A 1 -7.42 -8.19 -29.17
CA ALA A 1 -6.13 -8.32 -28.46
C ALA A 1 -6.33 -8.20 -26.95
N THR A 2 -6.38 -9.33 -26.26
CA THR A 2 -6.54 -9.34 -24.82
C THR A 2 -5.45 -10.19 -24.18
N PRO A 3 -4.46 -9.54 -23.53
CA PRO A 3 -3.35 -10.24 -22.88
C PRO A 3 -3.82 -11.05 -21.68
N ALA A 4 -3.54 -12.34 -21.70
CA ALA A 4 -3.92 -13.22 -20.60
C ALA A 4 -2.89 -13.17 -19.48
N SER A 5 -3.34 -12.74 -18.31
CA SER A 5 -2.46 -12.65 -17.15
C SER A 5 -2.18 -14.04 -16.59
N ALA A 6 -0.95 -14.51 -16.79
CA ALA A 6 -0.54 -15.84 -16.31
C ALA A 6 -0.33 -15.88 -14.80
N PRO A 7 0.47 -14.97 -14.21
CA PRO A 7 0.73 -14.97 -12.75
C PRO A 7 -0.53 -14.69 -11.93
N ASP A 8 -0.66 -15.41 -10.82
CA ASP A 8 -1.80 -15.26 -9.92
C ASP A 8 -1.59 -14.06 -9.01
N THR A 9 -2.70 -13.45 -8.58
CA THR A 9 -2.66 -12.29 -7.70
C THR A 9 -1.92 -12.57 -6.38
N ARG A 10 -2.08 -13.77 -5.84
CA ARG A 10 -1.42 -14.13 -4.59
C ARG A 10 0.07 -14.35 -4.82
N ALA A 11 0.42 -14.95 -5.95
CA ALA A 11 1.81 -15.20 -6.29
C ALA A 11 2.54 -13.87 -6.46
N LEU A 12 1.83 -12.87 -6.95
CA LEU A 12 2.38 -11.55 -7.15
C LEU A 12 2.77 -10.94 -5.81
N VAL A 13 1.90 -11.13 -4.82
CA VAL A 13 2.14 -10.61 -3.48
C VAL A 13 3.27 -11.37 -2.82
N ALA A 14 3.28 -12.69 -3.03
CA ALA A 14 4.30 -13.56 -2.47
C ALA A 14 5.69 -13.14 -2.95
N ASP A 15 5.77 -12.72 -4.21
CA ASP A 15 7.02 -12.27 -4.79
C ASP A 15 7.52 -11.01 -4.09
N PHE A 16 6.57 -10.14 -3.74
CA PHE A 16 6.88 -8.90 -3.06
C PHE A 16 7.40 -9.18 -1.65
N VAL A 17 6.65 -10.00 -0.91
CA VAL A 17 7.04 -10.36 0.45
C VAL A 17 8.37 -11.11 0.44
N GLY A 18 8.50 -12.05 -0.49
CA GLY A 18 9.72 -12.83 -0.61
C GLY A 18 10.90 -11.95 -0.94
N TYR A 19 10.68 -10.93 -1.77
CA TYR A 19 11.72 -10.00 -2.14
C TYR A 19 12.14 -9.19 -0.93
N LYS A 20 11.17 -8.74 -0.16
CA LYS A 20 11.44 -7.95 1.04
C LYS A 20 12.26 -8.77 2.03
N LEU A 21 11.95 -10.06 2.11
CA LEU A 21 12.67 -10.96 2.99
C LEU A 21 14.13 -11.08 2.54
N ARG A 22 14.33 -10.99 1.24
CA ARG A 22 15.66 -11.08 0.65
C ARG A 22 16.40 -9.74 0.78
N GLN A 23 15.65 -8.65 0.70
CA GLN A 23 16.24 -7.31 0.81
C GLN A 23 16.90 -7.11 2.17
N LYS A 24 16.25 -7.63 3.21
CA LYS A 24 16.79 -7.50 4.57
C LYS A 24 17.81 -8.61 4.86
N GLY A 25 18.07 -9.43 3.85
CA GLY A 25 19.03 -10.51 3.99
C GLY A 25 19.97 -10.54 2.81
N TYR A 26 19.82 -11.55 1.97
CA TYR A 26 20.64 -11.67 0.78
C TYR A 26 19.86 -11.19 -0.44
N VAL A 27 20.20 -10.00 -0.93
CA VAL A 27 19.53 -9.43 -2.08
C VAL A 27 19.77 -10.25 -3.33
N CYS A 28 18.74 -10.96 -3.77
CA CYS A 28 18.82 -11.79 -4.95
C CYS A 28 17.91 -11.23 -6.04
N GLY A 29 18.50 -10.85 -7.16
CA GLY A 29 17.72 -10.31 -8.26
C GLY A 29 18.51 -9.33 -9.09
N ALA A 30 17.89 -8.80 -10.14
CA ALA A 30 18.55 -7.84 -11.01
C ALA A 30 17.91 -6.46 -10.87
N GLY A 31 18.66 -5.42 -11.19
CA GLY A 31 18.15 -4.07 -11.10
C GLY A 31 17.71 -3.55 -12.46
N PRO A 32 16.39 -3.44 -12.69
CA PRO A 32 15.84 -2.96 -13.96
C PRO A 32 16.22 -1.51 -14.26
N GLY A 33 17.11 -1.32 -15.23
CA GLY A 33 17.52 0.01 -15.59
C GLY A 33 16.68 0.58 -16.70
N GLU A 34 17.33 0.88 -17.82
CA GLU A 34 16.64 1.43 -18.98
C GLU A 34 16.06 0.30 -19.82
N GLY A 35 15.08 -0.39 -19.26
CA GLY A 35 14.46 -1.50 -19.96
C GLY A 35 12.96 -1.54 -19.75
N PRO A 36 12.19 -1.02 -20.72
CA PRO A 36 10.72 -1.02 -20.64
C PRO A 36 10.16 -2.42 -20.49
N ALA A 37 9.57 -2.70 -19.34
CA ALA A 37 9.02 -4.01 -19.06
C ALA A 37 7.58 -4.11 -19.54
N ALA A 38 7.16 -5.32 -19.89
CA ALA A 38 5.81 -5.55 -20.35
C ALA A 38 4.85 -5.59 -19.16
N ASP A 39 5.35 -6.10 -18.04
CA ASP A 39 4.55 -6.18 -16.83
C ASP A 39 5.06 -5.16 -15.80
N PRO A 40 4.19 -4.25 -15.38
CA PRO A 40 4.51 -3.23 -14.40
C PRO A 40 3.95 -3.55 -13.01
N LEU A 41 3.56 -4.82 -12.81
CA LEU A 41 2.99 -5.24 -11.54
C LEU A 41 4.01 -5.21 -10.41
N HIS A 42 5.20 -5.75 -10.68
CA HIS A 42 6.26 -5.77 -9.68
C HIS A 42 6.77 -4.35 -9.44
N GLN A 43 6.85 -3.58 -10.52
CA GLN A 43 7.32 -2.20 -10.44
C GLN A 43 6.33 -1.36 -9.64
N ALA A 44 5.04 -1.61 -9.83
CA ALA A 44 4.00 -0.88 -9.12
C ALA A 44 4.04 -1.20 -7.64
N MET A 45 4.22 -2.47 -7.31
CA MET A 45 4.30 -2.89 -5.91
C MET A 45 5.54 -2.31 -5.24
N ARG A 46 6.63 -2.24 -5.99
CA ARG A 46 7.88 -1.68 -5.49
C ARG A 46 7.73 -0.19 -5.29
N ALA A 47 6.88 0.43 -6.10
CA ALA A 47 6.64 1.86 -6.03
C ALA A 47 5.66 2.18 -4.90
N ALA A 48 4.70 1.30 -4.68
CA ALA A 48 3.70 1.47 -3.63
C ALA A 48 4.36 1.72 -2.28
N GLY A 49 5.42 0.96 -2.01
CA GLY A 49 6.13 1.10 -0.76
C GLY A 49 7.34 2.02 -0.90
N ASP A 50 7.20 3.06 -1.70
CA ASP A 50 8.30 4.01 -1.91
C ASP A 50 7.77 5.41 -2.24
N GLU A 51 6.76 5.47 -3.10
CA GLU A 51 6.17 6.73 -3.54
C GLU A 51 5.72 7.58 -2.35
N PHE A 52 4.75 7.08 -1.61
CA PHE A 52 4.21 7.81 -0.47
C PHE A 52 5.27 7.98 0.63
N GLU A 53 6.29 7.14 0.62
CA GLU A 53 7.35 7.18 1.62
C GLU A 53 8.37 8.27 1.30
N THR A 54 8.73 8.41 0.04
CA THR A 54 9.70 9.41 -0.38
C THR A 54 9.15 10.83 -0.26
N ARG A 55 7.84 10.94 -0.09
CA ARG A 55 7.21 12.25 0.03
C ARG A 55 6.61 12.44 1.42
N PHE A 56 6.88 11.50 2.31
CA PHE A 56 6.37 11.56 3.67
C PHE A 56 7.52 11.68 4.67
N ARG A 57 8.02 10.53 5.11
CA ARG A 57 9.10 10.48 6.09
C ARG A 57 9.55 9.04 6.29
N ARG A 58 8.82 8.34 7.16
CA ARG A 58 9.08 6.95 7.48
C ARG A 58 7.76 6.28 7.83
N THR A 59 6.78 6.49 6.96
CA THR A 59 5.43 5.97 7.13
C THR A 59 5.39 4.46 7.37
N PHE A 60 6.38 3.74 6.85
CA PHE A 60 6.45 2.29 7.03
C PHE A 60 6.36 1.92 8.51
N SER A 61 6.86 2.81 9.37
CA SER A 61 6.83 2.60 10.80
C SER A 61 6.03 3.71 11.49
N ASP A 62 6.17 4.93 10.97
CA ASP A 62 5.48 6.10 11.53
C ASP A 62 3.97 5.97 11.47
N LEU A 63 3.44 5.42 10.39
CA LEU A 63 2.00 5.26 10.23
C LEU A 63 1.43 4.36 11.31
N ALA A 64 2.21 3.36 11.71
CA ALA A 64 1.79 2.44 12.75
C ALA A 64 1.99 3.06 14.13
N ALA A 65 3.02 3.89 14.24
CA ALA A 65 3.33 4.57 15.49
C ALA A 65 2.32 5.66 15.81
N GLN A 66 1.97 6.47 14.81
CA GLN A 66 1.01 7.55 14.99
C GLN A 66 -0.37 7.00 15.34
N LEU A 67 -0.68 5.83 14.79
CA LEU A 67 -1.96 5.20 15.05
C LEU A 67 -1.91 4.42 16.36
N HIS A 68 -0.70 4.30 16.91
CA HIS A 68 -0.50 3.59 18.16
C HIS A 68 -0.72 4.54 19.34
N VAL A 69 -0.77 5.83 19.03
CA VAL A 69 -0.99 6.85 20.05
C VAL A 69 -2.44 6.77 20.51
N THR A 70 -3.32 6.51 19.56
CA THR A 70 -4.74 6.37 19.83
C THR A 70 -5.03 4.91 20.23
N PRO A 71 -6.17 4.63 20.90
CA PRO A 71 -6.53 3.27 21.31
C PRO A 71 -6.54 2.30 20.12
N GLY A 72 -5.65 1.33 20.17
CA GLY A 72 -5.56 0.35 19.10
C GLY A 72 -5.50 -1.06 19.61
N SER A 73 -5.11 -1.97 18.73
CA SER A 73 -5.00 -3.38 19.07
C SER A 73 -3.94 -4.04 18.19
N ALA A 74 -4.03 -5.35 17.98
CA ALA A 74 -3.07 -6.07 17.16
C ALA A 74 -3.28 -5.80 15.67
N GLN A 75 -2.76 -6.71 14.85
CA GLN A 75 -2.86 -6.61 13.39
C GLN A 75 -4.28 -6.37 12.90
N GLN A 76 -5.26 -6.93 13.59
CA GLN A 76 -6.67 -6.78 13.23
C GLN A 76 -7.07 -5.31 13.16
N ARG A 77 -6.52 -4.50 14.05
CA ARG A 77 -6.82 -3.08 14.10
C ARG A 77 -6.18 -2.36 12.92
N PHE A 78 -4.99 -2.81 12.52
CA PHE A 78 -4.28 -2.21 11.41
C PHE A 78 -5.00 -2.46 10.10
N THR A 79 -5.52 -3.68 9.95
CA THR A 79 -6.25 -4.04 8.74
C THR A 79 -7.58 -3.28 8.69
N GLN A 80 -8.18 -3.09 9.86
CA GLN A 80 -9.45 -2.39 9.95
C GLN A 80 -9.31 -0.90 9.68
N VAL A 81 -8.28 -0.28 10.23
CA VAL A 81 -8.06 1.15 10.06
C VAL A 81 -7.86 1.51 8.58
N SER A 82 -7.49 0.51 7.78
CA SER A 82 -7.29 0.72 6.36
C SER A 82 -8.61 0.54 5.59
N ASP A 83 -9.33 -0.54 5.90
CA ASP A 83 -10.61 -0.84 5.25
C ASP A 83 -11.67 0.19 5.61
N GLU A 84 -11.62 0.65 6.85
CA GLU A 84 -12.57 1.62 7.37
C GLU A 84 -12.75 2.83 6.44
N LEU A 85 -11.66 3.28 5.85
CA LEU A 85 -11.71 4.43 4.95
C LEU A 85 -11.57 4.00 3.50
N PHE A 86 -11.50 2.69 3.27
CA PHE A 86 -11.39 2.16 1.92
C PHE A 86 -12.76 2.06 1.28
N GLN A 87 -13.74 1.68 2.10
CA GLN A 87 -15.12 1.55 1.65
C GLN A 87 -15.69 2.91 1.23
N GLY A 88 -15.06 3.97 1.72
CA GLY A 88 -15.49 5.31 1.39
C GLY A 88 -14.89 5.81 0.09
N GLY A 89 -14.23 4.92 -0.63
CA GLY A 89 -13.62 5.30 -1.88
C GLY A 89 -12.18 4.87 -1.99
N PRO A 90 -11.86 3.97 -2.94
CA PRO A 90 -10.50 3.48 -3.16
C PRO A 90 -9.64 4.54 -3.86
N ASN A 91 -9.41 5.63 -3.17
CA ASN A 91 -8.62 6.74 -3.69
C ASN A 91 -7.14 6.37 -3.84
N TRP A 92 -6.37 7.32 -4.36
CA TRP A 92 -4.93 7.15 -4.60
C TRP A 92 -4.21 6.49 -3.42
N GLY A 93 -4.06 7.26 -2.34
CA GLY A 93 -3.36 6.74 -1.16
C GLY A 93 -4.14 5.66 -0.43
N ARG A 94 -5.41 5.52 -0.76
CA ARG A 94 -6.25 4.52 -0.13
C ARG A 94 -5.80 3.12 -0.51
N LEU A 95 -5.65 2.88 -1.81
CA LEU A 95 -5.22 1.58 -2.31
C LEU A 95 -3.78 1.30 -1.90
N VAL A 96 -2.96 2.35 -1.88
CA VAL A 96 -1.56 2.22 -1.49
C VAL A 96 -1.43 1.83 -0.03
N ALA A 97 -2.05 2.61 0.85
CA ALA A 97 -2.00 2.35 2.29
C ALA A 97 -2.58 1.00 2.66
N PHE A 98 -3.70 0.64 2.03
CA PHE A 98 -4.37 -0.63 2.30
C PHE A 98 -3.41 -1.81 2.12
N PHE A 99 -2.53 -1.72 1.14
CA PHE A 99 -1.58 -2.78 0.87
C PHE A 99 -0.28 -2.59 1.64
N VAL A 100 0.26 -1.38 1.61
CA VAL A 100 1.53 -1.10 2.27
C VAL A 100 1.46 -1.25 3.79
N PHE A 101 0.33 -0.87 4.40
CA PHE A 101 0.19 -0.97 5.85
C PHE A 101 0.20 -2.43 6.27
N GLY A 102 -0.56 -3.24 5.54
CA GLY A 102 -0.62 -4.65 5.84
C GLY A 102 0.75 -5.30 5.68
N ALA A 103 1.42 -4.97 4.58
CA ALA A 103 2.74 -5.50 4.30
C ALA A 103 3.75 -5.06 5.35
N ALA A 104 3.68 -3.79 5.74
CA ALA A 104 4.59 -3.24 6.74
C ALA A 104 4.44 -3.95 8.08
N LEU A 105 3.20 -4.22 8.45
CA LEU A 105 2.92 -4.91 9.71
C LEU A 105 3.29 -6.39 9.60
N CYS A 106 2.99 -6.98 8.45
CA CYS A 106 3.30 -8.38 8.21
C CYS A 106 4.82 -8.59 8.21
N ALA A 107 5.55 -7.68 7.58
CA ALA A 107 7.01 -7.77 7.53
C ALA A 107 7.59 -7.78 8.94
N GLU A 108 7.04 -6.93 9.79
CA GLU A 108 7.47 -6.85 11.18
C GLU A 108 7.17 -8.16 11.88
N SER A 109 6.01 -8.70 11.62
CA SER A 109 5.59 -9.96 12.21
C SER A 109 6.48 -11.11 11.71
N VAL A 110 6.87 -11.05 10.43
CA VAL A 110 7.74 -12.06 9.83
C VAL A 110 9.09 -12.08 10.54
N ASN A 111 9.64 -10.89 10.78
CA ASN A 111 10.93 -10.77 11.45
C ASN A 111 10.83 -11.26 12.88
N LYS A 112 9.62 -11.20 13.43
CA LYS A 112 9.36 -11.65 14.80
C LYS A 112 9.01 -13.13 14.84
N GLU A 113 9.10 -13.78 13.67
CA GLU A 113 8.81 -15.21 13.53
C GLU A 113 7.32 -15.52 13.77
N MET A 114 6.49 -14.49 13.68
CA MET A 114 5.06 -14.66 13.87
C MET A 114 4.38 -14.92 12.53
N GLU A 115 4.79 -16.00 11.89
CA GLU A 115 4.26 -16.37 10.58
C GLU A 115 2.78 -16.75 10.67
N VAL A 116 2.35 -17.16 11.86
CA VAL A 116 0.96 -17.54 12.07
C VAL A 116 0.06 -16.32 11.86
N LEU A 117 0.45 -15.20 12.44
CA LEU A 117 -0.31 -13.96 12.32
C LEU A 117 -0.25 -13.46 10.88
N VAL A 118 0.91 -13.61 10.26
CA VAL A 118 1.12 -13.18 8.87
C VAL A 118 0.12 -13.88 7.95
N GLY A 119 0.09 -15.21 8.05
CA GLY A 119 -0.81 -15.99 7.22
C GLY A 119 -2.26 -15.63 7.46
N GLN A 120 -2.60 -15.35 8.72
CA GLN A 120 -3.95 -14.97 9.10
C GLN A 120 -4.38 -13.68 8.41
N VAL A 121 -3.56 -12.63 8.56
CA VAL A 121 -3.84 -11.33 7.97
C VAL A 121 -3.87 -11.42 6.45
N GLN A 122 -2.89 -12.11 5.88
CA GLN A 122 -2.80 -12.26 4.43
C GLN A 122 -4.06 -12.92 3.88
N GLU A 123 -4.50 -13.98 4.55
CA GLU A 123 -5.71 -14.69 4.15
C GLU A 123 -6.92 -13.76 4.20
N TRP A 124 -7.04 -13.00 5.28
CA TRP A 124 -8.14 -12.06 5.45
C TRP A 124 -8.14 -11.01 4.34
N MET A 125 -6.96 -10.49 4.01
CA MET A 125 -6.82 -9.48 2.97
C MET A 125 -7.22 -10.04 1.61
N VAL A 126 -6.62 -11.17 1.25
CA VAL A 126 -6.89 -11.81 -0.04
C VAL A 126 -8.36 -12.19 -0.17
N ALA A 127 -8.93 -12.73 0.90
CA ALA A 127 -10.33 -13.13 0.91
C ALA A 127 -11.23 -11.92 0.75
N TYR A 128 -10.97 -10.89 1.55
CA TYR A 128 -11.76 -9.66 1.54
C TYR A 128 -11.73 -8.99 0.16
N LEU A 129 -10.55 -9.01 -0.47
CA LEU A 129 -10.38 -8.41 -1.79
C LEU A 129 -11.32 -9.04 -2.82
N GLU A 130 -11.64 -10.31 -2.63
CA GLU A 130 -12.53 -11.01 -3.54
C GLU A 130 -13.91 -11.20 -2.92
N THR A 131 -14.17 -10.53 -1.80
CA THR A 131 -15.45 -10.65 -1.13
C THR A 131 -16.28 -9.37 -1.28
N ARG A 132 -15.81 -8.27 -0.70
CA ARG A 132 -16.53 -7.01 -0.79
C ARG A 132 -15.84 -6.01 -1.71
N LEU A 133 -14.55 -6.22 -1.93
CA LEU A 133 -13.79 -5.32 -2.78
C LEU A 133 -13.59 -5.92 -4.16
N ALA A 134 -14.31 -7.00 -4.44
CA ALA A 134 -14.19 -7.69 -5.73
C ALA A 134 -14.61 -6.77 -6.87
N ASP A 135 -15.77 -6.13 -6.72
CA ASP A 135 -16.27 -5.22 -7.73
C ASP A 135 -15.29 -4.08 -7.97
N TRP A 136 -14.76 -3.53 -6.89
CA TRP A 136 -13.81 -2.44 -6.97
C TRP A 136 -12.57 -2.85 -7.76
N ILE A 137 -12.01 -4.00 -7.41
CA ILE A 137 -10.83 -4.52 -8.09
C ILE A 137 -11.14 -4.82 -9.56
N HIS A 138 -12.33 -5.36 -9.81
CA HIS A 138 -12.76 -5.69 -11.16
C HIS A 138 -12.87 -4.43 -12.03
N SER A 139 -13.55 -3.42 -11.51
CA SER A 139 -13.73 -2.18 -12.23
C SER A 139 -12.39 -1.47 -12.46
N SER A 140 -11.59 -1.36 -11.41
CA SER A 140 -10.29 -0.70 -11.49
C SER A 140 -9.28 -1.53 -12.31
N GLY A 141 -9.59 -2.80 -12.52
CA GLY A 141 -8.71 -3.67 -13.26
C GLY A 141 -7.46 -4.02 -12.48
N GLY A 142 -7.64 -4.29 -11.20
CA GLY A 142 -6.52 -4.64 -10.35
C GLY A 142 -5.59 -3.46 -10.13
N TRP A 143 -4.47 -3.46 -10.86
CA TRP A 143 -3.49 -2.39 -10.74
C TRP A 143 -3.45 -1.56 -12.02
N ALA A 144 -4.47 -1.74 -12.86
CA ALA A 144 -4.57 -1.02 -14.13
C ALA A 144 -4.56 0.49 -13.92
N GLU A 145 -5.41 0.98 -13.04
CA GLU A 145 -5.46 2.41 -12.77
C GLU A 145 -4.44 2.80 -11.71
N PHE A 146 -4.04 1.82 -10.90
CA PHE A 146 -3.07 2.06 -9.84
C PHE A 146 -1.75 2.59 -10.40
N THR A 147 -1.33 2.03 -11.52
CA THR A 147 -0.09 2.43 -12.17
C THR A 147 -0.17 3.87 -12.66
N ALA A 148 -1.39 4.32 -12.93
CA ALA A 148 -1.62 5.67 -13.40
C ALA A 148 -1.76 6.64 -12.22
N LEU A 149 -2.20 6.11 -11.08
CA LEU A 149 -2.39 6.92 -9.89
C LEU A 149 -1.07 7.56 -9.44
N TYR A 150 -0.09 6.73 -9.13
CA TYR A 150 1.21 7.24 -8.69
C TYR A 150 1.99 7.80 -9.88
N GLY A 151 1.49 7.53 -11.08
CA GLY A 151 2.14 8.01 -12.30
C GLY A 151 1.98 9.52 -12.45
N ASP A 152 1.00 10.06 -11.75
CA ASP A 152 0.72 11.49 -11.76
C ASP A 152 0.78 12.02 -10.34
N GLY A 153 -0.15 11.57 -9.51
CA GLY A 153 -0.20 11.97 -8.11
C GLY A 153 -0.45 13.45 -7.89
N ALA A 154 -1.06 14.12 -8.86
CA ALA A 154 -1.33 15.55 -8.73
C ALA A 154 -2.81 15.84 -8.94
N LEU A 155 -3.39 15.18 -9.93
CA LEU A 155 -4.80 15.36 -10.26
C LEU A 155 -5.69 14.53 -9.33
N GLU A 156 -5.88 15.02 -8.12
CA GLU A 156 -6.71 14.35 -7.12
C GLU A 156 -7.49 15.39 -6.32
N GLU A 157 -8.80 15.42 -6.53
CA GLU A 157 -9.66 16.37 -5.84
C GLU A 157 -10.60 15.65 -4.89
N ALA A 158 -10.08 14.65 -4.18
CA ALA A 158 -10.88 13.88 -3.25
C ALA A 158 -10.79 14.46 -1.84
N ARG A 159 -9.57 14.69 -1.37
CA ARG A 159 -9.38 15.25 -0.03
C ARG A 159 -8.96 16.71 -0.10
N ARG A 160 -9.03 17.29 -1.30
CA ARG A 160 -8.68 18.70 -1.49
C ARG A 160 -9.89 19.58 -1.32
N LEU A 161 -10.23 19.88 -0.07
CA LEU A 161 -11.38 20.71 0.24
C LEU A 161 -11.02 22.19 0.19
N ARG A 162 -11.87 22.97 -0.47
CA ARG A 162 -11.67 24.41 -0.58
C ARG A 162 -12.59 25.13 0.39
N GLU A 163 -12.08 25.45 1.57
CA GLU A 163 -12.87 26.13 2.58
C GLU A 163 -12.40 27.57 2.75
N GLY A 164 -13.09 28.31 3.60
CA GLY A 164 -12.75 29.69 3.84
C GLY A 164 -13.49 30.23 5.05
N ASN A 165 -12.74 30.57 6.09
CA ASN A 165 -13.32 31.11 7.31
C ASN A 165 -13.42 32.63 7.23
N TRP A 166 -14.35 33.09 6.42
CA TRP A 166 -14.57 34.52 6.22
C TRP A 166 -15.84 34.74 5.41
N ALA A 167 -15.81 34.30 4.16
CA ALA A 167 -16.96 34.43 3.28
C ALA A 167 -17.32 33.08 2.69
N SER A 168 -18.60 32.92 2.35
CA SER A 168 -19.07 31.68 1.77
C SER A 168 -18.82 31.67 0.27
N VAL A 169 -18.40 32.81 -0.25
CA VAL A 169 -18.11 32.96 -1.67
C VAL A 169 -16.86 32.16 -2.05
N ARG A 170 -17.01 31.29 -3.05
CA ARG A 170 -15.91 30.46 -3.51
C ARG A 170 -16.28 29.82 -4.84
N ILE B 1 -15.76 0.11 12.78
CA ILE B 1 -15.25 0.15 14.16
C ILE B 1 -14.93 1.59 14.58
N ILE B 2 -14.13 2.28 13.78
CA ILE B 2 -13.75 3.66 14.08
C ILE B 2 -13.19 4.36 12.83
N LYS B 3 -14.03 5.16 12.21
CA LYS B 3 -13.67 5.88 11.00
C LYS B 3 -12.81 7.10 11.30
N ASN B 4 -13.04 7.72 12.46
CA ASN B 4 -12.31 8.92 12.87
C ASN B 4 -10.79 8.79 12.66
N ILE B 5 -10.17 7.82 13.32
CA ILE B 5 -8.73 7.63 13.21
C ILE B 5 -8.35 7.11 11.82
N ALA B 6 -9.22 6.28 11.24
CA ALA B 6 -8.98 5.73 9.91
C ALA B 6 -8.91 6.84 8.88
N ARG B 7 -9.75 7.85 9.07
CA ARG B 7 -9.80 8.99 8.18
C ARG B 7 -8.47 9.72 8.23
N HIS B 8 -7.96 9.90 9.44
CA HIS B 8 -6.67 10.58 9.61
C HIS B 8 -5.55 9.78 8.96
N LEU B 9 -5.59 8.46 9.11
CA LEU B 9 -4.59 7.57 8.53
C LEU B 9 -4.53 7.74 7.01
N ALA B 10 -5.69 7.62 6.38
CA ALA B 10 -5.78 7.77 4.93
C ALA B 10 -5.50 9.21 4.52
N GLN B 11 -5.93 10.14 5.35
CA GLN B 11 -5.76 11.57 5.10
C GLN B 11 -4.29 11.93 4.89
N VAL B 12 -3.45 11.60 5.87
CA VAL B 12 -2.03 11.91 5.78
C VAL B 12 -1.36 11.19 4.62
N GLY B 13 -1.68 9.92 4.43
CA GLY B 13 -1.09 9.17 3.34
C GLY B 13 -1.48 9.70 1.97
N ASP B 14 -2.76 10.05 1.82
CA ASP B 14 -3.27 10.58 0.56
C ASP B 14 -2.73 11.97 0.27
N SER B 15 -2.80 12.85 1.27
CA SER B 15 -2.35 14.23 1.11
C SER B 15 -0.85 14.36 0.94
N MET B 16 -0.08 13.60 1.72
CA MET B 16 1.38 13.67 1.67
C MET B 16 1.92 13.16 0.33
N ASP B 17 1.44 12.00 -0.11
CA ASP B 17 1.90 11.42 -1.37
C ASP B 17 1.49 12.31 -2.55
N ARG B 18 0.31 12.93 -2.43
CA ARG B 18 -0.20 13.81 -3.47
C ARG B 18 0.57 15.13 -3.47
N SER B 19 1.31 15.37 -2.38
CA SER B 19 2.11 16.57 -2.20
C SER B 19 1.25 17.82 -2.00
N ILE B 20 0.39 18.12 -2.95
CA ILE B 20 -0.47 19.29 -2.88
C ILE B 20 -1.90 18.89 -2.55
N ALA A 1 -8.11 -8.25 -28.32
CA ALA A 1 -7.22 -9.19 -27.62
C ALA A 1 -7.53 -9.19 -26.13
N THR A 2 -7.32 -10.32 -25.48
CA THR A 2 -7.57 -10.43 -24.05
C THR A 2 -6.49 -11.28 -23.37
N PRO A 3 -5.39 -10.65 -22.94
CA PRO A 3 -4.28 -11.34 -22.28
C PRO A 3 -4.68 -11.88 -20.91
N ALA A 4 -4.39 -13.14 -20.69
CA ALA A 4 -4.72 -13.78 -19.41
C ALA A 4 -3.54 -13.65 -18.45
N SER A 5 -3.78 -13.96 -17.19
CA SER A 5 -2.75 -13.87 -16.17
C SER A 5 -2.25 -15.26 -15.80
N ALA A 6 -0.95 -15.45 -15.89
CA ALA A 6 -0.33 -16.73 -15.55
C ALA A 6 -0.05 -16.82 -14.04
N PRO A 7 0.64 -15.84 -13.44
CA PRO A 7 0.93 -15.86 -12.00
C PRO A 7 -0.32 -15.61 -11.17
N ASP A 8 -0.50 -16.43 -10.14
CA ASP A 8 -1.66 -16.31 -9.26
C ASP A 8 -1.56 -15.05 -8.40
N THR A 9 -2.71 -14.50 -8.05
CA THR A 9 -2.79 -13.29 -7.23
C THR A 9 -2.00 -13.41 -5.93
N ARG A 10 -2.09 -14.57 -5.28
CA ARG A 10 -1.39 -14.79 -4.02
C ARG A 10 0.10 -14.96 -4.24
N ALA A 11 0.47 -15.43 -5.44
CA ALA A 11 1.88 -15.63 -5.77
C ALA A 11 2.61 -14.30 -5.82
N LEU A 12 1.95 -13.28 -6.36
CA LEU A 12 2.51 -11.95 -6.43
C LEU A 12 2.76 -11.39 -5.04
N VAL A 13 1.78 -11.60 -4.16
CA VAL A 13 1.87 -11.12 -2.79
C VAL A 13 3.01 -11.83 -2.07
N ALA A 14 3.09 -13.14 -2.24
CA ALA A 14 4.14 -13.94 -1.62
C ALA A 14 5.51 -13.49 -2.11
N ASP A 15 5.58 -13.13 -3.39
CA ASP A 15 6.82 -12.68 -4.00
C ASP A 15 7.25 -11.34 -3.39
N PHE A 16 6.28 -10.45 -3.19
CA PHE A 16 6.55 -9.14 -2.61
C PHE A 16 7.07 -9.30 -1.19
N VAL A 17 6.41 -10.15 -0.40
CA VAL A 17 6.80 -10.40 0.97
C VAL A 17 8.21 -11.01 1.01
N GLY A 18 8.43 -12.02 0.17
CA GLY A 18 9.73 -12.67 0.10
C GLY A 18 10.82 -11.69 -0.32
N TYR A 19 10.49 -10.85 -1.29
CA TYR A 19 11.44 -9.85 -1.78
C TYR A 19 11.83 -8.91 -0.65
N LYS A 20 10.83 -8.41 0.06
CA LYS A 20 11.05 -7.50 1.18
C LYS A 20 11.90 -8.18 2.26
N LEU A 21 11.63 -9.45 2.48
CA LEU A 21 12.35 -10.23 3.48
C LEU A 21 13.81 -10.43 3.07
N ARG A 22 14.08 -10.38 1.77
CA ARG A 22 15.42 -10.56 1.26
C ARG A 22 16.15 -9.21 1.18
N GLN A 23 15.39 -8.14 0.97
CA GLN A 23 15.96 -6.80 0.86
C GLN A 23 16.68 -6.40 2.15
N LYS A 24 16.22 -6.95 3.28
CA LYS A 24 16.81 -6.63 4.56
C LYS A 24 17.98 -7.56 4.90
N GLY A 25 18.49 -8.25 3.89
CA GLY A 25 19.60 -9.15 4.11
C GLY A 25 20.51 -9.27 2.91
N TYR A 26 19.98 -9.77 1.81
CA TYR A 26 20.73 -9.94 0.59
C TYR A 26 19.84 -9.69 -0.61
N VAL A 27 20.00 -8.52 -1.22
CA VAL A 27 19.20 -8.15 -2.38
C VAL A 27 19.55 -9.02 -3.58
N CYS A 28 18.64 -9.92 -3.92
CA CYS A 28 18.84 -10.82 -5.05
C CYS A 28 17.89 -10.46 -6.18
N GLY A 29 18.44 -10.27 -7.36
CA GLY A 29 17.63 -9.92 -8.52
C GLY A 29 18.33 -8.96 -9.44
N ALA A 30 17.70 -7.82 -9.70
CA ALA A 30 18.27 -6.81 -10.58
C ALA A 30 17.59 -5.46 -10.35
N GLY A 31 18.12 -4.43 -10.98
CA GLY A 31 17.55 -3.10 -10.85
C GLY A 31 16.84 -2.68 -12.12
N PRO A 32 15.51 -2.63 -12.10
CA PRO A 32 14.71 -2.23 -13.26
C PRO A 32 14.87 -0.75 -13.59
N GLY A 33 15.54 -0.46 -14.69
CA GLY A 33 15.74 0.91 -15.11
C GLY A 33 15.05 1.22 -16.41
N GLU A 34 15.82 1.31 -17.48
CA GLU A 34 15.26 1.60 -18.79
C GLU A 34 14.89 0.30 -19.51
N GLY A 35 13.60 0.09 -19.64
CA GLY A 35 13.10 -1.10 -20.28
C GLY A 35 11.64 -1.33 -19.93
N PRO A 36 10.72 -0.79 -20.74
CA PRO A 36 9.27 -0.91 -20.51
C PRO A 36 8.85 -2.34 -20.21
N ALA A 37 8.48 -2.59 -18.97
CA ALA A 37 8.05 -3.92 -18.54
C ALA A 37 6.62 -4.17 -18.98
N ALA A 38 6.35 -5.40 -19.40
CA ALA A 38 5.02 -5.78 -19.84
C ALA A 38 4.06 -5.77 -18.66
N ASP A 39 4.56 -6.16 -17.49
CA ASP A 39 3.75 -6.18 -16.29
C ASP A 39 4.10 -5.00 -15.39
N PRO A 40 3.09 -4.21 -15.01
CA PRO A 40 3.27 -3.08 -14.12
C PRO A 40 2.95 -3.47 -12.67
N LEU A 41 2.60 -4.75 -12.50
CA LEU A 41 2.21 -5.29 -11.21
C LEU A 41 3.38 -5.32 -10.24
N HIS A 42 4.51 -5.86 -10.69
CA HIS A 42 5.71 -5.96 -9.85
C HIS A 42 6.20 -4.57 -9.45
N GLN A 43 6.05 -3.61 -10.34
CA GLN A 43 6.49 -2.25 -10.07
C GLN A 43 5.47 -1.50 -9.22
N ALA A 44 4.18 -1.72 -9.48
CA ALA A 44 3.12 -1.06 -8.74
C ALA A 44 3.19 -1.41 -7.26
N MET A 45 3.41 -2.69 -6.97
CA MET A 45 3.50 -3.16 -5.59
C MET A 45 4.70 -2.53 -4.89
N ARG A 46 5.79 -2.39 -5.63
CA ARG A 46 7.01 -1.80 -5.09
C ARG A 46 6.82 -0.30 -4.88
N ALA A 47 6.18 0.35 -5.84
CA ALA A 47 5.93 1.79 -5.77
C ALA A 47 4.92 2.15 -4.70
N ALA A 48 3.95 1.25 -4.46
CA ALA A 48 2.93 1.46 -3.45
C ALA A 48 3.56 1.84 -2.12
N GLY A 49 4.53 1.06 -1.69
CA GLY A 49 5.22 1.34 -0.45
C GLY A 49 6.53 2.04 -0.69
N ASP A 50 6.52 3.01 -1.59
CA ASP A 50 7.73 3.76 -1.93
C ASP A 50 7.39 5.20 -2.31
N GLU A 51 6.39 5.36 -3.18
CA GLU A 51 5.99 6.69 -3.65
C GLU A 51 5.60 7.61 -2.50
N PHE A 52 4.66 7.17 -1.68
CA PHE A 52 4.20 7.98 -0.54
C PHE A 52 5.31 8.12 0.51
N GLU A 53 6.20 7.14 0.56
CA GLU A 53 7.28 7.15 1.54
C GLU A 53 8.39 8.11 1.13
N THR A 54 8.75 8.11 -0.16
CA THR A 54 9.79 9.00 -0.66
C THR A 54 9.35 10.45 -0.54
N ARG A 55 8.04 10.66 -0.54
CA ARG A 55 7.49 12.00 -0.43
C ARG A 55 7.18 12.33 1.03
N PHE A 56 7.43 11.39 1.93
CA PHE A 56 7.19 11.60 3.35
C PHE A 56 8.51 11.63 4.11
N ARG A 57 8.93 10.48 4.60
CA ARG A 57 10.17 10.35 5.38
C ARG A 57 10.30 8.93 5.91
N ARG A 58 9.40 8.56 6.80
CA ARG A 58 9.40 7.22 7.38
C ARG A 58 8.00 6.85 7.84
N THR A 59 7.06 6.90 6.91
CA THR A 59 5.67 6.58 7.20
C THR A 59 5.52 5.13 7.64
N PHE A 60 6.40 4.27 7.13
CA PHE A 60 6.37 2.85 7.48
C PHE A 60 6.38 2.66 8.99
N SER A 61 7.14 3.49 9.69
CA SER A 61 7.21 3.40 11.14
C SER A 61 6.34 4.46 11.81
N ASP A 62 6.34 5.67 11.26
CA ASP A 62 5.57 6.79 11.83
C ASP A 62 4.07 6.48 11.87
N LEU A 63 3.53 5.97 10.77
CA LEU A 63 2.12 5.64 10.69
C LEU A 63 1.75 4.56 11.71
N ALA A 64 2.66 3.61 11.89
CA ALA A 64 2.44 2.54 12.84
C ALA A 64 2.59 3.05 14.28
N ALA A 65 3.44 4.05 14.44
CA ALA A 65 3.69 4.65 15.74
C ALA A 65 2.47 5.44 16.21
N GLN A 66 1.95 6.30 15.35
CA GLN A 66 0.77 7.10 15.70
C GLN A 66 -0.44 6.20 15.88
N LEU A 67 -0.47 5.10 15.13
CA LEU A 67 -1.56 4.14 15.22
C LEU A 67 -1.49 3.41 16.57
N HIS A 68 -0.30 3.42 17.15
CA HIS A 68 -0.07 2.79 18.44
C HIS A 68 -0.47 3.73 19.57
N VAL A 69 -0.50 5.03 19.26
CA VAL A 69 -0.89 6.04 20.23
C VAL A 69 -2.40 6.00 20.44
N THR A 70 -3.14 5.99 19.34
CA THR A 70 -4.59 5.92 19.39
C THR A 70 -5.02 4.52 19.81
N PRO A 71 -6.08 4.41 20.64
CA PRO A 71 -6.60 3.11 21.10
C PRO A 71 -6.85 2.13 19.95
N GLY A 72 -5.95 1.17 19.82
CA GLY A 72 -6.08 0.18 18.77
C GLY A 72 -6.01 -1.22 19.31
N SER A 73 -5.67 -2.16 18.44
CA SER A 73 -5.58 -3.57 18.82
C SER A 73 -4.42 -4.22 18.07
N ALA A 74 -4.56 -5.50 17.78
CA ALA A 74 -3.53 -6.25 17.07
C ALA A 74 -3.63 -6.05 15.56
N GLN A 75 -3.06 -7.00 14.81
CA GLN A 75 -3.06 -6.96 13.34
C GLN A 75 -4.45 -6.77 12.75
N GLN A 76 -5.46 -7.40 13.35
CA GLN A 76 -6.83 -7.28 12.86
C GLN A 76 -7.28 -5.82 12.80
N ARG A 77 -6.89 -5.06 13.81
CA ARG A 77 -7.24 -3.65 13.88
C ARG A 77 -6.57 -2.89 12.73
N PHE A 78 -5.33 -3.29 12.42
CA PHE A 78 -4.57 -2.66 11.35
C PHE A 78 -5.19 -3.00 10.00
N THR A 79 -5.67 -4.22 9.86
CA THR A 79 -6.28 -4.65 8.62
C THR A 79 -7.62 -3.93 8.40
N GLN A 80 -8.43 -3.89 9.45
CA GLN A 80 -9.74 -3.26 9.38
C GLN A 80 -9.64 -1.74 9.28
N VAL A 81 -8.61 -1.16 9.90
CA VAL A 81 -8.44 0.29 9.86
C VAL A 81 -8.04 0.75 8.47
N SER A 82 -7.56 -0.18 7.65
CA SER A 82 -7.16 0.14 6.30
C SER A 82 -8.38 0.13 5.38
N ASP A 83 -9.25 -0.88 5.54
CA ASP A 83 -10.45 -0.99 4.74
C ASP A 83 -11.50 0.01 5.21
N GLU A 84 -11.37 0.41 6.47
CA GLU A 84 -12.27 1.36 7.11
C GLU A 84 -12.42 2.63 6.26
N LEU A 85 -11.30 3.19 5.82
CA LEU A 85 -11.32 4.41 5.03
C LEU A 85 -11.42 4.11 3.54
N PHE A 86 -11.35 2.83 3.18
CA PHE A 86 -11.46 2.44 1.79
C PHE A 86 -12.92 2.51 1.37
N GLN A 87 -13.80 2.32 2.35
CA GLN A 87 -15.24 2.37 2.15
C GLN A 87 -15.66 3.78 1.74
N GLY A 88 -14.85 4.77 2.11
CA GLY A 88 -15.15 6.15 1.80
C GLY A 88 -14.70 6.55 0.41
N GLY A 89 -14.17 5.59 -0.34
CA GLY A 89 -13.74 5.88 -1.69
C GLY A 89 -12.34 5.36 -1.98
N PRO A 90 -12.15 4.68 -3.12
CA PRO A 90 -10.86 4.13 -3.51
C PRO A 90 -9.93 5.20 -4.08
N ASN A 91 -9.54 6.14 -3.21
CA ASN A 91 -8.66 7.23 -3.62
C ASN A 91 -7.24 6.73 -3.89
N TRP A 92 -6.42 7.60 -4.46
CA TRP A 92 -5.04 7.30 -4.80
C TRP A 92 -4.26 6.74 -3.60
N GLY A 93 -4.12 7.55 -2.55
CA GLY A 93 -3.40 7.12 -1.37
C GLY A 93 -4.16 6.10 -0.54
N ARG A 94 -5.43 5.90 -0.85
CA ARG A 94 -6.25 4.93 -0.13
C ARG A 94 -5.75 3.52 -0.39
N LEU A 95 -5.57 3.18 -1.67
CA LEU A 95 -5.08 1.86 -2.04
C LEU A 95 -3.63 1.68 -1.57
N VAL A 96 -2.90 2.79 -1.60
CA VAL A 96 -1.51 2.80 -1.17
C VAL A 96 -1.40 2.41 0.30
N ALA A 97 -2.14 3.12 1.14
CA ALA A 97 -2.13 2.86 2.58
C ALA A 97 -2.61 1.45 2.90
N PHE A 98 -3.68 1.03 2.24
CA PHE A 98 -4.25 -0.30 2.46
C PHE A 98 -3.23 -1.41 2.21
N PHE A 99 -2.48 -1.26 1.13
CA PHE A 99 -1.47 -2.24 0.77
C PHE A 99 -0.23 -2.16 1.66
N VAL A 100 0.26 -0.94 1.86
CA VAL A 100 1.47 -0.74 2.65
C VAL A 100 1.26 -1.08 4.13
N PHE A 101 0.06 -0.83 4.65
CA PHE A 101 -0.23 -1.13 6.06
C PHE A 101 -0.07 -2.60 6.33
N GLY A 102 -0.68 -3.42 5.50
CA GLY A 102 -0.59 -4.87 5.67
C GLY A 102 0.82 -5.37 5.45
N ALA A 103 1.47 -4.84 4.41
CA ALA A 103 2.83 -5.24 4.08
C ALA A 103 3.81 -4.92 5.21
N ALA A 104 3.71 -3.71 5.74
CA ALA A 104 4.60 -3.28 6.82
C ALA A 104 4.37 -4.10 8.08
N LEU A 105 3.11 -4.38 8.38
CA LEU A 105 2.76 -5.15 9.56
C LEU A 105 3.17 -6.61 9.40
N CYS A 106 2.92 -7.18 8.23
CA CYS A 106 3.28 -8.56 7.94
C CYS A 106 4.79 -8.74 8.04
N ALA A 107 5.54 -7.81 7.46
CA ALA A 107 6.99 -7.86 7.49
C ALA A 107 7.50 -7.87 8.93
N GLU A 108 6.86 -7.07 9.77
CA GLU A 108 7.24 -7.00 11.18
C GLU A 108 6.88 -8.31 11.88
N SER A 109 5.73 -8.86 11.54
CA SER A 109 5.28 -10.11 12.13
C SER A 109 6.22 -11.26 11.77
N VAL A 110 6.72 -11.26 10.54
CA VAL A 110 7.65 -12.30 10.09
C VAL A 110 8.96 -12.17 10.84
N ASN A 111 9.33 -10.94 11.16
CA ASN A 111 10.56 -10.66 11.90
C ASN A 111 10.43 -11.12 13.35
N LYS A 112 9.20 -11.41 13.75
CA LYS A 112 8.92 -11.88 15.09
C LYS A 112 8.57 -13.36 15.07
N GLU A 113 8.76 -13.98 13.89
CA GLU A 113 8.50 -15.40 13.70
C GLU A 113 7.02 -15.73 13.91
N MET A 114 6.15 -14.81 13.54
CA MET A 114 4.72 -15.01 13.70
C MET A 114 4.08 -15.25 12.33
N GLU A 115 4.49 -16.34 11.68
CA GLU A 115 3.99 -16.69 10.36
C GLU A 115 2.50 -17.02 10.43
N VAL A 116 2.06 -17.48 11.60
CA VAL A 116 0.66 -17.84 11.80
C VAL A 116 -0.23 -16.62 11.56
N LEU A 117 0.15 -15.51 12.17
CA LEU A 117 -0.60 -14.27 12.02
C LEU A 117 -0.45 -13.72 10.61
N VAL A 118 0.77 -13.82 10.06
CA VAL A 118 1.04 -13.34 8.71
C VAL A 118 0.15 -14.04 7.70
N GLY A 119 0.10 -15.36 7.76
CA GLY A 119 -0.72 -16.14 6.85
C GLY A 119 -2.19 -15.75 6.91
N GLN A 120 -2.65 -15.43 8.12
CA GLN A 120 -4.04 -15.02 8.32
C GLN A 120 -4.30 -13.67 7.69
N VAL A 121 -3.46 -12.69 8.02
CA VAL A 121 -3.60 -11.34 7.49
C VAL A 121 -3.46 -11.34 5.96
N GLN A 122 -2.48 -12.08 5.45
CA GLN A 122 -2.26 -12.17 4.02
C GLN A 122 -3.50 -12.73 3.33
N GLU A 123 -4.08 -13.76 3.94
CA GLU A 123 -5.28 -14.39 3.41
C GLU A 123 -6.45 -13.42 3.47
N TRP A 124 -6.56 -12.71 4.59
CA TRP A 124 -7.64 -11.75 4.79
C TRP A 124 -7.59 -10.65 3.73
N MET A 125 -6.38 -10.18 3.42
CA MET A 125 -6.20 -9.14 2.41
C MET A 125 -6.74 -9.60 1.07
N VAL A 126 -6.30 -10.78 0.63
CA VAL A 126 -6.75 -11.32 -0.65
C VAL A 126 -8.23 -11.63 -0.61
N ALA A 127 -8.69 -12.21 0.50
CA ALA A 127 -10.10 -12.56 0.67
C ALA A 127 -10.98 -11.32 0.49
N TYR A 128 -10.61 -10.23 1.15
CA TYR A 128 -11.36 -8.99 1.06
C TYR A 128 -11.36 -8.47 -0.38
N LEU A 129 -10.21 -8.58 -1.01
CA LEU A 129 -10.04 -8.13 -2.39
C LEU A 129 -10.94 -8.93 -3.33
N GLU A 130 -11.13 -10.20 -3.05
CA GLU A 130 -11.94 -11.07 -3.88
C GLU A 130 -13.40 -11.09 -3.43
N THR A 131 -13.76 -10.26 -2.46
CA THR A 131 -15.12 -10.23 -1.96
C THR A 131 -15.78 -8.85 -2.12
N ARG A 132 -15.22 -7.83 -1.47
CA ARG A 132 -15.80 -6.49 -1.52
C ARG A 132 -15.05 -5.57 -2.48
N LEU A 133 -13.78 -5.85 -2.71
CA LEU A 133 -12.98 -5.01 -3.61
C LEU A 133 -12.88 -5.63 -4.99
N ALA A 134 -13.66 -6.68 -5.24
CA ALA A 134 -13.63 -7.38 -6.52
C ALA A 134 -14.10 -6.47 -7.65
N ASP A 135 -15.22 -5.80 -7.42
CA ASP A 135 -15.80 -4.88 -8.42
C ASP A 135 -14.83 -3.76 -8.77
N TRP A 136 -14.32 -3.09 -7.75
CA TRP A 136 -13.39 -1.98 -7.94
C TRP A 136 -12.11 -2.43 -8.65
N ILE A 137 -11.49 -3.49 -8.14
CA ILE A 137 -10.26 -4.02 -8.71
C ILE A 137 -10.47 -4.42 -10.17
N HIS A 138 -11.62 -5.02 -10.45
CA HIS A 138 -11.93 -5.46 -11.81
C HIS A 138 -11.97 -4.27 -12.77
N SER A 139 -12.60 -3.18 -12.33
CA SER A 139 -12.70 -1.99 -13.17
C SER A 139 -11.35 -1.30 -13.33
N SER A 140 -10.58 -1.25 -12.24
CA SER A 140 -9.27 -0.62 -12.25
C SER A 140 -8.23 -1.51 -12.95
N GLY A 141 -8.66 -2.69 -13.38
CA GLY A 141 -7.77 -3.62 -14.05
C GLY A 141 -6.65 -4.09 -13.13
N GLY A 142 -7.00 -4.39 -11.90
CA GLY A 142 -6.02 -4.83 -10.94
C GLY A 142 -5.13 -3.70 -10.49
N TRP A 143 -3.92 -3.65 -11.03
CA TRP A 143 -2.97 -2.61 -10.69
C TRP A 143 -2.73 -1.69 -11.89
N ALA A 144 -3.53 -1.88 -12.94
CA ALA A 144 -3.41 -1.08 -14.16
C ALA A 144 -3.61 0.39 -13.86
N GLU A 145 -4.75 0.73 -13.26
CA GLU A 145 -5.07 2.10 -12.91
C GLU A 145 -4.02 2.65 -11.96
N PHE A 146 -3.59 1.80 -11.02
CA PHE A 146 -2.60 2.20 -10.03
C PHE A 146 -1.31 2.68 -10.68
N THR A 147 -0.93 2.09 -11.81
CA THR A 147 0.29 2.48 -12.51
C THR A 147 0.23 3.95 -12.93
N ALA A 148 -0.96 4.38 -13.33
CA ALA A 148 -1.16 5.76 -13.76
C ALA A 148 -1.38 6.67 -12.56
N LEU A 149 -1.90 6.09 -11.48
CA LEU A 149 -2.16 6.84 -10.26
C LEU A 149 -0.90 7.49 -9.72
N TYR A 150 0.16 6.71 -9.56
CA TYR A 150 1.42 7.24 -9.06
C TYR A 150 2.28 7.79 -10.20
N GLY A 151 1.70 7.86 -11.39
CA GLY A 151 2.41 8.37 -12.55
C GLY A 151 2.81 9.82 -12.37
N ASP A 152 1.96 10.57 -11.69
CA ASP A 152 2.23 11.99 -11.44
C ASP A 152 1.49 12.45 -10.20
N GLY A 153 2.21 13.02 -9.26
CA GLY A 153 1.61 13.51 -8.05
C GLY A 153 2.16 14.87 -7.66
N ALA A 154 2.57 15.64 -8.66
CA ALA A 154 3.13 16.96 -8.39
C ALA A 154 2.77 17.96 -9.48
N LEU A 155 2.49 17.47 -10.68
CA LEU A 155 2.15 18.36 -11.80
C LEU A 155 0.64 18.37 -12.05
N GLU A 156 0.02 17.21 -11.96
CA GLU A 156 -1.41 17.09 -12.18
C GLU A 156 -2.18 17.89 -11.13
N GLU A 157 -3.09 18.75 -11.58
CA GLU A 157 -3.87 19.58 -10.67
C GLU A 157 -5.36 19.26 -10.77
N ALA A 158 -5.68 18.01 -11.04
CA ALA A 158 -7.07 17.59 -11.13
C ALA A 158 -7.49 16.97 -9.80
N ARG A 159 -6.51 16.42 -9.08
CA ARG A 159 -6.75 15.81 -7.79
C ARG A 159 -5.54 15.99 -6.88
N ARG A 160 -4.95 17.18 -6.92
CA ARG A 160 -3.77 17.46 -6.11
C ARG A 160 -4.10 18.42 -4.97
N LEU A 161 -4.14 19.72 -5.28
CA LEU A 161 -4.44 20.73 -4.27
C LEU A 161 -5.93 20.82 -4.00
N ARG A 162 -6.42 20.02 -3.07
CA ARG A 162 -7.83 20.02 -2.73
C ARG A 162 -8.02 20.32 -1.24
N GLU A 163 -8.12 19.28 -0.42
CA GLU A 163 -8.33 19.46 1.01
C GLU A 163 -7.79 18.27 1.82
N GLY A 164 -7.50 18.53 3.09
CA GLY A 164 -6.98 17.52 3.98
C GLY A 164 -6.48 18.13 5.27
N ASN A 165 -6.52 17.37 6.36
CA ASN A 165 -6.06 17.87 7.66
C ASN A 165 -4.58 18.25 7.62
N TRP A 166 -3.79 17.46 6.91
CA TRP A 166 -2.36 17.71 6.79
C TRP A 166 -2.04 18.51 5.53
N ALA A 167 -3.07 18.85 4.78
CA ALA A 167 -2.91 19.62 3.57
C ALA A 167 -2.48 21.04 3.90
N SER A 168 -1.27 21.38 3.51
CA SER A 168 -0.72 22.68 3.80
C SER A 168 -0.71 23.55 2.54
N VAL A 169 -0.53 22.91 1.39
CA VAL A 169 -0.49 23.63 0.13
C VAL A 169 -1.91 23.89 -0.36
N ARG A 170 -2.34 25.14 -0.28
CA ARG A 170 -3.67 25.53 -0.70
C ARG A 170 -3.65 26.93 -1.27
N ILE B 1 -15.45 0.69 12.39
CA ILE B 1 -15.03 0.56 13.81
C ILE B 1 -14.49 1.89 14.33
N ILE B 2 -13.52 2.44 13.61
CA ILE B 2 -12.90 3.71 14.00
C ILE B 2 -12.48 4.50 12.76
N LYS B 3 -13.46 5.16 12.14
CA LYS B 3 -13.24 5.94 10.92
C LYS B 3 -12.21 7.04 11.13
N ASN B 4 -12.20 7.65 12.31
CA ASN B 4 -11.26 8.72 12.60
C ASN B 4 -9.82 8.23 12.54
N ILE B 5 -9.56 7.05 13.11
CA ILE B 5 -8.21 6.49 13.09
C ILE B 5 -7.81 6.17 11.66
N ALA B 6 -8.76 5.62 10.90
CA ALA B 6 -8.53 5.27 9.50
C ALA B 6 -8.22 6.52 8.69
N ARG B 7 -8.97 7.59 8.95
CA ARG B 7 -8.77 8.85 8.25
C ARG B 7 -7.37 9.38 8.54
N HIS B 8 -6.89 9.14 9.74
CA HIS B 8 -5.57 9.58 10.16
C HIS B 8 -4.48 9.01 9.26
N LEU B 9 -4.40 7.70 9.19
CA LEU B 9 -3.37 7.04 8.38
C LEU B 9 -3.59 7.27 6.88
N ALA B 10 -4.83 7.18 6.43
CA ALA B 10 -5.15 7.35 5.02
C ALA B 10 -4.86 8.77 4.53
N GLN B 11 -5.28 9.76 5.28
CA GLN B 11 -5.08 11.15 4.88
C GLN B 11 -3.61 11.52 4.88
N VAL B 12 -2.85 11.01 5.85
CA VAL B 12 -1.42 11.29 5.93
C VAL B 12 -0.71 10.87 4.64
N GLY B 13 -0.87 9.60 4.27
CA GLY B 13 -0.23 9.09 3.08
C GLY B 13 -0.79 9.71 1.82
N ASP B 14 -2.10 9.94 1.80
CA ASP B 14 -2.76 10.50 0.63
C ASP B 14 -2.28 11.93 0.35
N SER B 15 -2.29 12.77 1.39
CA SER B 15 -1.87 14.16 1.24
C SER B 15 -0.38 14.28 0.94
N MET B 16 0.43 13.47 1.61
CA MET B 16 1.89 13.52 1.42
C MET B 16 2.26 13.12 0.00
N ASP B 17 1.62 12.08 -0.51
CA ASP B 17 1.89 11.61 -1.87
C ASP B 17 1.32 12.59 -2.88
N ARG B 18 0.21 13.23 -2.51
CA ARG B 18 -0.43 14.22 -3.37
C ARG B 18 0.36 15.51 -3.40
N SER B 19 1.34 15.62 -2.51
CA SER B 19 2.20 16.80 -2.40
C SER B 19 1.40 18.02 -1.96
N ILE B 20 0.46 17.81 -1.06
CA ILE B 20 -0.38 18.89 -0.56
C ILE B 20 -0.26 18.97 0.96
N ALA A 1 -7.39 -6.89 -28.57
CA ALA A 1 -6.43 -7.81 -27.92
C ALA A 1 -6.26 -7.46 -26.46
N THR A 2 -6.34 -8.44 -25.60
CA THR A 2 -6.19 -8.23 -24.16
C THR A 2 -5.26 -9.28 -23.56
N PRO A 3 -4.11 -8.85 -23.01
CA PRO A 3 -3.14 -9.77 -22.40
C PRO A 3 -3.73 -10.56 -21.24
N ALA A 4 -3.32 -11.80 -21.11
CA ALA A 4 -3.80 -12.67 -20.05
C ALA A 4 -2.77 -12.81 -18.94
N SER A 5 -3.10 -12.30 -17.76
CA SER A 5 -2.21 -12.37 -16.61
C SER A 5 -2.08 -13.81 -16.11
N ALA A 6 -0.87 -14.34 -16.21
CA ALA A 6 -0.60 -15.70 -15.79
C ALA A 6 -0.25 -15.79 -14.29
N PRO A 7 0.68 -14.96 -13.77
CA PRO A 7 1.06 -14.99 -12.34
C PRO A 7 -0.10 -14.68 -11.42
N ASP A 8 -0.27 -15.51 -10.40
CA ASP A 8 -1.34 -15.33 -9.41
C ASP A 8 -0.99 -14.20 -8.45
N THR A 9 -2.01 -13.51 -7.95
CA THR A 9 -1.81 -12.40 -7.03
C THR A 9 -1.04 -12.80 -5.77
N ARG A 10 -1.27 -14.01 -5.27
CA ARG A 10 -0.58 -14.48 -4.07
C ARG A 10 0.90 -14.73 -4.36
N ALA A 11 1.18 -15.12 -5.60
CA ALA A 11 2.55 -15.39 -6.02
C ALA A 11 3.37 -14.10 -5.99
N LEU A 12 2.71 -13.00 -6.33
CA LEU A 12 3.36 -11.69 -6.32
C LEU A 12 3.67 -11.27 -4.89
N VAL A 13 2.72 -11.52 -3.99
CA VAL A 13 2.89 -11.20 -2.58
C VAL A 13 4.05 -11.99 -2.00
N ALA A 14 4.11 -13.27 -2.36
CA ALA A 14 5.18 -14.16 -1.89
C ALA A 14 6.54 -13.66 -2.36
N ASP A 15 6.57 -13.15 -3.60
CA ASP A 15 7.81 -12.63 -4.17
C ASP A 15 8.29 -11.41 -3.39
N PHE A 16 7.35 -10.50 -3.11
CA PHE A 16 7.66 -9.28 -2.38
C PHE A 16 8.18 -9.61 -0.98
N VAL A 17 7.46 -10.47 -0.27
CA VAL A 17 7.84 -10.88 1.07
C VAL A 17 9.19 -11.59 1.06
N GLY A 18 9.34 -12.53 0.14
CA GLY A 18 10.57 -13.27 0.03
C GLY A 18 11.75 -12.37 -0.30
N TYR A 19 11.53 -11.44 -1.22
CA TYR A 19 12.56 -10.49 -1.63
C TYR A 19 12.96 -9.61 -0.45
N LYS A 20 11.96 -9.12 0.27
CA LYS A 20 12.19 -8.27 1.45
C LYS A 20 12.98 -9.03 2.52
N LEU A 21 12.69 -10.32 2.64
CA LEU A 21 13.36 -11.15 3.62
C LEU A 21 14.79 -11.48 3.17
N ARG A 22 15.01 -11.47 1.86
CA ARG A 22 16.32 -11.76 1.29
C ARG A 22 17.21 -10.51 1.28
N GLN A 23 16.61 -9.36 1.02
CA GLN A 23 17.35 -8.10 0.94
C GLN A 23 18.12 -7.79 2.22
N LYS A 24 17.56 -8.15 3.36
CA LYS A 24 18.21 -7.89 4.64
C LYS A 24 19.20 -9.00 5.00
N GLY A 25 19.68 -9.71 3.99
CA GLY A 25 20.63 -10.77 4.21
C GLY A 25 21.59 -10.92 3.06
N TYR A 26 21.03 -11.10 1.87
CA TYR A 26 21.81 -11.26 0.66
C TYR A 26 20.99 -10.81 -0.54
N VAL A 27 21.39 -9.71 -1.17
CA VAL A 27 20.67 -9.19 -2.32
C VAL A 27 20.75 -10.17 -3.50
N CYS A 28 19.59 -10.63 -3.94
CA CYS A 28 19.52 -11.56 -5.05
C CYS A 28 18.47 -11.11 -6.06
N GLY A 29 18.93 -10.64 -7.21
CA GLY A 29 18.04 -10.18 -8.24
C GLY A 29 18.77 -9.49 -9.36
N ALA A 30 18.26 -8.36 -9.80
CA ALA A 30 18.87 -7.59 -10.87
C ALA A 30 18.57 -6.12 -10.71
N GLY A 31 19.50 -5.28 -11.12
CA GLY A 31 19.31 -3.85 -11.01
C GLY A 31 18.41 -3.33 -12.12
N PRO A 32 17.24 -2.81 -11.77
CA PRO A 32 16.29 -2.29 -12.75
C PRO A 32 16.57 -0.83 -13.09
N GLY A 33 17.49 -0.61 -14.01
CA GLY A 33 17.82 0.74 -14.42
C GLY A 33 16.97 1.18 -15.59
N GLU A 34 17.55 1.18 -16.78
CA GLU A 34 16.82 1.57 -17.97
C GLU A 34 16.45 0.33 -18.76
N GLY A 35 15.17 -0.02 -18.71
CA GLY A 35 14.69 -1.19 -19.41
C GLY A 35 13.18 -1.33 -19.29
N PRO A 36 12.42 -0.66 -20.18
CA PRO A 36 10.96 -0.70 -20.17
C PRO A 36 10.43 -2.13 -20.29
N ALA A 37 9.69 -2.55 -19.28
CA ALA A 37 9.12 -3.89 -19.25
C ALA A 37 7.60 -3.82 -19.39
N ALA A 38 6.97 -4.95 -19.71
CA ALA A 38 5.53 -5.00 -19.85
C ALA A 38 4.88 -5.23 -18.50
N ASP A 39 5.68 -5.66 -17.54
CA ASP A 39 5.20 -5.92 -16.20
C ASP A 39 5.66 -4.83 -15.23
N PRO A 40 4.75 -3.91 -14.88
CA PRO A 40 5.04 -2.84 -13.95
C PRO A 40 4.58 -3.19 -12.53
N LEU A 41 4.11 -4.41 -12.36
CA LEU A 41 3.60 -4.88 -11.08
C LEU A 41 4.70 -4.93 -10.02
N HIS A 42 5.86 -5.47 -10.37
CA HIS A 42 6.96 -5.57 -9.42
C HIS A 42 7.43 -4.18 -8.99
N GLN A 43 7.54 -3.27 -9.95
CA GLN A 43 7.97 -1.91 -9.66
C GLN A 43 6.94 -1.18 -8.81
N ALA A 44 5.66 -1.35 -9.15
CA ALA A 44 4.57 -0.72 -8.40
C ALA A 44 4.53 -1.23 -6.97
N MET A 45 4.78 -2.52 -6.80
CA MET A 45 4.76 -3.13 -5.48
C MET A 45 6.00 -2.73 -4.69
N ARG A 46 7.11 -2.58 -5.40
CA ARG A 46 8.38 -2.20 -4.78
C ARG A 46 8.33 -0.75 -4.28
N ALA A 47 7.73 0.12 -5.08
CA ALA A 47 7.62 1.52 -4.72
C ALA A 47 6.28 1.83 -4.04
N ALA A 48 5.50 0.79 -3.78
CA ALA A 48 4.20 0.96 -3.13
C ALA A 48 4.33 1.74 -1.84
N GLY A 49 5.23 1.29 -0.98
CA GLY A 49 5.45 1.96 0.28
C GLY A 49 6.62 2.90 0.20
N ASP A 50 6.87 3.43 -1.00
CA ASP A 50 7.98 4.34 -1.21
C ASP A 50 7.50 5.67 -1.81
N GLU A 51 6.44 5.61 -2.61
CA GLU A 51 5.90 6.80 -3.24
C GLU A 51 5.52 7.86 -2.20
N PHE A 52 4.45 7.60 -1.46
CA PHE A 52 4.00 8.53 -0.42
C PHE A 52 5.11 8.76 0.62
N GLU A 53 5.98 7.76 0.74
CA GLU A 53 7.09 7.81 1.69
C GLU A 53 8.10 8.89 1.31
N THR A 54 8.33 9.05 0.01
CA THR A 54 9.27 10.04 -0.49
C THR A 54 8.86 11.45 -0.11
N ARG A 55 7.56 11.71 -0.11
CA ARG A 55 7.04 13.02 0.23
C ARG A 55 6.84 13.17 1.73
N PHE A 56 6.81 12.05 2.45
CA PHE A 56 6.62 12.10 3.89
C PHE A 56 7.94 12.01 4.63
N ARG A 57 8.33 10.80 5.00
CA ARG A 57 9.56 10.56 5.74
C ARG A 57 9.78 9.06 5.91
N ARG A 58 9.10 8.51 6.90
CA ARG A 58 9.16 7.08 7.20
C ARG A 58 7.87 6.64 7.86
N THR A 59 6.80 6.69 7.09
CA THR A 59 5.46 6.31 7.53
C THR A 59 5.45 4.92 8.16
N PHE A 60 6.31 4.04 7.64
CA PHE A 60 6.42 2.67 8.16
C PHE A 60 6.68 2.67 9.66
N SER A 61 7.47 3.65 10.11
CA SER A 61 7.80 3.77 11.52
C SER A 61 6.94 4.83 12.20
N ASP A 62 6.58 5.86 11.44
CA ASP A 62 5.74 6.94 11.96
C ASP A 62 4.37 6.42 12.38
N LEU A 63 3.84 5.49 11.59
CA LEU A 63 2.53 4.90 11.83
C LEU A 63 2.47 4.25 13.21
N ALA A 64 3.52 3.53 13.58
CA ALA A 64 3.58 2.86 14.87
C ALA A 64 3.51 3.87 16.02
N ALA A 65 4.13 5.03 15.80
CA ALA A 65 4.15 6.08 16.81
C ALA A 65 2.81 6.78 16.93
N GLN A 66 2.23 7.16 15.80
CA GLN A 66 0.94 7.87 15.80
C GLN A 66 -0.18 6.96 16.31
N LEU A 67 -0.07 5.66 16.02
CA LEU A 67 -1.07 4.70 16.46
C LEU A 67 -0.85 4.30 17.92
N HIS A 68 0.19 4.85 18.53
CA HIS A 68 0.48 4.57 19.92
C HIS A 68 -0.15 5.63 20.82
N VAL A 69 -0.29 6.84 20.28
CA VAL A 69 -0.89 7.94 21.02
C VAL A 69 -2.34 7.59 21.34
N THR A 70 -3.04 7.11 20.33
CA THR A 70 -4.42 6.71 20.47
C THR A 70 -4.48 5.21 20.79
N PRO A 71 -5.46 4.78 21.61
CA PRO A 71 -5.62 3.36 21.98
C PRO A 71 -5.68 2.45 20.75
N GLY A 72 -4.61 1.70 20.55
CA GLY A 72 -4.54 0.79 19.43
C GLY A 72 -4.83 -0.64 19.84
N SER A 73 -4.53 -1.59 18.96
CA SER A 73 -4.76 -3.00 19.23
C SER A 73 -3.85 -3.87 18.37
N ALA A 74 -4.31 -5.08 18.03
CA ALA A 74 -3.54 -6.01 17.23
C ALA A 74 -3.56 -5.61 15.75
N GLN A 75 -3.09 -6.51 14.89
CA GLN A 75 -3.04 -6.27 13.45
C GLN A 75 -4.43 -5.92 12.91
N GLN A 76 -5.45 -6.51 13.49
CA GLN A 76 -6.83 -6.28 13.08
C GLN A 76 -7.18 -4.78 13.13
N ARG A 77 -6.51 -4.06 14.01
CA ARG A 77 -6.73 -2.62 14.17
C ARG A 77 -6.10 -1.84 13.02
N PHE A 78 -5.25 -2.51 12.25
CA PHE A 78 -4.58 -1.87 11.12
C PHE A 78 -5.20 -2.30 9.80
N THR A 79 -5.54 -3.57 9.68
CA THR A 79 -6.13 -4.10 8.47
C THR A 79 -7.52 -3.51 8.21
N GLN A 80 -8.27 -3.29 9.28
CA GLN A 80 -9.61 -2.74 9.15
C GLN A 80 -9.62 -1.23 9.33
N VAL A 81 -8.45 -0.64 9.48
CA VAL A 81 -8.34 0.81 9.65
C VAL A 81 -8.01 1.45 8.31
N SER A 82 -7.41 0.67 7.43
CA SER A 82 -7.06 1.15 6.10
C SER A 82 -8.29 1.09 5.19
N ASP A 83 -9.01 -0.01 5.29
CA ASP A 83 -10.22 -0.22 4.49
C ASP A 83 -11.36 0.63 5.05
N GLU A 84 -11.23 1.00 6.32
CA GLU A 84 -12.23 1.82 7.00
C GLU A 84 -12.51 3.11 6.23
N LEU A 85 -11.44 3.73 5.73
CA LEU A 85 -11.58 4.98 4.99
C LEU A 85 -11.58 4.71 3.49
N PHE A 86 -11.66 3.44 3.13
CA PHE A 86 -11.70 3.03 1.73
C PHE A 86 -13.14 2.78 1.31
N GLN A 87 -13.95 2.36 2.28
CA GLN A 87 -15.36 2.07 2.05
C GLN A 87 -16.08 3.28 1.46
N GLY A 88 -15.83 4.45 2.02
CA GLY A 88 -16.44 5.66 1.53
C GLY A 88 -15.46 6.53 0.77
N GLY A 89 -14.34 5.95 0.38
CA GLY A 89 -13.34 6.71 -0.35
C GLY A 89 -12.33 5.82 -1.05
N PRO A 90 -12.69 5.24 -2.20
CA PRO A 90 -11.81 4.37 -2.97
C PRO A 90 -10.80 5.17 -3.80
N ASN A 91 -10.08 6.06 -3.12
CA ASN A 91 -9.09 6.91 -3.77
C ASN A 91 -7.84 6.12 -4.14
N TRP A 92 -7.05 6.67 -5.04
CA TRP A 92 -5.82 6.03 -5.50
C TRP A 92 -4.89 5.78 -4.33
N GLY A 93 -4.63 6.82 -3.54
CA GLY A 93 -3.75 6.69 -2.39
C GLY A 93 -4.33 5.77 -1.34
N ARG A 94 -5.66 5.71 -1.28
CA ARG A 94 -6.36 4.86 -0.33
C ARG A 94 -6.09 3.39 -0.63
N LEU A 95 -6.15 3.03 -1.90
CA LEU A 95 -5.90 1.65 -2.33
C LEU A 95 -4.45 1.30 -2.05
N VAL A 96 -3.55 2.23 -2.34
CA VAL A 96 -2.13 2.02 -2.11
C VAL A 96 -1.88 1.80 -0.61
N ALA A 97 -2.51 2.64 0.20
CA ALA A 97 -2.38 2.55 1.65
C ALA A 97 -2.89 1.21 2.16
N PHE A 98 -4.06 0.79 1.67
CA PHE A 98 -4.65 -0.48 2.08
C PHE A 98 -3.73 -1.64 1.72
N PHE A 99 -3.13 -1.57 0.54
CA PHE A 99 -2.22 -2.59 0.07
C PHE A 99 -0.91 -2.60 0.85
N VAL A 100 -0.32 -1.42 1.04
CA VAL A 100 0.94 -1.31 1.74
C VAL A 100 0.78 -1.58 3.24
N PHE A 101 -0.41 -1.29 3.78
CA PHE A 101 -0.67 -1.52 5.20
C PHE A 101 -0.50 -3.00 5.52
N GLY A 102 -1.17 -3.84 4.74
CA GLY A 102 -1.07 -5.27 4.94
C GLY A 102 0.33 -5.78 4.65
N ALA A 103 0.92 -5.28 3.58
CA ALA A 103 2.27 -5.68 3.19
C ALA A 103 3.29 -5.36 4.26
N ALA A 104 3.28 -4.12 4.74
CA ALA A 104 4.22 -3.68 5.77
C ALA A 104 4.03 -4.44 7.07
N LEU A 105 2.78 -4.56 7.50
CA LEU A 105 2.47 -5.27 8.74
C LEU A 105 2.85 -6.74 8.65
N CYS A 106 2.61 -7.35 7.49
CA CYS A 106 2.95 -8.75 7.30
C CYS A 106 4.46 -8.92 7.20
N ALA A 107 5.13 -7.99 6.53
CA ALA A 107 6.58 -8.03 6.40
C ALA A 107 7.25 -8.02 7.76
N GLU A 108 6.74 -7.15 8.64
CA GLU A 108 7.26 -7.04 10.00
C GLU A 108 7.04 -8.35 10.75
N SER A 109 5.85 -8.92 10.57
CA SER A 109 5.49 -10.17 11.23
C SER A 109 6.33 -11.32 10.70
N VAL A 110 6.52 -11.39 9.38
CA VAL A 110 7.32 -12.45 8.77
C VAL A 110 8.75 -12.38 9.30
N ASN A 111 9.27 -11.17 9.39
CA ASN A 111 10.62 -10.94 9.88
C ASN A 111 10.73 -11.33 11.36
N LYS A 112 9.61 -11.30 12.05
CA LYS A 112 9.55 -11.65 13.47
C LYS A 112 9.18 -13.12 13.64
N GLU A 113 9.20 -13.86 12.53
CA GLU A 113 8.89 -15.30 12.52
C GLU A 113 7.42 -15.57 12.87
N MET A 114 6.55 -14.60 12.63
CA MET A 114 5.14 -14.75 12.93
C MET A 114 4.34 -14.97 11.65
N GLU A 115 4.43 -16.17 11.10
CA GLU A 115 3.74 -16.51 9.88
C GLU A 115 2.25 -16.74 10.14
N VAL A 116 1.92 -17.15 11.36
CA VAL A 116 0.54 -17.40 11.74
C VAL A 116 -0.33 -16.18 11.48
N LEU A 117 0.12 -15.03 11.96
CA LEU A 117 -0.61 -13.77 11.77
C LEU A 117 -0.69 -13.43 10.29
N VAL A 118 0.43 -13.59 9.60
CA VAL A 118 0.52 -13.30 8.17
C VAL A 118 -0.50 -14.10 7.38
N GLY A 119 -0.53 -15.41 7.64
CA GLY A 119 -1.46 -16.29 6.95
C GLY A 119 -2.90 -15.86 7.10
N GLN A 120 -3.26 -15.44 8.31
CA GLN A 120 -4.62 -15.00 8.59
C GLN A 120 -4.90 -13.67 7.90
N VAL A 121 -3.99 -12.71 8.07
CA VAL A 121 -4.15 -11.39 7.45
C VAL A 121 -4.29 -11.50 5.94
N GLN A 122 -3.42 -12.28 5.31
CA GLN A 122 -3.45 -12.45 3.87
C GLN A 122 -4.76 -13.09 3.44
N GLU A 123 -5.22 -14.08 4.21
CA GLU A 123 -6.46 -14.77 3.90
C GLU A 123 -7.65 -13.81 4.00
N TRP A 124 -7.60 -12.92 5.00
CA TRP A 124 -8.66 -11.95 5.20
C TRP A 124 -8.69 -10.96 4.05
N MET A 125 -7.50 -10.52 3.63
CA MET A 125 -7.39 -9.58 2.53
C MET A 125 -7.93 -10.18 1.24
N VAL A 126 -7.49 -11.41 0.95
CA VAL A 126 -7.94 -12.12 -0.26
C VAL A 126 -9.45 -12.31 -0.24
N ALA A 127 -9.99 -12.67 0.92
CA ALA A 127 -11.42 -12.85 1.06
C ALA A 127 -12.15 -11.55 0.81
N TYR A 128 -11.70 -10.49 1.47
CA TYR A 128 -12.29 -9.16 1.35
C TYR A 128 -12.29 -8.69 -0.10
N LEU A 129 -11.19 -8.94 -0.80
CA LEU A 129 -11.04 -8.53 -2.19
C LEU A 129 -12.05 -9.23 -3.09
N GLU A 130 -12.41 -10.46 -2.74
CA GLU A 130 -13.37 -11.22 -3.53
C GLU A 130 -14.77 -11.15 -2.93
N THR A 131 -14.96 -10.29 -1.94
CA THR A 131 -16.26 -10.16 -1.30
C THR A 131 -16.82 -8.75 -1.46
N ARG A 132 -16.35 -7.81 -0.64
CA ARG A 132 -16.85 -6.45 -0.69
C ARG A 132 -16.17 -5.64 -1.79
N LEU A 133 -14.89 -5.91 -2.02
CA LEU A 133 -14.14 -5.19 -3.05
C LEU A 133 -14.21 -5.91 -4.38
N ALA A 134 -15.01 -6.97 -4.43
CA ALA A 134 -15.17 -7.78 -5.64
C ALA A 134 -15.64 -6.94 -6.83
N ASP A 135 -16.59 -6.07 -6.57
CA ASP A 135 -17.14 -5.20 -7.61
C ASP A 135 -16.12 -4.17 -8.06
N TRP A 136 -15.46 -3.55 -7.09
CA TRP A 136 -14.45 -2.52 -7.37
C TRP A 136 -13.31 -3.08 -8.22
N ILE A 137 -12.74 -4.20 -7.80
CA ILE A 137 -11.63 -4.82 -8.53
C ILE A 137 -12.08 -5.24 -9.93
N HIS A 138 -13.34 -5.60 -10.07
CA HIS A 138 -13.87 -6.02 -11.37
C HIS A 138 -14.00 -4.83 -12.32
N SER A 139 -14.55 -3.73 -11.83
CA SER A 139 -14.74 -2.54 -12.65
C SER A 139 -13.42 -1.85 -12.99
N SER A 140 -12.45 -1.97 -12.09
CA SER A 140 -11.14 -1.33 -12.30
C SER A 140 -10.18 -2.27 -13.05
N GLY A 141 -10.67 -3.46 -13.43
CA GLY A 141 -9.84 -4.42 -14.15
C GLY A 141 -8.61 -4.81 -13.36
N GLY A 142 -8.78 -5.00 -12.07
CA GLY A 142 -7.67 -5.38 -11.21
C GLY A 142 -6.73 -4.22 -10.98
N TRP A 143 -5.65 -4.19 -11.74
CA TRP A 143 -4.67 -3.11 -11.62
C TRP A 143 -4.63 -2.30 -12.91
N ALA A 144 -5.60 -2.55 -13.79
CA ALA A 144 -5.68 -1.87 -15.08
C ALA A 144 -5.66 -0.35 -14.92
N GLU A 145 -6.51 0.18 -14.06
CA GLU A 145 -6.55 1.62 -13.84
C GLU A 145 -5.53 2.03 -12.80
N PHE A 146 -5.15 1.08 -11.94
CA PHE A 146 -4.18 1.33 -10.88
C PHE A 146 -2.84 1.78 -11.44
N THR A 147 -2.41 1.13 -12.52
CA THR A 147 -1.14 1.46 -13.15
C THR A 147 -1.22 2.79 -13.90
N ALA A 148 -2.43 3.37 -13.96
CA ALA A 148 -2.63 4.64 -14.63
C ALA A 148 -2.76 5.76 -13.59
N LEU A 149 -3.02 5.37 -12.36
CA LEU A 149 -3.19 6.32 -11.27
C LEU A 149 -1.84 6.85 -10.80
N TYR A 150 -0.95 5.95 -10.40
CA TYR A 150 0.38 6.33 -9.92
C TYR A 150 1.29 6.76 -11.06
N GLY A 151 0.83 6.52 -12.29
CA GLY A 151 1.61 6.91 -13.46
C GLY A 151 1.60 8.40 -13.68
N ASP A 152 0.58 9.06 -13.13
CA ASP A 152 0.45 10.50 -13.26
C ASP A 152 0.41 11.16 -11.88
N GLY A 153 1.58 11.34 -11.30
CA GLY A 153 1.67 11.96 -9.99
C GLY A 153 2.13 13.40 -10.06
N ALA A 154 1.78 14.07 -11.15
CA ALA A 154 2.16 15.45 -11.34
C ALA A 154 0.96 16.26 -11.81
N LEU A 155 0.14 16.69 -10.85
CA LEU A 155 -1.05 17.46 -11.16
C LEU A 155 -0.71 18.87 -11.64
N GLU A 156 0.46 19.36 -11.25
CA GLU A 156 0.89 20.69 -11.64
C GLU A 156 2.42 20.80 -11.52
N GLU A 157 3.05 21.34 -12.55
CA GLU A 157 4.50 21.49 -12.56
C GLU A 157 4.87 22.96 -12.75
N ALA A 158 4.20 23.85 -12.05
CA ALA A 158 4.47 25.28 -12.14
C ALA A 158 5.10 25.80 -10.86
N ARG A 159 4.44 25.59 -9.75
CA ARG A 159 4.95 26.03 -8.45
C ARG A 159 4.94 24.90 -7.44
N ARG A 160 4.36 23.77 -7.84
CA ARG A 160 4.27 22.60 -6.97
C ARG A 160 5.67 22.09 -6.66
N LEU A 161 5.86 21.62 -5.43
CA LEU A 161 7.16 21.10 -5.00
C LEU A 161 7.50 19.84 -5.80
N ARG A 162 8.78 19.60 -6.02
CA ARG A 162 9.22 18.44 -6.79
C ARG A 162 8.93 17.14 -6.03
N GLU A 163 7.76 16.59 -6.29
CA GLU A 163 7.33 15.35 -5.67
C GLU A 163 6.41 14.58 -6.62
N GLY A 164 5.91 13.45 -6.15
CA GLY A 164 5.03 12.63 -6.98
C GLY A 164 5.79 11.64 -7.82
N ASN A 165 5.14 11.14 -8.87
CA ASN A 165 5.76 10.18 -9.77
C ASN A 165 5.43 10.55 -11.21
N TRP A 166 6.45 10.75 -12.02
CA TRP A 166 6.25 11.11 -13.42
C TRP A 166 7.54 10.93 -14.20
N ALA A 167 7.45 11.07 -15.52
CA ALA A 167 8.61 10.94 -16.39
C ALA A 167 9.49 12.17 -16.32
N SER A 168 8.97 13.24 -15.73
CA SER A 168 9.71 14.49 -15.60
C SER A 168 10.75 14.36 -14.47
N VAL A 169 11.55 15.40 -14.28
CA VAL A 169 12.56 15.38 -13.25
C VAL A 169 12.00 16.00 -11.97
N ARG A 170 11.90 15.19 -10.93
CA ARG A 170 11.38 15.65 -9.65
C ARG A 170 12.47 15.57 -8.59
N ILE B 1 -14.23 -0.32 12.65
CA ILE B 1 -13.73 -0.02 14.00
C ILE B 1 -13.93 1.45 14.34
N ILE B 2 -13.09 2.32 13.75
CA ILE B 2 -13.15 3.75 14.00
C ILE B 2 -12.79 4.52 12.74
N LYS B 3 -13.72 5.33 12.23
CA LYS B 3 -13.47 6.12 11.03
C LYS B 3 -12.52 7.27 11.31
N ASN B 4 -12.63 7.84 12.51
CA ASN B 4 -11.79 8.97 12.90
C ASN B 4 -10.30 8.65 12.80
N ILE B 5 -9.87 7.61 13.50
CA ILE B 5 -8.47 7.20 13.49
C ILE B 5 -8.06 6.78 12.09
N ALA B 6 -8.95 6.11 11.39
CA ALA B 6 -8.70 5.65 10.03
C ALA B 6 -8.43 6.82 9.10
N ARG B 7 -9.28 7.84 9.20
CA ARG B 7 -9.14 9.04 8.38
C ARG B 7 -7.79 9.70 8.60
N HIS B 8 -7.33 9.68 9.85
CA HIS B 8 -6.05 10.28 10.21
C HIS B 8 -4.90 9.63 9.43
N LEU B 9 -4.72 8.33 9.59
CA LEU B 9 -3.64 7.61 8.92
C LEU B 9 -3.83 7.58 7.41
N ALA B 10 -5.06 7.35 6.97
CA ALA B 10 -5.37 7.29 5.54
C ALA B 10 -5.04 8.60 4.84
N GLN B 11 -5.43 9.71 5.46
CA GLN B 11 -5.18 11.02 4.89
C GLN B 11 -3.69 11.35 4.87
N VAL B 12 -2.96 10.90 5.88
CA VAL B 12 -1.53 11.15 5.96
C VAL B 12 -0.82 10.63 4.71
N GLY B 13 -1.02 9.36 4.39
CA GLY B 13 -0.38 8.77 3.23
C GLY B 13 -0.97 9.25 1.92
N ASP B 14 -2.29 9.29 1.84
CA ASP B 14 -2.99 9.71 0.63
C ASP B 14 -2.65 11.15 0.23
N SER B 15 -2.89 12.08 1.14
CA SER B 15 -2.62 13.50 0.88
C SER B 15 -1.14 13.74 0.63
N MET B 16 -0.28 12.99 1.30
CA MET B 16 1.16 13.15 1.12
C MET B 16 1.57 12.74 -0.29
N ASP B 17 1.04 11.62 -0.75
CA ASP B 17 1.34 11.12 -2.09
C ASP B 17 0.87 12.12 -3.13
N ARG B 18 -0.23 12.80 -2.83
CA ARG B 18 -0.80 13.81 -3.71
C ARG B 18 0.12 15.02 -3.84
N SER B 19 1.16 15.05 -3.00
CA SER B 19 2.16 16.12 -2.99
C SER B 19 1.55 17.45 -2.52
N ILE B 20 2.33 18.52 -2.67
CA ILE B 20 1.89 19.85 -2.25
C ILE B 20 2.22 20.87 -3.33
#